data_7N6U
#
_entry.id   7N6U
#
_cell.length_a   1.00
_cell.length_b   1.00
_cell.length_c   1.00
_cell.angle_alpha   90.00
_cell.angle_beta   90.00
_cell.angle_gamma   90.00
#
_symmetry.space_group_name_H-M   'P 1'
#
loop_
_entity.id
_entity.type
_entity.pdbx_description
1 polymer 'Envelope glycoprotein gp160'
2 branched 2-acetamido-2-deoxy-beta-D-glucopyranose-(1-4)-2-acetamido-2-deoxy-beta-D-glucopyranose
3 branched beta-D-mannopyranose-(1-4)-2-acetamido-2-deoxy-beta-D-glucopyranose-(1-4)-2-acetamido-2-deoxy-beta-D-glucopyranose
4 branched alpha-D-mannopyranose-(1-2)-alpha-D-mannopyranose-(1-3)-[alpha-D-mannopyranose-(1-3)-alpha-D-mannopyranose-(1-6)]beta-D-mannopyranose-(1-4)-2-acetamido-2-deoxy-beta-D-glucopyranose-(1-4)-2-acetamido-2-deoxy-beta-D-glucopyranose
5 branched alpha-D-mannopyranose-(1-3)-beta-D-mannopyranose-(1-4)-2-acetamido-2-deoxy-beta-D-glucopyranose-(1-4)-2-acetamido-2-deoxy-beta-D-glucopyranose
6 branched 2-acetamido-2-deoxy-beta-D-glucopyranose-(1-4)-[alpha-L-fucopyranose-(1-6)]2-acetamido-2-deoxy-beta-D-glucopyranose
7 non-polymer 2-acetamido-2-deoxy-beta-D-glucopyranose
8 non-polymer 1-[(2R)-4-(benzenecarbonyl)-2-methylpiperazin-1-yl]-2-(4-methoxy-1H-pyrrolo[2,3-b]pyridin-3-yl)ethane-1,2-dione
#
_entity_poly.entity_id   1
_entity_poly.type   'polypeptide(L)'
_entity_poly.pdbx_seq_one_letter_code
;MRVKEKYQHLWRWGWRWGTMLLGMLMICSATEKLWVTVYYGVPVWKEATTTLFCASDAKAYDTEVHNVWATHACVPTDPN
PQEVVLENVTEHFNMWKNNMVEQMQEDIISLWDQSLKPCVKLTPLCVTLNCKDVNATNTTNDSEGTMERGEIKNCSFNIT
TSIRDEVQKEYALFYKLDVVPIDNNNTSYRLISCDTSVITQACPKISFEPIPIHYCAPAGFAILKCNDKTFNGKGPCKNV
STVQCTHGIRPVVSTQLLLNGSLAEEEVVIRSDNFTNNAKTIIVQLKESVEINCTRPNNNTRKSIHIGPGRAFYTTGEII
GDIRQAHCNISRAKWNDTLKQIVIKLREQFENKTIVFNHSSGGDPEIVMHSFNCGGEFFYCNSTQLFNSTWNNNTEGSNN
TEGNTITLPCRIKQIINMWQEVGKAMYAPPIRGQIRCSSNITGLLLTRDGGINENGTEIFRPGGGDMRDNWRSELYKYKV
VKIEPLGVAPTKAKRRVVQSEKSAVGIGAVFLGFLGAAGSTMGAASMTLTVQARLLLSGIVQQQNNLLRAIEAQQRMLQL
TVWGIKQLQARVLAVERYLGDQQLLGIWGCSGKLICTTAVPWNASWSNKSLDRIWNNMTWMEWEREIDNYTSEIYTLIEE
SQNQQEKNEQELLELDKWASLWNWFDITKWLWYIKIFIMIVGGLVGLRLVFTVLSIVNRVRQGYSPLSFQTLLPAPRGPD
RPEGIEEEGGERDRDRSGRLVNGSLALIWDDLRSLCLFSYHRLRDLLLIVTRIVELLGRRGWEALKYWWNLLQYWSQELK
NSAVSLLNATAIAVAEGTDRVIEVVQGACRAIRHIPRRIRQGLERILL
;
_entity_poly.pdbx_strand_id   A,B,C
#
# COMPACT_ATOMS: atom_id res chain seq x y z
N GLU A 32 3.37 53.33 -6.32
CA GLU A 32 2.57 54.18 -5.45
C GLU A 32 1.25 53.49 -5.11
N LYS A 33 0.90 53.55 -3.81
CA LYS A 33 -0.28 52.98 -3.15
C LYS A 33 -0.26 51.46 -3.08
N LEU A 34 0.84 50.83 -3.53
CA LEU A 34 1.08 49.37 -3.30
C LEU A 34 0.09 48.40 -3.96
N TRP A 35 -1.21 48.59 -3.84
CA TRP A 35 -2.18 47.78 -4.61
C TRP A 35 -2.06 46.24 -4.47
N VAL A 36 -1.24 45.66 -3.58
CA VAL A 36 -1.21 44.19 -3.49
C VAL A 36 -1.14 43.79 -2.04
N THR A 37 -2.06 42.91 -1.62
CA THR A 37 -1.92 42.25 -0.32
C THR A 37 -2.53 40.86 -0.43
N VAL A 38 -1.91 39.89 0.23
CA VAL A 38 -2.35 38.50 0.11
C VAL A 38 -3.67 38.27 0.85
N TYR A 39 -3.88 38.95 1.97
CA TYR A 39 -5.08 38.81 2.81
C TYR A 39 -5.38 37.36 3.15
N TYR A 40 -4.52 36.80 4.02
CA TYR A 40 -4.63 35.38 4.35
C TYR A 40 -5.95 35.03 5.02
N GLY A 41 -6.62 36.00 5.64
CA GLY A 41 -7.91 35.72 6.26
C GLY A 41 -9.16 35.95 5.43
N VAL A 42 -9.30 35.28 4.29
CA VAL A 42 -10.44 35.51 3.39
C VAL A 42 -11.19 34.21 3.12
N PRO A 43 -12.50 34.18 3.36
CA PRO A 43 -13.25 32.93 3.19
C PRO A 43 -13.90 32.74 1.82
N VAL A 44 -13.13 32.65 0.75
CA VAL A 44 -13.70 32.51 -0.58
C VAL A 44 -13.21 31.18 -1.17
N TRP A 45 -14.15 30.47 -1.77
CA TRP A 45 -14.04 29.05 -2.07
C TRP A 45 -13.79 28.83 -3.55
N LYS A 46 -13.51 27.58 -3.92
CA LYS A 46 -13.42 27.18 -5.32
C LYS A 46 -14.24 25.92 -5.50
N GLU A 47 -15.10 25.93 -6.51
CA GLU A 47 -16.06 24.85 -6.71
C GLU A 47 -15.37 23.61 -7.27
N ALA A 48 -14.64 22.89 -6.42
CA ALA A 48 -13.80 21.80 -6.92
C ALA A 48 -14.02 20.55 -6.10
N THR A 49 -13.98 19.41 -6.77
CA THR A 49 -14.06 18.13 -6.09
C THR A 49 -12.74 17.80 -5.41
N THR A 50 -12.80 16.88 -4.45
CA THR A 50 -11.61 16.35 -3.80
C THR A 50 -11.96 14.92 -3.41
N THR A 51 -11.19 14.34 -2.50
CA THR A 51 -11.57 13.07 -1.92
C THR A 51 -12.16 13.28 -0.54
N LEU A 52 -13.34 12.69 -0.32
CA LEU A 52 -14.04 12.76 0.95
C LEU A 52 -13.30 11.96 2.02
N PHE A 53 -13.74 12.11 3.26
CA PHE A 53 -13.24 11.33 4.38
C PHE A 53 -14.38 10.58 5.04
N CYS A 54 -14.17 9.28 5.24
CA CYS A 54 -15.21 8.39 5.72
C CYS A 54 -15.26 8.40 7.23
N ALA A 55 -16.40 8.00 7.79
CA ALA A 55 -16.58 7.97 9.24
C ALA A 55 -17.70 7.00 9.59
N SER A 56 -17.79 6.71 10.89
CA SER A 56 -18.85 5.84 11.42
C SER A 56 -19.31 6.36 12.77
N ASP A 57 -20.25 5.63 13.36
CA ASP A 57 -20.74 5.91 14.70
C ASP A 57 -20.99 4.61 15.45
N ALA A 58 -20.05 3.67 15.38
CA ALA A 58 -20.25 2.37 16.01
C ALA A 58 -19.98 2.38 17.50
N LYS A 59 -19.79 3.55 18.11
CA LYS A 59 -19.58 3.63 19.56
C LYS A 59 -20.84 3.28 20.33
N ALA A 60 -22.00 3.36 19.69
CA ALA A 60 -23.23 2.92 20.30
C ALA A 60 -23.50 1.43 20.10
N TYR A 61 -22.75 0.77 19.21
CA TYR A 61 -23.04 -0.61 18.87
C TYR A 61 -21.90 -1.56 19.24
N ASP A 62 -20.72 -1.38 18.63
CA ASP A 62 -19.53 -2.22 18.84
C ASP A 62 -19.79 -3.71 18.67
N THR A 63 -20.63 -4.06 17.70
CA THR A 63 -20.88 -5.46 17.41
C THR A 63 -19.69 -6.04 16.66
N GLU A 64 -19.26 -7.23 17.06
CA GLU A 64 -18.12 -7.85 16.41
C GLU A 64 -18.48 -8.40 15.04
N VAL A 65 -19.75 -8.68 14.79
CA VAL A 65 -20.19 -8.82 13.41
C VAL A 65 -20.03 -7.48 12.73
N HIS A 66 -19.48 -7.51 11.52
CA HIS A 66 -18.76 -6.33 11.06
C HIS A 66 -19.56 -5.39 10.18
N ASN A 67 -20.77 -5.78 9.74
CA ASN A 67 -21.67 -4.88 9.01
C ASN A 67 -21.08 -4.32 7.75
N VAL A 68 -21.12 -5.11 6.67
CA VAL A 68 -20.37 -5.04 5.41
C VAL A 68 -20.13 -3.63 4.87
N TRP A 69 -21.03 -2.69 5.15
CA TRP A 69 -20.68 -1.29 4.94
C TRP A 69 -19.67 -0.81 5.98
N ALA A 70 -20.01 -0.96 7.27
CA ALA A 70 -19.28 -0.28 8.34
C ALA A 70 -17.89 -0.83 8.50
N THR A 71 -17.73 -2.15 8.28
CA THR A 71 -16.44 -2.86 8.28
C THR A 71 -15.64 -2.63 9.56
N HIS A 72 -16.29 -2.81 10.71
CA HIS A 72 -15.71 -2.60 12.04
C HIS A 72 -15.19 -1.17 12.23
N ALA A 73 -16.11 -0.19 12.23
CA ALA A 73 -15.91 1.10 12.89
C ALA A 73 -14.80 2.00 12.36
N CYS A 74 -15.04 2.66 11.22
CA CYS A 74 -14.17 3.63 10.56
C CYS A 74 -13.40 4.53 11.49
N VAL A 75 -14.11 5.34 12.27
CA VAL A 75 -13.53 6.31 13.21
C VAL A 75 -14.70 6.72 14.10
N PRO A 76 -14.50 7.00 15.38
CA PRO A 76 -15.60 7.50 16.21
C PRO A 76 -16.04 8.87 15.75
N THR A 77 -17.34 9.07 15.71
CA THR A 77 -17.89 10.31 15.23
C THR A 77 -17.65 11.43 16.23
N ASP A 78 -17.86 12.62 15.78
CA ASP A 78 -17.80 13.78 16.64
C ASP A 78 -18.96 13.78 17.63
N PRO A 79 -18.75 14.34 18.80
CA PRO A 79 -19.88 14.49 19.73
C PRO A 79 -20.84 15.58 19.29
N ASN A 80 -20.32 16.68 18.76
CA ASN A 80 -21.19 17.78 18.40
C ASN A 80 -20.64 18.57 17.22
N PRO A 81 -21.23 18.43 16.03
CA PRO A 81 -20.84 19.27 14.91
C PRO A 81 -21.46 20.67 15.02
N GLN A 82 -20.96 21.58 14.19
CA GLN A 82 -21.35 22.98 14.26
C GLN A 82 -21.66 23.52 12.87
N GLU A 83 -22.60 24.48 12.83
CA GLU A 83 -23.03 25.09 11.58
C GLU A 83 -23.35 26.55 11.86
N VAL A 84 -23.19 27.39 10.83
CA VAL A 84 -23.68 28.75 10.86
C VAL A 84 -24.36 29.03 9.53
N VAL A 85 -25.57 29.56 9.58
CA VAL A 85 -26.29 29.96 8.38
C VAL A 85 -25.56 31.12 7.71
N LEU A 86 -25.49 31.07 6.39
CA LEU A 86 -24.71 32.02 5.60
C LEU A 86 -25.72 32.67 4.66
N GLU A 87 -26.33 33.75 5.13
CA GLU A 87 -27.63 34.14 4.62
C GLU A 87 -27.59 34.74 3.22
N ASN A 88 -26.47 35.33 2.80
CA ASN A 88 -26.52 36.12 1.59
C ASN A 88 -26.01 35.34 0.39
N VAL A 89 -25.24 34.29 0.63
CA VAL A 89 -24.71 33.51 -0.49
C VAL A 89 -25.84 32.64 -1.05
N THR A 90 -25.97 32.61 -2.37
CA THR A 90 -27.08 32.00 -3.08
C THR A 90 -26.60 31.17 -4.27
N GLU A 91 -25.64 30.29 -4.05
CA GLU A 91 -25.01 29.60 -5.17
C GLU A 91 -25.89 28.52 -5.76
N HIS A 92 -25.91 28.43 -7.08
CA HIS A 92 -26.53 27.31 -7.78
C HIS A 92 -25.81 25.99 -7.50
N PHE A 93 -26.58 24.93 -7.28
CA PHE A 93 -26.03 23.59 -7.10
C PHE A 93 -26.77 22.65 -8.03
N ASN A 94 -26.17 22.34 -9.17
CA ASN A 94 -26.72 21.27 -9.98
C ASN A 94 -26.45 19.96 -9.25
N MET A 95 -27.51 19.37 -8.73
CA MET A 95 -27.33 18.07 -8.11
C MET A 95 -27.21 16.96 -9.13
N TRP A 96 -27.33 17.24 -10.41
CA TRP A 96 -26.95 16.28 -11.43
C TRP A 96 -25.53 16.51 -11.92
N LYS A 97 -24.74 17.32 -11.23
CA LYS A 97 -23.32 17.41 -11.50
C LYS A 97 -22.47 17.21 -10.26
N ASN A 98 -23.06 16.73 -9.17
CA ASN A 98 -22.31 16.58 -7.93
C ASN A 98 -21.42 15.35 -8.00
N ASN A 99 -20.13 15.55 -7.70
CA ASN A 99 -19.17 14.46 -7.82
C ASN A 99 -19.30 13.47 -6.67
N MET A 100 -19.93 13.87 -5.56
CA MET A 100 -20.10 12.94 -4.46
C MET A 100 -21.03 11.81 -4.82
N VAL A 101 -21.90 12.03 -5.80
CA VAL A 101 -22.70 10.95 -6.37
C VAL A 101 -21.80 9.86 -6.91
N GLU A 102 -20.89 10.23 -7.81
CA GLU A 102 -20.12 9.22 -8.51
C GLU A 102 -19.00 8.69 -7.64
N GLN A 103 -18.48 9.51 -6.74
CA GLN A 103 -17.33 9.08 -5.95
C GLN A 103 -17.73 7.99 -4.99
N MET A 104 -18.89 8.12 -4.38
CA MET A 104 -19.31 7.05 -3.50
C MET A 104 -19.87 5.89 -4.29
N GLN A 105 -20.26 6.12 -5.55
CA GLN A 105 -20.82 5.06 -6.37
C GLN A 105 -19.80 3.95 -6.61
N GLU A 106 -18.55 4.33 -6.82
CA GLU A 106 -17.50 3.33 -6.88
C GLU A 106 -17.23 2.75 -5.50
N ASP A 107 -17.38 3.58 -4.46
CA ASP A 107 -16.95 3.21 -3.11
C ASP A 107 -17.78 2.06 -2.57
N ILE A 108 -19.10 2.14 -2.72
CA ILE A 108 -19.97 1.13 -2.16
C ILE A 108 -19.77 -0.19 -2.89
N ILE A 109 -19.65 -0.12 -4.22
CA ILE A 109 -19.39 -1.30 -5.02
C ILE A 109 -18.06 -1.93 -4.63
N SER A 110 -17.05 -1.09 -4.42
CA SER A 110 -15.75 -1.59 -3.97
C SER A 110 -15.84 -2.15 -2.56
N LEU A 111 -16.59 -1.48 -1.68
CA LEU A 111 -16.86 -2.03 -0.37
C LEU A 111 -17.63 -3.34 -0.49
N TRP A 112 -18.54 -3.42 -1.44
CA TRP A 112 -19.15 -4.70 -1.74
C TRP A 112 -18.14 -5.65 -2.36
N ASP A 113 -17.20 -5.11 -3.12
CA ASP A 113 -16.26 -5.97 -3.83
C ASP A 113 -15.26 -6.57 -2.87
N GLN A 114 -14.74 -5.75 -1.96
CA GLN A 114 -13.72 -6.22 -1.01
C GLN A 114 -14.27 -7.28 -0.10
N SER A 115 -15.42 -7.01 0.51
CA SER A 115 -15.96 -7.89 1.52
C SER A 115 -16.53 -9.16 0.90
N LEU A 116 -16.71 -9.18 -0.42
CA LEU A 116 -17.00 -10.46 -1.06
C LEU A 116 -15.77 -11.33 -1.06
N LYS A 117 -14.68 -10.82 -1.64
CA LYS A 117 -13.45 -11.50 -2.09
C LYS A 117 -12.92 -12.65 -1.24
N PRO A 118 -12.74 -12.54 0.10
CA PRO A 118 -12.09 -13.65 0.81
C PRO A 118 -12.98 -14.85 0.97
N CYS A 119 -14.27 -14.70 0.75
CA CYS A 119 -15.21 -15.75 1.07
C CYS A 119 -15.47 -16.58 -0.19
N VAL A 120 -15.71 -17.88 0.04
CA VAL A 120 -15.52 -18.88 -0.99
C VAL A 120 -16.66 -18.83 -2.02
N LYS A 121 -16.41 -19.37 -3.21
CA LYS A 121 -17.28 -19.20 -4.37
C LYS A 121 -17.77 -20.53 -4.92
N LEU A 122 -18.92 -20.49 -5.59
CA LEU A 122 -19.58 -21.68 -6.10
C LEU A 122 -19.12 -22.07 -7.48
N THR A 123 -17.84 -22.29 -7.65
CA THR A 123 -17.36 -22.62 -8.99
C THR A 123 -17.75 -24.03 -9.45
N PRO A 124 -17.50 -25.14 -8.68
CA PRO A 124 -17.88 -26.44 -9.23
C PRO A 124 -19.37 -26.66 -9.15
N LEU A 125 -20.03 -26.02 -8.20
CA LEU A 125 -21.49 -26.14 -8.09
C LEU A 125 -22.10 -25.27 -9.18
N CYS A 126 -22.12 -25.82 -10.39
CA CYS A 126 -22.82 -25.19 -11.50
C CYS A 126 -23.47 -26.26 -12.34
N VAL A 127 -23.60 -27.47 -11.81
CA VAL A 127 -24.06 -28.59 -12.59
C VAL A 127 -25.57 -28.49 -12.78
N THR A 128 -26.01 -28.86 -13.99
CA THR A 128 -27.43 -29.01 -14.26
C THR A 128 -28.05 -30.04 -13.34
N LEU A 129 -29.30 -29.79 -12.95
CA LEU A 129 -29.89 -30.46 -11.81
C LEU A 129 -31.33 -30.83 -12.09
N ASN A 130 -31.76 -31.95 -11.52
CA ASN A 130 -33.16 -32.32 -11.46
C ASN A 130 -33.76 -31.64 -10.24
N CYS A 131 -35.04 -31.30 -10.32
CA CYS A 131 -35.67 -30.60 -9.23
C CYS A 131 -37.18 -30.79 -9.29
N LYS A 132 -37.77 -31.09 -8.13
CA LYS A 132 -39.21 -31.25 -8.01
C LYS A 132 -39.71 -30.22 -7.01
N ASP A 133 -41.01 -29.94 -7.07
CA ASP A 133 -41.59 -28.95 -6.17
C ASP A 133 -41.76 -29.52 -4.77
N VAL A 134 -42.13 -28.64 -3.84
CA VAL A 134 -42.50 -29.05 -2.49
C VAL A 134 -43.96 -29.49 -2.55
N ASN A 135 -44.45 -30.12 -1.48
CA ASN A 135 -45.82 -30.64 -1.37
C ASN A 135 -46.89 -29.59 -1.61
N ALA A 136 -46.61 -28.35 -1.28
CA ALA A 136 -47.53 -27.27 -1.61
C ALA A 136 -47.34 -26.85 -3.07
N GLU A 148 -47.54 -20.69 -2.31
CA GLU A 148 -48.08 -21.94 -2.81
C GLU A 148 -47.94 -22.03 -4.32
N ARG A 149 -48.86 -22.79 -4.93
CA ARG A 149 -49.00 -22.94 -6.39
C ARG A 149 -47.75 -23.56 -7.00
N GLY A 150 -47.08 -24.40 -6.23
CA GLY A 150 -45.80 -24.94 -6.68
C GLY A 150 -44.69 -23.92 -6.72
N GLU A 151 -44.53 -23.15 -5.64
CA GLU A 151 -43.44 -22.17 -5.62
C GLU A 151 -42.13 -22.81 -5.21
N ILE A 152 -42.07 -23.36 -4.00
CA ILE A 152 -40.82 -23.86 -3.44
C ILE A 152 -40.50 -25.23 -4.05
N LYS A 153 -39.25 -25.40 -4.50
CA LYS A 153 -38.87 -26.60 -5.22
C LYS A 153 -37.65 -27.25 -4.59
N ASN A 154 -37.78 -28.56 -4.30
CA ASN A 154 -36.69 -29.39 -3.70
C ASN A 154 -35.90 -30.06 -4.82
N CYS A 155 -34.65 -29.64 -5.01
CA CYS A 155 -33.78 -30.17 -6.08
C CYS A 155 -32.82 -31.25 -5.57
N SER A 156 -32.48 -32.19 -6.47
CA SER A 156 -31.55 -33.31 -6.20
C SER A 156 -30.50 -33.30 -7.30
N PHE A 157 -29.23 -33.53 -6.98
CA PHE A 157 -28.21 -33.40 -8.07
C PHE A 157 -26.92 -34.14 -7.75
N ASN A 158 -26.22 -34.61 -8.78
CA ASN A 158 -24.90 -35.20 -8.57
C ASN A 158 -23.85 -34.10 -8.55
N ILE A 159 -22.84 -34.28 -7.71
CA ILE A 159 -21.72 -33.34 -7.60
C ILE A 159 -20.53 -34.05 -6.95
N THR A 160 -19.35 -33.86 -7.52
CA THR A 160 -18.10 -34.28 -6.88
C THR A 160 -17.58 -33.11 -6.07
N THR A 161 -18.12 -32.98 -4.86
CA THR A 161 -17.80 -31.91 -3.94
C THR A 161 -16.33 -31.95 -3.51
N SER A 162 -15.96 -33.01 -2.82
CA SER A 162 -14.60 -33.21 -2.40
C SER A 162 -13.76 -33.72 -3.56
N ILE A 163 -12.46 -33.90 -3.31
CA ILE A 163 -11.57 -34.48 -4.31
C ILE A 163 -11.50 -35.97 -3.96
N ARG A 164 -12.18 -36.33 -2.87
CA ARG A 164 -12.35 -37.68 -2.40
C ARG A 164 -13.44 -38.44 -3.14
N ASP A 165 -13.83 -37.95 -4.33
CA ASP A 165 -14.62 -38.68 -5.33
C ASP A 165 -16.04 -38.94 -4.83
N GLU A 166 -16.69 -37.91 -4.32
CA GLU A 166 -18.02 -38.04 -3.72
C GLU A 166 -19.12 -37.94 -4.77
N VAL A 167 -20.11 -38.81 -4.65
CA VAL A 167 -21.34 -38.73 -5.45
C VAL A 167 -22.52 -39.08 -4.54
N GLN A 168 -23.56 -38.24 -4.58
CA GLN A 168 -24.80 -38.46 -3.83
C GLN A 168 -25.88 -37.51 -4.32
N LYS A 169 -27.14 -37.96 -4.32
CA LYS A 169 -28.28 -37.11 -4.62
C LYS A 169 -28.48 -36.12 -3.49
N GLU A 170 -27.93 -34.91 -3.60
CA GLU A 170 -27.88 -33.99 -2.48
C GLU A 170 -29.12 -33.12 -2.46
N TYR A 171 -29.65 -32.88 -1.26
CA TYR A 171 -30.83 -32.04 -1.09
C TYR A 171 -30.52 -30.58 -1.39
N ALA A 172 -31.48 -29.90 -1.99
CA ALA A 172 -31.37 -28.49 -2.28
C ALA A 172 -32.78 -27.94 -2.44
N LEU A 173 -33.09 -26.89 -1.69
CA LEU A 173 -34.42 -26.33 -1.69
C LEU A 173 -34.37 -24.95 -2.34
N PHE A 174 -35.20 -24.75 -3.36
CA PHE A 174 -35.22 -23.48 -4.05
C PHE A 174 -36.65 -23.15 -4.45
N TYR A 175 -36.75 -22.18 -5.34
CA TYR A 175 -38.02 -21.73 -5.90
C TYR A 175 -37.75 -21.15 -7.28
N LYS A 176 -38.83 -20.75 -7.95
CA LYS A 176 -38.76 -20.60 -9.40
C LYS A 176 -38.15 -19.28 -9.84
N LEU A 177 -37.50 -18.55 -8.95
CA LEU A 177 -36.93 -17.27 -9.34
C LEU A 177 -35.44 -17.33 -9.54
N ASP A 178 -34.82 -18.49 -9.38
CA ASP A 178 -33.39 -18.64 -9.60
C ASP A 178 -33.07 -19.78 -10.55
N VAL A 179 -34.07 -20.51 -11.00
CA VAL A 179 -33.87 -21.70 -11.80
C VAL A 179 -34.45 -21.45 -13.18
N VAL A 180 -33.61 -21.59 -14.21
CA VAL A 180 -34.11 -21.58 -15.58
C VAL A 180 -34.26 -23.04 -16.00
N PRO A 181 -35.29 -23.40 -16.75
CA PRO A 181 -35.38 -24.76 -17.27
C PRO A 181 -34.63 -24.92 -18.57
N ILE A 182 -34.21 -26.16 -18.83
CA ILE A 182 -33.50 -26.51 -20.04
C ILE A 182 -34.29 -27.58 -20.77
N ASP A 183 -34.51 -27.35 -22.08
CA ASP A 183 -35.01 -28.28 -23.08
C ASP A 183 -36.50 -28.62 -22.96
N ASN A 184 -37.12 -28.22 -21.85
CA ASN A 184 -38.53 -28.49 -21.52
C ASN A 184 -38.78 -27.76 -20.20
N ASN A 185 -40.06 -27.55 -19.89
CA ASN A 185 -40.44 -26.98 -18.61
C ASN A 185 -40.12 -27.95 -17.47
N ASN A 186 -40.35 -29.24 -17.68
CA ASN A 186 -40.33 -30.20 -16.59
C ASN A 186 -39.12 -31.14 -16.57
N THR A 187 -38.30 -31.13 -17.63
CA THR A 187 -37.22 -32.10 -17.69
C THR A 187 -35.99 -31.63 -16.92
N SER A 188 -35.37 -30.52 -17.35
CA SER A 188 -34.06 -30.13 -16.84
C SER A 188 -34.13 -28.77 -16.20
N TYR A 189 -33.18 -28.51 -15.31
CA TYR A 189 -33.16 -27.30 -14.52
C TYR A 189 -31.73 -26.90 -14.25
N ARG A 190 -31.48 -25.60 -14.20
CA ARG A 190 -30.16 -25.06 -13.93
C ARG A 190 -30.36 -23.64 -13.42
N LEU A 191 -29.33 -23.10 -12.77
CA LEU A 191 -29.35 -21.72 -12.30
C LEU A 191 -29.57 -20.75 -13.43
N ILE A 192 -30.31 -19.67 -13.15
CA ILE A 192 -30.52 -18.64 -14.16
C ILE A 192 -29.22 -17.91 -14.47
N SER A 193 -28.29 -17.88 -13.52
CA SER A 193 -26.95 -17.42 -13.81
C SER A 193 -26.04 -18.64 -13.91
N CYS A 194 -24.73 -18.37 -13.94
CA CYS A 194 -23.59 -19.30 -13.96
C CYS A 194 -23.43 -19.98 -15.31
N ASP A 195 -24.40 -19.78 -16.21
CA ASP A 195 -24.15 -20.03 -17.61
C ASP A 195 -23.21 -18.99 -18.19
N THR A 196 -23.27 -17.78 -17.68
CA THR A 196 -22.33 -16.73 -18.04
C THR A 196 -21.57 -16.20 -16.85
N SER A 197 -22.27 -15.85 -15.78
CA SER A 197 -21.69 -14.99 -14.76
C SER A 197 -20.83 -15.79 -13.80
N VAL A 198 -20.41 -15.14 -12.72
CA VAL A 198 -19.65 -15.76 -11.64
C VAL A 198 -20.41 -15.58 -10.34
N ILE A 199 -20.67 -16.66 -9.64
CA ILE A 199 -21.47 -16.65 -8.43
C ILE A 199 -20.62 -17.00 -7.22
N THR A 200 -20.90 -16.35 -6.10
CA THR A 200 -20.09 -16.51 -4.89
C THR A 200 -20.99 -16.46 -3.66
N GLN A 201 -20.84 -17.44 -2.78
CA GLN A 201 -21.52 -17.44 -1.49
C GLN A 201 -20.82 -16.46 -0.58
N ALA A 202 -21.53 -15.42 -0.18
CA ALA A 202 -20.99 -14.52 0.82
C ALA A 202 -20.94 -15.23 2.15
N CYS A 203 -19.92 -14.92 2.93
CA CYS A 203 -19.71 -15.60 4.19
C CYS A 203 -20.71 -15.10 5.24
N PRO A 204 -21.25 -16.01 6.05
CA PRO A 204 -22.48 -15.68 6.81
C PRO A 204 -22.26 -14.76 7.98
N LYS A 205 -21.01 -14.49 8.34
CA LYS A 205 -20.74 -13.87 9.63
C LYS A 205 -21.12 -12.40 9.64
N ILE A 206 -20.95 -11.73 8.53
CA ILE A 206 -21.19 -10.30 8.47
C ILE A 206 -22.69 -10.10 8.32
N SER A 207 -23.18 -8.92 8.71
CA SER A 207 -24.61 -8.65 8.68
C SER A 207 -24.95 -7.57 7.67
N PHE A 208 -26.15 -7.66 7.13
CA PHE A 208 -26.66 -6.71 6.14
C PHE A 208 -27.48 -5.62 6.80
N GLU A 209 -26.92 -4.98 7.81
CA GLU A 209 -27.64 -3.93 8.49
C GLU A 209 -27.01 -2.59 8.19
N PRO A 210 -27.72 -1.72 7.48
CA PRO A 210 -27.15 -0.42 7.15
C PRO A 210 -26.96 0.44 8.39
N ILE A 211 -25.83 1.11 8.45
CA ILE A 211 -25.47 1.86 9.63
C ILE A 211 -25.49 3.34 9.28
N PRO A 212 -26.05 4.19 10.12
CA PRO A 212 -26.01 5.64 9.87
C PRO A 212 -24.58 6.14 9.98
N ILE A 213 -24.02 6.58 8.85
CA ILE A 213 -22.63 7.00 8.80
C ILE A 213 -22.61 8.49 8.55
N HIS A 214 -21.40 9.02 8.48
CA HIS A 214 -21.15 10.40 8.11
C HIS A 214 -20.08 10.41 7.04
N TYR A 215 -20.44 10.82 5.84
CA TYR A 215 -19.39 11.31 4.96
C TYR A 215 -18.90 12.64 5.53
N CYS A 216 -17.62 12.92 5.35
CA CYS A 216 -17.08 14.07 6.02
C CYS A 216 -15.91 14.59 5.21
N ALA A 217 -15.60 15.86 5.41
CA ALA A 217 -14.48 16.31 4.60
C ALA A 217 -13.19 16.19 5.41
N PRO A 218 -12.08 15.89 4.74
CA PRO A 218 -10.79 15.77 5.46
C PRO A 218 -10.33 17.03 6.17
N ALA A 219 -10.03 18.09 5.44
CA ALA A 219 -9.43 19.26 6.05
C ALA A 219 -9.43 20.40 5.04
N GLY A 220 -9.50 21.63 5.54
CA GLY A 220 -9.39 22.79 4.68
C GLY A 220 -10.66 23.01 3.89
N PHE A 221 -10.88 22.17 2.88
CA PHE A 221 -12.08 22.25 2.08
C PHE A 221 -13.26 21.65 2.82
N ALA A 222 -14.45 22.23 2.59
CA ALA A 222 -15.62 21.96 3.42
C ALA A 222 -16.82 21.53 2.56
N ILE A 223 -18.00 21.48 3.22
CA ILE A 223 -19.24 20.97 2.64
C ILE A 223 -20.35 21.97 2.92
N LEU A 224 -21.16 22.24 1.90
CA LEU A 224 -22.25 23.20 1.96
C LEU A 224 -23.59 22.50 2.14
N LYS A 225 -24.58 23.24 2.64
CA LYS A 225 -25.91 22.69 2.92
C LYS A 225 -27.02 23.65 2.51
N CYS A 226 -27.98 23.15 1.74
CA CYS A 226 -29.13 23.91 1.25
C CYS A 226 -30.36 23.63 2.12
N ASN A 227 -30.80 24.61 2.90
CA ASN A 227 -31.92 24.35 3.81
C ASN A 227 -33.26 24.85 3.30
N ASP A 228 -33.30 25.87 2.44
CA ASP A 228 -34.60 26.35 1.99
C ASP A 228 -35.24 25.33 1.06
N LYS A 229 -36.57 25.28 1.13
CA LYS A 229 -37.31 24.18 0.55
C LYS A 229 -37.54 24.47 -0.92
N THR A 230 -38.20 23.52 -1.59
CA THR A 230 -38.61 23.60 -3.00
C THR A 230 -37.43 23.84 -3.93
N PHE A 231 -36.28 23.30 -3.55
CA PHE A 231 -35.10 23.37 -4.40
C PHE A 231 -35.15 22.14 -5.30
N ASN A 232 -35.60 22.34 -6.54
CA ASN A 232 -35.85 21.22 -7.44
C ASN A 232 -34.58 20.54 -7.92
N GLY A 233 -33.42 21.16 -7.74
CA GLY A 233 -32.16 20.53 -8.05
C GLY A 233 -31.41 21.12 -9.22
N LYS A 234 -31.95 22.15 -9.86
CA LYS A 234 -31.35 22.74 -11.06
C LYS A 234 -31.21 24.24 -10.92
N GLY A 235 -31.55 24.78 -9.76
CA GLY A 235 -31.58 26.21 -9.62
C GLY A 235 -30.55 26.68 -8.63
N PRO A 236 -30.68 27.91 -8.19
CA PRO A 236 -29.99 28.33 -6.97
C PRO A 236 -30.82 27.97 -5.74
N CYS A 237 -30.17 28.03 -4.59
CA CYS A 237 -30.82 27.74 -3.33
C CYS A 237 -30.49 28.85 -2.34
N LYS A 238 -31.28 28.91 -1.27
CA LYS A 238 -31.10 29.91 -0.23
C LYS A 238 -31.13 29.23 1.13
N ASN A 239 -30.98 30.03 2.19
CA ASN A 239 -30.87 29.55 3.58
C ASN A 239 -29.77 28.50 3.68
N VAL A 240 -28.56 28.92 3.39
CA VAL A 240 -27.45 28.02 3.16
C VAL A 240 -26.48 28.08 4.33
N SER A 241 -26.16 26.93 4.90
CA SER A 241 -25.14 26.82 5.92
C SER A 241 -24.08 25.82 5.47
N THR A 242 -23.02 25.71 6.26
CA THR A 242 -21.97 24.75 6.01
C THR A 242 -21.81 23.82 7.20
N VAL A 243 -21.13 22.70 6.94
CA VAL A 243 -20.99 21.65 7.93
C VAL A 243 -19.77 20.82 7.54
N GLN A 244 -19.21 20.13 8.52
CA GLN A 244 -18.00 19.34 8.25
C GLN A 244 -18.37 17.94 7.81
N CYS A 245 -19.14 17.22 8.61
CA CYS A 245 -19.65 15.92 8.24
C CYS A 245 -21.11 16.09 7.88
N THR A 246 -21.62 15.23 6.99
CA THR A 246 -22.92 15.49 6.38
C THR A 246 -24.11 15.45 7.33
N HIS A 247 -24.53 14.24 7.68
CA HIS A 247 -25.53 13.88 8.68
C HIS A 247 -25.58 12.37 8.64
N GLY A 248 -26.49 11.79 9.40
CA GLY A 248 -26.66 10.36 9.34
C GLY A 248 -27.17 9.90 7.99
N ILE A 249 -26.29 9.32 7.19
CA ILE A 249 -26.63 8.82 5.86
C ILE A 249 -26.85 7.33 6.00
N ARG A 250 -27.83 6.80 5.30
CA ARG A 250 -28.03 5.37 5.41
C ARG A 250 -27.98 4.72 4.05
N PRO A 251 -27.03 3.87 3.78
CA PRO A 251 -26.92 3.25 2.46
C PRO A 251 -27.91 2.12 2.23
N VAL A 252 -29.13 2.47 1.88
CA VAL A 252 -30.14 1.48 1.55
C VAL A 252 -30.17 1.29 0.05
N VAL A 253 -30.65 0.13 -0.39
CA VAL A 253 -30.38 -0.31 -1.75
C VAL A 253 -31.63 -0.72 -2.50
N SER A 254 -32.78 -0.75 -1.81
CA SER A 254 -33.99 -1.27 -2.42
C SER A 254 -34.49 -0.32 -3.50
N THR A 255 -35.21 -0.88 -4.46
CA THR A 255 -35.69 -0.10 -5.59
C THR A 255 -37.20 -0.08 -5.63
N GLN A 256 -37.71 0.75 -6.55
CA GLN A 256 -39.11 1.12 -6.84
C GLN A 256 -39.73 2.02 -5.78
N LEU A 257 -39.05 2.19 -4.65
CA LEU A 257 -39.50 3.06 -3.58
C LEU A 257 -38.28 3.63 -2.89
N LEU A 258 -38.51 4.51 -1.93
CA LEU A 258 -37.43 4.97 -1.07
C LEU A 258 -37.84 4.83 0.37
N LEU A 259 -36.97 4.17 1.16
CA LEU A 259 -37.32 3.88 2.59
C LEU A 259 -36.21 4.35 3.53
N ASN A 260 -36.56 4.65 4.79
CA ASN A 260 -35.60 5.11 5.82
C ASN A 260 -34.80 6.32 5.37
N GLY A 261 -35.24 6.94 4.29
CA GLY A 261 -34.61 8.21 3.88
C GLY A 261 -35.15 9.33 4.76
N SER A 262 -34.93 10.56 4.34
CA SER A 262 -35.40 11.74 5.03
C SER A 262 -36.87 11.99 4.72
N LEU A 263 -37.49 12.84 5.53
CA LEU A 263 -38.89 13.19 5.35
C LEU A 263 -39.10 14.57 4.75
N ALA A 264 -38.22 15.53 5.05
CA ALA A 264 -38.38 16.95 4.70
C ALA A 264 -39.74 17.46 5.14
N GLU A 265 -39.94 17.54 6.45
CA GLU A 265 -41.26 17.77 7.05
C GLU A 265 -41.70 19.20 6.78
N GLU A 266 -42.19 19.40 5.56
CA GLU A 266 -42.83 20.62 5.08
C GLU A 266 -43.89 20.19 4.09
N GLU A 267 -44.27 21.11 3.21
CA GLU A 267 -45.07 20.72 2.05
C GLU A 267 -44.29 19.76 1.17
N VAL A 268 -45.01 18.98 0.37
CA VAL A 268 -44.38 17.99 -0.49
C VAL A 268 -43.61 18.70 -1.60
N VAL A 269 -42.46 18.14 -1.99
CA VAL A 269 -41.73 18.62 -3.14
C VAL A 269 -41.30 17.41 -3.96
N ILE A 270 -41.24 17.59 -5.27
CA ILE A 270 -40.80 16.56 -6.19
C ILE A 270 -39.72 17.16 -7.09
N ARG A 271 -38.77 16.32 -7.50
CA ARG A 271 -37.63 16.79 -8.26
C ARG A 271 -37.40 15.91 -9.48
N SER A 272 -36.80 16.52 -10.51
CA SER A 272 -36.34 15.83 -11.71
C SER A 272 -35.41 16.76 -12.49
N ASP A 273 -34.51 16.15 -13.25
CA ASP A 273 -33.54 16.96 -14.04
C ASP A 273 -34.37 17.60 -15.12
N ASN A 274 -35.35 16.84 -15.62
CA ASN A 274 -36.11 17.40 -16.75
C ASN A 274 -37.51 16.80 -16.92
N PHE A 275 -38.39 17.59 -17.51
CA PHE A 275 -39.75 17.12 -17.85
C PHE A 275 -39.85 17.07 -19.37
N THR A 276 -39.56 18.18 -20.08
CA THR A 276 -39.86 18.13 -21.51
C THR A 276 -38.98 17.12 -22.22
N ASN A 277 -37.74 16.99 -21.78
CA ASN A 277 -37.00 15.79 -22.13
C ASN A 277 -37.65 14.67 -21.34
N ASN A 278 -38.55 13.93 -21.99
CA ASN A 278 -39.26 12.89 -21.28
C ASN A 278 -38.42 11.63 -21.12
N ALA A 279 -37.23 11.61 -21.68
CA ALA A 279 -36.27 10.53 -21.43
C ALA A 279 -35.39 10.85 -20.23
N LYS A 280 -36.03 11.18 -19.11
CA LYS A 280 -35.34 11.46 -17.87
C LYS A 280 -36.05 10.68 -16.77
N THR A 281 -35.81 11.01 -15.51
CA THR A 281 -36.53 10.35 -14.44
C THR A 281 -36.92 11.36 -13.39
N ILE A 282 -37.90 11.00 -12.57
CA ILE A 282 -38.46 11.89 -11.57
C ILE A 282 -38.14 11.28 -10.22
N ILE A 283 -37.51 12.05 -9.34
CA ILE A 283 -37.35 11.63 -7.95
C ILE A 283 -38.43 12.29 -7.12
N VAL A 284 -39.25 11.47 -6.53
CA VAL A 284 -40.35 11.94 -5.70
C VAL A 284 -39.82 12.03 -4.28
N GLN A 285 -40.22 13.07 -3.56
CA GLN A 285 -39.91 13.18 -2.14
C GLN A 285 -41.22 13.40 -1.41
N LEU A 286 -41.35 12.83 -0.23
CA LEU A 286 -42.62 12.82 0.49
C LEU A 286 -42.43 13.21 1.96
N LYS A 287 -43.31 14.06 2.46
CA LYS A 287 -43.30 14.46 3.86
C LYS A 287 -43.83 13.40 4.80
N GLU A 288 -45.03 12.88 4.55
CA GLU A 288 -45.69 12.02 5.54
C GLU A 288 -45.03 10.66 5.63
N SER A 289 -44.58 10.32 6.83
CA SER A 289 -43.83 9.09 7.05
C SER A 289 -44.74 7.88 6.97
N VAL A 290 -44.98 7.39 5.76
CA VAL A 290 -45.67 6.12 5.63
C VAL A 290 -44.73 5.01 6.07
N GLU A 291 -45.22 4.12 6.93
CA GLU A 291 -44.40 3.06 7.48
C GLU A 291 -45.07 1.71 7.27
N ILE A 292 -44.34 0.77 6.66
CA ILE A 292 -44.90 -0.50 6.21
C ILE A 292 -44.14 -1.63 6.87
N ASN A 293 -44.88 -2.55 7.48
CA ASN A 293 -44.31 -3.73 8.09
C ASN A 293 -44.43 -4.94 7.17
N CYS A 294 -43.36 -5.74 7.11
CA CYS A 294 -43.32 -6.93 6.28
C CYS A 294 -42.54 -8.01 7.02
N THR A 295 -42.83 -9.27 6.69
CA THR A 295 -42.27 -10.39 7.43
C THR A 295 -42.06 -11.60 6.54
N ARG A 296 -41.42 -12.62 7.11
CA ARG A 296 -41.37 -13.92 6.45
C ARG A 296 -42.26 -14.89 7.20
N PRO A 297 -43.23 -15.52 6.55
CA PRO A 297 -44.33 -16.19 7.26
C PRO A 297 -44.03 -17.59 7.77
N ASN A 298 -42.78 -18.01 7.92
CA ASN A 298 -42.51 -19.40 8.23
C ASN A 298 -41.16 -19.58 8.92
N ASN A 299 -41.02 -20.73 9.59
CA ASN A 299 -39.87 -21.09 10.39
C ASN A 299 -38.93 -21.93 9.53
N ASN A 300 -37.64 -21.62 9.59
CA ASN A 300 -36.65 -22.25 8.73
C ASN A 300 -35.37 -22.58 9.49
N THR A 301 -34.64 -23.56 8.97
CA THR A 301 -33.41 -24.06 9.57
C THR A 301 -32.24 -23.75 8.63
N ARG A 302 -31.05 -24.21 9.02
CA ARG A 302 -29.86 -24.09 8.21
C ARG A 302 -29.16 -25.44 8.10
N LYS A 303 -29.12 -25.98 6.89
CA LYS A 303 -28.29 -27.14 6.60
C LYS A 303 -27.17 -26.73 5.66
N SER A 304 -26.02 -27.34 5.85
CA SER A 304 -24.82 -27.03 5.09
C SER A 304 -24.45 -28.19 4.18
N ILE A 305 -23.98 -27.87 2.99
CA ILE A 305 -23.30 -28.84 2.14
C ILE A 305 -21.80 -28.62 2.28
N HIS A 306 -21.13 -29.62 2.82
CA HIS A 306 -19.68 -29.56 3.02
C HIS A 306 -19.01 -30.01 1.73
N ILE A 307 -18.51 -29.02 0.97
CA ILE A 307 -17.97 -29.34 -0.34
C ILE A 307 -16.55 -29.87 -0.23
N GLY A 308 -15.63 -29.04 0.23
CA GLY A 308 -14.24 -29.40 0.31
C GLY A 308 -13.52 -28.56 1.34
N PRO A 309 -12.27 -28.22 1.06
CA PRO A 309 -11.50 -27.40 1.98
C PRO A 309 -12.02 -25.98 2.10
N GLY A 310 -12.40 -25.57 3.31
CA GLY A 310 -12.96 -24.26 3.52
C GLY A 310 -14.27 -24.02 2.82
N ARG A 311 -15.03 -25.09 2.57
CA ARG A 311 -16.21 -25.02 1.71
C ARG A 311 -17.38 -25.71 2.39
N ALA A 312 -18.27 -24.92 2.96
CA ALA A 312 -19.50 -25.40 3.58
C ALA A 312 -20.64 -24.59 2.98
N PHE A 313 -21.21 -25.10 1.90
CA PHE A 313 -22.26 -24.37 1.19
C PHE A 313 -23.54 -24.39 2.00
N TYR A 314 -24.04 -23.21 2.36
CA TYR A 314 -25.21 -23.11 3.21
C TYR A 314 -26.47 -22.98 2.35
N THR A 315 -27.19 -24.08 2.19
CA THR A 315 -28.44 -24.13 1.45
C THR A 315 -29.60 -23.92 2.41
N THR A 316 -30.80 -23.92 1.83
CA THR A 316 -32.03 -23.89 2.62
C THR A 316 -32.18 -25.19 3.38
N GLY A 317 -32.15 -25.11 4.70
CA GLY A 317 -32.16 -26.33 5.49
C GLY A 317 -33.48 -27.06 5.52
N GLU A 318 -34.45 -26.53 6.26
CA GLU A 318 -35.74 -27.19 6.41
C GLU A 318 -36.81 -26.14 6.63
N ILE A 319 -37.98 -26.62 7.03
CA ILE A 319 -39.20 -25.84 7.11
C ILE A 319 -40.13 -26.50 8.14
N ILE A 320 -40.76 -25.69 8.97
CA ILE A 320 -41.77 -26.17 9.90
C ILE A 320 -42.98 -25.26 9.76
N GLY A 321 -44.12 -25.84 9.42
CA GLY A 321 -45.36 -25.10 9.32
C GLY A 321 -45.85 -24.94 7.89
N ASP A 322 -46.69 -23.92 7.71
CA ASP A 322 -47.16 -23.55 6.39
C ASP A 322 -46.39 -22.34 5.88
N ILE A 323 -46.60 -22.01 4.61
CA ILE A 323 -45.82 -21.00 3.91
C ILE A 323 -46.77 -20.03 3.25
N ARG A 324 -46.53 -18.73 3.42
CA ARG A 324 -47.28 -17.73 2.69
C ARG A 324 -46.32 -16.95 1.80
N GLN A 325 -46.83 -15.90 1.18
CA GLN A 325 -46.12 -15.16 0.16
C GLN A 325 -45.47 -13.90 0.73
N ALA A 326 -45.31 -13.88 2.05
CA ALA A 326 -44.66 -12.82 2.81
C ALA A 326 -45.35 -11.48 2.57
N HIS A 327 -46.68 -11.49 2.76
CA HIS A 327 -47.51 -10.32 2.39
C HIS A 327 -47.18 -9.03 3.14
N CYS A 328 -47.50 -7.90 2.51
CA CYS A 328 -47.26 -6.58 3.16
C CYS A 328 -48.57 -5.80 3.20
N ASN A 329 -48.92 -5.26 4.37
CA ASN A 329 -50.12 -4.45 4.55
C ASN A 329 -49.71 -3.01 4.83
N ILE A 330 -50.49 -2.05 4.32
CA ILE A 330 -49.99 -0.70 4.14
C ILE A 330 -50.79 0.39 4.84
N SER A 331 -51.98 0.08 5.36
CA SER A 331 -53.00 1.10 5.69
C SER A 331 -53.30 1.99 4.50
N ARG A 332 -53.94 1.38 3.49
CA ARG A 332 -54.28 1.93 2.19
C ARG A 332 -54.94 3.31 2.21
N ALA A 333 -55.63 3.64 3.31
CA ALA A 333 -56.24 4.95 3.45
C ALA A 333 -55.20 6.06 3.45
N LYS A 334 -54.01 5.79 3.99
CA LYS A 334 -52.91 6.71 3.80
C LYS A 334 -52.49 6.74 2.34
N TRP A 335 -52.42 5.58 1.71
CA TRP A 335 -52.03 5.51 0.31
C TRP A 335 -53.10 6.09 -0.59
N ASN A 336 -54.37 5.98 -0.18
CA ASN A 336 -55.42 6.70 -0.85
C ASN A 336 -55.24 8.21 -0.66
N ASP A 337 -54.74 8.61 0.50
CA ASP A 337 -54.61 10.03 0.82
C ASP A 337 -53.46 10.67 0.07
N THR A 338 -52.25 10.16 0.28
CA THR A 338 -51.05 10.92 -0.01
C THR A 338 -50.80 11.06 -1.50
N LEU A 339 -51.42 10.20 -2.30
CA LEU A 339 -51.35 10.37 -3.75
C LEU A 339 -52.10 11.61 -4.19
N LYS A 340 -53.21 11.91 -3.52
CA LYS A 340 -53.96 13.11 -3.85
C LYS A 340 -53.20 14.36 -3.46
N GLN A 341 -52.29 14.24 -2.50
CA GLN A 341 -51.36 15.34 -2.23
C GLN A 341 -50.42 15.53 -3.41
N ILE A 342 -50.01 14.43 -4.03
CA ILE A 342 -48.97 14.49 -5.06
C ILE A 342 -49.52 15.12 -6.33
N VAL A 343 -50.72 14.70 -6.73
CA VAL A 343 -51.27 15.10 -8.01
C VAL A 343 -51.61 16.57 -8.07
N ILE A 344 -51.84 17.21 -6.93
CA ILE A 344 -52.02 18.64 -6.87
C ILE A 344 -50.72 19.36 -7.14
N LYS A 345 -49.63 18.89 -6.54
CA LYS A 345 -48.32 19.48 -6.77
C LYS A 345 -47.63 18.92 -7.99
N LEU A 346 -48.38 18.34 -8.91
CA LEU A 346 -47.86 17.91 -10.20
C LEU A 346 -48.68 18.47 -11.35
N ARG A 347 -49.99 18.60 -11.14
CA ARG A 347 -50.90 19.16 -12.17
C ARG A 347 -50.47 20.59 -12.47
N GLU A 348 -50.04 21.33 -11.44
CA GLU A 348 -49.63 22.74 -11.62
C GLU A 348 -48.45 22.80 -12.59
N GLN A 349 -47.56 21.79 -12.56
CA GLN A 349 -46.39 21.85 -13.41
C GLN A 349 -46.71 21.47 -14.84
N PHE A 350 -47.93 20.98 -15.10
CA PHE A 350 -48.31 20.60 -16.45
C PHE A 350 -49.70 21.12 -16.78
N GLU A 351 -49.84 22.45 -16.65
CA GLU A 351 -51.08 23.19 -17.06
C GLU A 351 -52.37 22.59 -16.52
N ASN A 352 -52.56 22.53 -15.18
CA ASN A 352 -53.74 21.90 -14.52
C ASN A 352 -54.36 20.88 -15.48
N LYS A 353 -53.61 19.86 -15.91
CA LYS A 353 -54.10 18.92 -16.95
C LYS A 353 -54.21 17.50 -16.41
N THR A 354 -54.99 16.65 -17.10
CA THR A 354 -55.21 15.25 -16.67
C THR A 354 -53.90 14.51 -16.42
N ILE A 355 -53.72 13.93 -15.23
CA ILE A 355 -52.50 13.10 -14.94
C ILE A 355 -52.97 11.80 -14.29
N VAL A 356 -52.42 10.65 -14.69
CA VAL A 356 -52.89 9.35 -14.22
C VAL A 356 -51.69 8.49 -13.87
N PHE A 357 -51.97 7.34 -13.26
CA PHE A 357 -50.94 6.37 -12.92
C PHE A 357 -51.28 5.01 -13.51
N ASN A 358 -50.30 4.42 -14.16
CA ASN A 358 -50.40 3.07 -14.67
C ASN A 358 -49.20 2.31 -14.12
N HIS A 359 -49.32 1.00 -14.03
CA HIS A 359 -48.19 0.22 -13.58
C HIS A 359 -47.13 0.16 -14.66
N SER A 360 -45.92 -0.19 -14.28
CA SER A 360 -44.82 -0.24 -15.23
C SER A 360 -44.97 -1.41 -16.20
N SER A 361 -44.14 -1.41 -17.22
CA SER A 361 -44.22 -2.39 -18.29
C SER A 361 -43.46 -3.65 -17.90
N GLY A 362 -43.23 -4.54 -18.87
CA GLY A 362 -42.38 -5.68 -18.68
C GLY A 362 -40.90 -5.30 -18.72
N GLY A 363 -40.06 -6.30 -18.53
CA GLY A 363 -38.62 -6.07 -18.53
C GLY A 363 -37.85 -6.89 -17.52
N ASP A 364 -37.12 -6.21 -16.63
CA ASP A 364 -36.20 -6.91 -15.74
C ASP A 364 -36.74 -6.93 -14.31
N PRO A 365 -36.49 -7.98 -13.54
CA PRO A 365 -36.99 -8.05 -12.17
C PRO A 365 -36.40 -7.00 -11.23
N GLU A 366 -35.19 -6.52 -11.50
CA GLU A 366 -34.62 -5.45 -10.70
C GLU A 366 -35.19 -4.09 -11.05
N ILE A 367 -35.96 -3.98 -12.12
CA ILE A 367 -36.29 -2.69 -12.70
C ILE A 367 -37.76 -2.35 -12.51
N VAL A 368 -38.64 -3.32 -12.63
CA VAL A 368 -40.08 -3.08 -12.58
C VAL A 368 -40.68 -3.61 -11.28
N MET A 369 -40.18 -4.74 -10.79
CA MET A 369 -40.68 -5.28 -9.54
C MET A 369 -40.12 -4.47 -8.39
N HIS A 370 -40.90 -4.32 -7.33
CA HIS A 370 -40.36 -3.67 -6.14
C HIS A 370 -39.40 -4.64 -5.47
N SER A 371 -38.11 -4.50 -5.79
CA SER A 371 -37.08 -5.28 -5.15
C SER A 371 -36.69 -4.63 -3.84
N PHE A 372 -36.49 -5.44 -2.81
CA PHE A 372 -36.48 -4.93 -1.46
C PHE A 372 -35.52 -5.74 -0.59
N ASN A 373 -34.87 -5.05 0.35
CA ASN A 373 -33.97 -5.73 1.27
C ASN A 373 -34.09 -5.08 2.65
N CYS A 374 -34.62 -5.85 3.59
CA CYS A 374 -34.52 -5.53 5.00
C CYS A 374 -34.56 -6.84 5.77
N GLY A 375 -34.04 -6.82 6.99
CA GLY A 375 -33.83 -8.05 7.71
C GLY A 375 -32.75 -8.92 7.10
N GLY A 376 -31.81 -8.31 6.39
CA GLY A 376 -30.77 -9.07 5.71
C GLY A 376 -31.17 -9.71 4.41
N GLU A 377 -32.29 -10.41 4.38
CA GLU A 377 -32.69 -11.17 3.21
C GLU A 377 -33.48 -10.29 2.24
N PHE A 378 -33.28 -10.55 0.94
CA PHE A 378 -33.89 -9.78 -0.13
C PHE A 378 -35.36 -10.12 -0.35
N PHE A 379 -36.05 -9.22 -1.04
CA PHE A 379 -37.48 -9.37 -1.31
C PHE A 379 -37.81 -8.76 -2.66
N TYR A 380 -38.73 -9.42 -3.37
CA TYR A 380 -39.41 -8.84 -4.52
C TYR A 380 -40.87 -8.70 -4.16
N CYS A 381 -41.53 -7.64 -4.63
CA CYS A 381 -42.96 -7.45 -4.38
C CYS A 381 -43.64 -6.91 -5.61
N ASN A 382 -44.81 -7.51 -5.89
CA ASN A 382 -45.66 -7.09 -7.04
C ASN A 382 -46.38 -5.80 -6.64
N SER A 383 -46.04 -4.70 -7.30
CA SER A 383 -46.64 -3.40 -6.99
C SER A 383 -47.87 -3.13 -7.83
N THR A 384 -48.56 -4.15 -8.35
CA THR A 384 -49.69 -3.82 -9.26
C THR A 384 -50.88 -3.26 -8.49
N GLN A 385 -50.93 -3.48 -7.18
CA GLN A 385 -52.11 -3.06 -6.38
C GLN A 385 -51.94 -1.61 -5.92
N LEU A 386 -50.94 -0.89 -6.44
CA LEU A 386 -50.70 0.46 -5.94
C LEU A 386 -50.82 1.51 -7.02
N PHE A 387 -50.69 1.12 -8.28
CA PHE A 387 -50.76 2.09 -9.36
C PHE A 387 -51.91 1.83 -10.31
N ASN A 388 -52.81 0.92 -9.92
CA ASN A 388 -54.08 0.73 -10.68
C ASN A 388 -54.93 1.88 -10.16
N SER A 389 -54.68 3.10 -10.64
CA SER A 389 -55.27 4.31 -10.08
C SER A 389 -55.10 5.42 -11.11
N THR A 390 -56.16 5.70 -11.86
CA THR A 390 -56.15 6.79 -12.82
C THR A 390 -57.18 7.81 -12.36
N TRP A 391 -56.72 8.92 -11.80
CA TRP A 391 -57.67 9.90 -11.28
C TRP A 391 -57.46 11.25 -11.92
N ASN A 392 -58.56 11.85 -12.37
CA ASN A 392 -58.59 13.22 -12.85
C ASN A 392 -59.66 14.02 -12.11
N ASN A 393 -59.33 15.27 -11.75
CA ASN A 393 -60.09 16.03 -10.76
C ASN A 393 -61.55 16.28 -11.10
N ASN A 394 -62.37 16.38 -10.07
CA ASN A 394 -63.78 16.65 -10.22
C ASN A 394 -64.00 18.12 -10.50
N ASN A 404 -57.01 1.00 4.21
CA ASN A 404 -56.87 -0.06 5.19
C ASN A 404 -55.94 -1.18 4.72
N THR A 405 -56.33 -2.43 4.98
CA THR A 405 -55.50 -3.59 4.71
C THR A 405 -55.26 -3.77 3.22
N ILE A 406 -54.18 -4.47 2.90
CA ILE A 406 -53.81 -4.76 1.52
C ILE A 406 -52.94 -6.01 1.55
N THR A 407 -52.79 -6.65 0.39
CA THR A 407 -51.87 -7.78 0.25
C THR A 407 -51.01 -7.58 -0.99
N LEU A 408 -49.71 -7.40 -0.79
CA LEU A 408 -48.74 -7.43 -1.88
C LEU A 408 -48.20 -8.86 -1.92
N PRO A 409 -48.53 -9.63 -2.93
CA PRO A 409 -47.95 -10.98 -3.01
C PRO A 409 -46.49 -10.90 -3.38
N CYS A 410 -45.63 -11.12 -2.39
CA CYS A 410 -44.22 -10.83 -2.53
C CYS A 410 -43.42 -12.10 -2.78
N ARG A 411 -42.17 -11.90 -3.20
CA ARG A 411 -41.26 -13.00 -3.48
C ARG A 411 -39.90 -12.67 -2.87
N ILE A 412 -39.07 -13.69 -2.69
CA ILE A 412 -37.71 -13.49 -2.19
C ILE A 412 -36.74 -13.88 -3.30
N LYS A 413 -35.51 -13.41 -3.19
CA LYS A 413 -34.52 -13.58 -4.23
C LYS A 413 -33.15 -13.80 -3.61
N GLN A 414 -32.49 -14.88 -4.03
CA GLN A 414 -31.18 -15.24 -3.50
C GLN A 414 -30.02 -14.66 -4.31
N ILE A 415 -29.81 -15.11 -5.53
CA ILE A 415 -28.63 -14.73 -6.30
C ILE A 415 -28.86 -13.37 -6.92
N ILE A 416 -27.88 -12.50 -6.76
CA ILE A 416 -28.03 -11.10 -7.13
C ILE A 416 -26.97 -10.79 -8.17
N ASN A 417 -27.39 -10.44 -9.38
CA ASN A 417 -26.45 -10.10 -10.42
C ASN A 417 -25.96 -8.67 -10.24
N MET A 418 -25.08 -8.27 -11.13
CA MET A 418 -24.70 -6.88 -11.21
C MET A 418 -25.83 -6.03 -11.77
N TRP A 419 -25.53 -4.76 -11.94
CA TRP A 419 -26.50 -3.80 -12.43
C TRP A 419 -26.03 -3.13 -13.71
N GLN A 420 -24.75 -3.30 -14.04
CA GLN A 420 -24.20 -2.79 -15.29
C GLN A 420 -23.37 -3.85 -16.01
N GLU A 421 -23.21 -5.03 -15.43
CA GLU A 421 -22.31 -6.02 -16.00
C GLU A 421 -23.05 -7.32 -16.17
N VAL A 422 -22.31 -8.35 -16.57
CA VAL A 422 -22.83 -9.70 -16.67
C VAL A 422 -21.84 -10.61 -15.96
N GLY A 423 -20.82 -10.00 -15.36
CA GLY A 423 -19.69 -10.75 -14.89
C GLY A 423 -19.89 -11.51 -13.60
N LYS A 424 -20.29 -10.82 -12.54
CA LYS A 424 -20.20 -11.35 -11.21
C LYS A 424 -21.53 -11.24 -10.50
N ALA A 425 -21.80 -12.21 -9.62
CA ALA A 425 -23.10 -12.33 -8.99
C ALA A 425 -22.90 -12.74 -7.54
N MET A 426 -23.67 -12.14 -6.64
CA MET A 426 -23.54 -12.41 -5.22
C MET A 426 -24.73 -13.22 -4.73
N TYR A 427 -24.45 -14.15 -3.83
CA TYR A 427 -25.42 -15.06 -3.25
C TYR A 427 -25.43 -14.92 -1.74
N ALA A 428 -26.62 -14.97 -1.17
CA ALA A 428 -26.83 -14.86 0.26
C ALA A 428 -27.31 -16.18 0.83
N PRO A 429 -26.95 -16.51 2.06
CA PRO A 429 -27.44 -17.73 2.68
C PRO A 429 -28.79 -17.50 3.30
N PRO A 430 -29.60 -18.55 3.48
CA PRO A 430 -30.89 -18.36 4.14
C PRO A 430 -30.71 -18.12 5.62
N ILE A 431 -31.57 -17.27 6.17
CA ILE A 431 -31.56 -16.96 7.59
C ILE A 431 -32.63 -17.79 8.26
N ARG A 432 -32.29 -18.38 9.41
CA ARG A 432 -33.16 -19.34 10.06
C ARG A 432 -34.38 -18.68 10.68
N GLY A 433 -35.41 -19.49 10.90
CA GLY A 433 -36.57 -19.05 11.65
C GLY A 433 -37.44 -18.09 10.85
N GLN A 434 -38.05 -17.16 11.57
CA GLN A 434 -38.83 -16.09 10.97
C GLN A 434 -38.03 -14.80 11.03
N ILE A 435 -38.56 -13.80 10.33
CA ILE A 435 -38.01 -12.45 10.34
C ILE A 435 -39.15 -11.50 10.03
N ARG A 436 -39.05 -10.29 10.57
CA ARG A 436 -39.94 -9.19 10.25
C ARG A 436 -39.10 -8.00 9.84
N CYS A 437 -39.72 -7.04 9.15
CA CYS A 437 -39.15 -5.71 9.02
C CYS A 437 -40.25 -4.70 8.79
N SER A 438 -40.18 -3.64 9.58
CA SER A 438 -41.04 -2.48 9.38
C SER A 438 -40.14 -1.28 9.17
N SER A 439 -40.48 -0.44 8.22
CA SER A 439 -39.67 0.75 8.02
C SER A 439 -40.50 1.87 7.43
N ASN A 440 -40.07 3.09 7.70
CA ASN A 440 -40.69 4.27 7.14
C ASN A 440 -40.37 4.30 5.65
N ILE A 441 -41.34 4.70 4.84
CA ILE A 441 -41.14 4.87 3.41
C ILE A 441 -41.37 6.34 3.07
N THR A 442 -40.44 6.92 2.34
CA THR A 442 -40.43 8.36 2.11
C THR A 442 -39.87 8.67 0.73
N GLY A 443 -40.75 9.08 -0.16
CA GLY A 443 -40.32 9.42 -1.51
C GLY A 443 -40.39 8.24 -2.46
N LEU A 444 -40.66 8.51 -3.73
CA LEU A 444 -40.86 7.45 -4.71
C LEU A 444 -39.87 7.63 -5.84
N LEU A 445 -39.88 6.68 -6.77
CA LEU A 445 -39.07 6.77 -7.97
C LEU A 445 -39.95 6.53 -9.18
N LEU A 446 -40.09 7.55 -10.02
CA LEU A 446 -41.09 7.56 -11.07
C LEU A 446 -40.46 8.04 -12.37
N THR A 447 -40.95 7.50 -13.48
CA THR A 447 -40.67 8.07 -14.78
C THR A 447 -41.98 8.37 -15.49
N ARG A 448 -41.87 9.13 -16.58
CA ARG A 448 -42.99 9.40 -17.47
C ARG A 448 -42.68 8.85 -18.84
N ASP A 449 -43.63 8.11 -19.40
CA ASP A 449 -43.44 7.48 -20.70
C ASP A 449 -43.44 8.55 -21.80
N GLY A 450 -42.63 8.31 -22.83
CA GLY A 450 -42.39 9.30 -23.84
C GLY A 450 -43.40 9.39 -24.95
N GLY A 451 -44.25 8.37 -25.11
CA GLY A 451 -45.19 8.37 -26.20
C GLY A 451 -46.36 9.29 -25.95
N ILE A 452 -46.79 9.98 -27.00
CA ILE A 452 -47.87 10.95 -26.93
C ILE A 452 -49.17 10.25 -27.32
N ASN A 453 -50.22 10.49 -26.52
CA ASN A 453 -51.54 9.93 -26.78
C ASN A 453 -52.43 11.06 -27.29
N GLU A 454 -53.68 10.73 -27.59
CA GLU A 454 -54.63 11.69 -28.16
C GLU A 454 -55.59 12.21 -27.10
N ASN A 455 -55.06 12.49 -25.90
CA ASN A 455 -55.87 13.02 -24.83
C ASN A 455 -55.23 14.17 -24.07
N GLY A 456 -53.94 14.43 -24.26
CA GLY A 456 -53.26 15.45 -23.48
C GLY A 456 -52.92 15.02 -22.07
N THR A 457 -53.15 13.78 -21.71
CA THR A 457 -52.85 13.25 -20.40
C THR A 457 -51.41 12.74 -20.34
N GLU A 458 -50.99 12.35 -19.14
CA GLU A 458 -49.63 11.86 -18.91
C GLU A 458 -49.67 10.51 -18.22
N ILE A 459 -49.11 9.50 -18.86
CA ILE A 459 -48.94 8.18 -18.27
C ILE A 459 -47.67 8.22 -17.43
N PHE A 460 -47.78 7.80 -16.18
CA PHE A 460 -46.63 7.62 -15.31
C PHE A 460 -46.44 6.14 -15.04
N ARG A 461 -45.21 5.67 -15.19
CA ARG A 461 -44.85 4.31 -14.82
C ARG A 461 -43.61 4.38 -13.92
N PRO A 462 -43.54 3.59 -12.86
CA PRO A 462 -42.55 3.83 -11.81
C PRO A 462 -41.11 3.54 -12.21
N GLY A 463 -40.24 4.49 -11.89
CA GLY A 463 -38.82 4.36 -12.15
C GLY A 463 -38.15 3.44 -11.14
N GLY A 464 -37.00 2.92 -11.56
CA GLY A 464 -36.26 1.95 -10.77
C GLY A 464 -35.38 1.12 -11.68
N GLY A 465 -34.15 0.88 -11.23
CA GLY A 465 -33.20 0.17 -12.05
C GLY A 465 -31.79 0.73 -12.00
N ASP A 466 -31.57 1.77 -11.18
CA ASP A 466 -30.25 2.38 -11.06
C ASP A 466 -29.82 2.40 -9.61
N MET A 467 -28.56 2.06 -9.38
CA MET A 467 -27.97 2.34 -8.08
C MET A 467 -27.74 3.83 -7.91
N ARG A 468 -27.32 4.50 -8.98
CA ARG A 468 -26.63 5.78 -8.87
C ARG A 468 -27.53 6.88 -8.32
N ASP A 469 -28.71 7.04 -8.91
CA ASP A 469 -29.53 8.18 -8.53
C ASP A 469 -30.26 7.93 -7.22
N ASN A 470 -30.22 6.69 -6.73
CA ASN A 470 -30.80 6.37 -5.43
C ASN A 470 -30.09 7.14 -4.34
N TRP A 471 -28.79 7.32 -4.46
CA TRP A 471 -28.10 8.06 -3.42
C TRP A 471 -28.26 9.56 -3.56
N ARG A 472 -28.76 10.03 -4.71
CA ARG A 472 -28.87 11.48 -4.94
C ARG A 472 -29.87 12.11 -4.00
N SER A 473 -30.90 11.35 -3.62
CA SER A 473 -31.97 11.82 -2.77
C SER A 473 -31.48 12.20 -1.38
N GLU A 474 -30.38 11.61 -0.97
CA GLU A 474 -29.77 11.96 0.31
C GLU A 474 -28.70 13.02 0.15
N LEU A 475 -28.39 13.42 -1.07
CA LEU A 475 -27.24 14.27 -1.31
C LEU A 475 -27.60 15.62 -1.90
N TYR A 476 -28.88 15.88 -2.14
CA TYR A 476 -29.30 17.05 -2.90
C TYR A 476 -29.05 18.34 -2.15
N LYS A 477 -29.02 18.30 -0.83
CA LYS A 477 -28.77 19.50 -0.05
C LYS A 477 -27.31 19.90 -0.06
N TYR A 478 -26.42 19.03 -0.51
CA TYR A 478 -25.02 19.10 -0.14
C TYR A 478 -24.13 19.35 -1.36
N LYS A 479 -23.04 20.07 -1.12
CA LYS A 479 -22.10 20.39 -2.18
C LYS A 479 -20.74 20.61 -1.54
N VAL A 480 -19.73 19.96 -2.10
CA VAL A 480 -18.36 20.12 -1.65
C VAL A 480 -17.82 21.38 -2.28
N VAL A 481 -16.84 22.01 -1.64
CA VAL A 481 -16.19 23.16 -2.24
C VAL A 481 -14.77 23.19 -1.72
N LYS A 482 -13.85 23.68 -2.55
CA LYS A 482 -12.44 23.71 -2.17
C LYS A 482 -12.10 25.07 -1.61
N ILE A 483 -11.31 25.07 -0.53
CA ILE A 483 -11.04 26.27 0.24
C ILE A 483 -9.60 26.67 0.07
N GLU A 484 -9.38 27.93 -0.29
CA GLU A 484 -8.06 28.53 -0.22
C GLU A 484 -8.18 29.81 0.59
N PRO A 485 -7.31 30.03 1.55
CA PRO A 485 -7.31 31.31 2.27
C PRO A 485 -6.62 32.41 1.48
N LEU A 486 -6.18 32.09 0.28
CA LEU A 486 -5.43 33.03 -0.53
C LEU A 486 -6.35 34.10 -1.07
N GLY A 487 -5.77 35.25 -1.35
CA GLY A 487 -6.53 36.35 -1.92
C GLY A 487 -5.65 37.39 -2.58
N VAL A 488 -6.26 38.27 -3.35
CA VAL A 488 -5.58 39.39 -3.97
C VAL A 488 -6.50 40.60 -3.92
N ALA A 489 -6.08 41.63 -3.23
CA ALA A 489 -6.90 42.82 -3.13
C ALA A 489 -6.01 44.01 -2.88
N PRO A 490 -6.16 45.07 -3.67
CA PRO A 490 -5.38 46.29 -3.41
C PRO A 490 -5.80 46.99 -2.13
N THR A 491 -4.88 47.77 -1.58
CA THR A 491 -5.11 48.52 -0.35
C THR A 491 -5.05 50.01 -0.68
N LYS A 492 -5.96 50.77 -0.06
CA LYS A 492 -6.01 52.22 -0.16
C LYS A 492 -5.97 52.87 1.23
N ALA A 493 -6.29 52.12 2.27
CA ALA A 493 -6.36 52.61 3.63
C ALA A 493 -4.96 52.76 4.22
N LYS A 494 -4.88 52.85 5.54
CA LYS A 494 -3.63 53.02 6.25
C LYS A 494 -2.68 51.85 6.01
N ARG A 495 -1.38 52.13 6.00
CA ARG A 495 -0.41 51.13 5.57
C ARG A 495 0.37 50.61 6.77
N ALA A 509 -20.53 38.93 18.47
CA ALA A 509 -19.41 39.45 17.69
C ALA A 509 -18.47 38.34 17.24
N VAL A 510 -18.98 37.11 17.21
CA VAL A 510 -18.20 35.94 16.82
C VAL A 510 -19.02 35.09 15.85
N PHE A 511 -18.40 34.71 14.75
CA PHE A 511 -19.02 33.93 13.69
C PHE A 511 -18.23 32.64 13.52
N LEU A 512 -18.82 31.52 13.89
CA LEU A 512 -18.11 30.25 13.79
C LEU A 512 -18.01 29.80 12.34
N GLY A 513 -18.92 30.27 11.49
CA GLY A 513 -19.02 29.77 10.14
C GLY A 513 -17.87 30.21 9.27
N PHE A 514 -17.79 29.56 8.11
CA PHE A 514 -16.71 29.80 7.16
C PHE A 514 -17.08 30.81 6.10
N LEU A 515 -18.01 31.72 6.42
CA LEU A 515 -18.42 32.76 5.50
C LEU A 515 -19.09 33.87 6.29
N GLY A 516 -18.89 35.11 5.84
CA GLY A 516 -19.49 36.26 6.49
C GLY A 516 -20.24 37.14 5.52
N ALA A 517 -20.08 36.88 4.22
CA ALA A 517 -20.85 37.43 3.11
C ALA A 517 -20.72 38.93 2.89
N ALA A 518 -20.09 39.65 3.81
CA ALA A 518 -20.04 41.10 3.69
C ALA A 518 -18.72 41.51 3.06
N GLY A 519 -18.55 41.11 1.81
CA GLY A 519 -17.33 41.41 1.09
C GLY A 519 -17.16 42.84 0.67
N SER A 520 -18.14 43.70 0.95
CA SER A 520 -17.91 45.14 0.87
C SER A 520 -16.82 45.57 1.83
N THR A 521 -16.81 45.03 3.04
CA THR A 521 -15.68 45.26 3.94
C THR A 521 -14.71 44.11 3.74
N MET A 522 -13.44 44.43 3.81
CA MET A 522 -12.40 43.45 4.02
C MET A 522 -12.22 43.30 5.52
N GLY A 523 -12.46 44.39 6.24
CA GLY A 523 -11.81 44.57 7.52
C GLY A 523 -12.62 44.80 8.77
N ALA A 524 -13.92 45.10 8.61
CA ALA A 524 -14.79 45.26 9.76
C ALA A 524 -14.86 43.97 10.56
N ALA A 525 -15.22 42.88 9.90
CA ALA A 525 -14.94 41.55 10.44
C ALA A 525 -14.54 40.54 9.38
N SER A 526 -14.50 40.93 8.10
CA SER A 526 -14.28 39.95 7.04
C SER A 526 -12.85 39.43 7.05
N MET A 527 -11.93 40.20 7.63
CA MET A 527 -10.62 39.65 7.94
C MET A 527 -10.69 38.66 9.11
N THR A 528 -11.60 38.88 10.04
CA THR A 528 -11.49 38.24 11.35
C THR A 528 -12.03 36.82 11.32
N LEU A 529 -12.71 36.44 10.25
CA LEU A 529 -13.40 35.15 10.25
C LEU A 529 -12.43 33.99 10.02
N THR A 530 -11.55 34.12 9.04
CA THR A 530 -10.69 33.00 8.70
C THR A 530 -9.54 32.90 9.71
N VAL A 531 -9.32 33.97 10.47
CA VAL A 531 -8.61 33.91 11.74
C VAL A 531 -9.17 32.78 12.58
N GLN A 532 -10.49 32.73 12.69
CA GLN A 532 -11.12 31.63 13.41
C GLN A 532 -11.14 30.37 12.57
N ALA A 533 -11.09 30.50 11.24
CA ALA A 533 -11.04 29.30 10.41
C ALA A 533 -9.63 28.78 10.26
N ARG A 534 -8.63 29.58 10.60
CA ARG A 534 -7.28 29.05 10.75
C ARG A 534 -7.22 28.06 11.91
N LEU A 535 -8.04 28.29 12.93
CA LEU A 535 -8.09 27.40 14.08
C LEU A 535 -8.63 26.02 13.71
N LEU A 536 -9.37 25.93 12.60
CA LEU A 536 -9.66 24.62 12.02
C LEU A 536 -8.39 23.97 11.51
N LEU A 537 -7.56 24.74 10.79
CA LEU A 537 -6.49 24.21 9.95
C LEU A 537 -5.37 23.56 10.77
N SER A 538 -5.34 23.80 12.06
CA SER A 538 -4.51 23.08 13.00
C SER A 538 -5.39 22.58 14.13
N GLY A 539 -5.44 21.27 14.31
CA GLY A 539 -6.24 20.67 15.37
C GLY A 539 -5.78 19.25 15.65
N ILE A 540 -5.90 18.85 16.92
CA ILE A 540 -5.43 17.52 17.29
C ILE A 540 -6.58 16.64 17.77
N VAL A 541 -7.17 16.98 18.90
CA VAL A 541 -8.13 16.09 19.54
C VAL A 541 -9.48 16.77 19.53
N GLN A 542 -10.45 16.13 18.86
CA GLN A 542 -11.88 16.44 18.77
C GLN A 542 -12.13 17.66 17.88
N GLN A 543 -11.07 18.38 17.49
CA GLN A 543 -11.21 19.39 16.46
C GLN A 543 -11.08 18.73 15.08
N GLN A 544 -9.89 18.23 14.79
CA GLN A 544 -9.64 17.42 13.61
C GLN A 544 -9.88 15.97 14.02
N ASN A 545 -10.53 15.21 13.14
CA ASN A 545 -10.88 13.84 13.48
C ASN A 545 -9.68 12.92 13.39
N ASN A 546 -8.80 13.13 12.41
CA ASN A 546 -7.75 12.15 12.15
C ASN A 546 -6.62 12.25 13.16
N LEU A 547 -6.25 13.47 13.55
CA LEU A 547 -5.14 13.64 14.49
C LEU A 547 -5.52 13.35 15.93
N LEU A 548 -6.70 12.76 16.14
CA LEU A 548 -7.16 12.37 17.45
C LEU A 548 -6.19 11.36 18.05
N ARG A 549 -5.67 11.68 19.23
CA ARG A 549 -4.56 10.94 19.78
C ARG A 549 -4.93 9.54 20.24
N ALA A 550 -6.18 9.33 20.66
CA ALA A 550 -6.58 8.03 21.18
C ALA A 550 -6.66 7.01 20.05
N ILE A 551 -7.26 7.39 18.92
CA ILE A 551 -7.48 6.42 17.85
C ILE A 551 -6.18 6.06 17.14
N GLU A 552 -5.22 6.99 17.09
CA GLU A 552 -3.97 6.70 16.41
C GLU A 552 -3.18 5.66 17.17
N ALA A 553 -3.28 5.66 18.50
CA ALA A 553 -2.79 4.55 19.29
C ALA A 553 -3.60 3.29 19.04
N GLN A 554 -4.91 3.43 18.82
CA GLN A 554 -5.78 2.30 18.56
C GLN A 554 -5.54 1.69 17.18
N GLN A 555 -5.22 2.51 16.18
CA GLN A 555 -5.24 2.08 14.79
C GLN A 555 -3.90 1.47 14.42
N ARG A 556 -3.81 0.15 14.56
CA ARG A 556 -2.74 -0.63 13.95
C ARG A 556 -3.31 -1.43 12.78
N MET A 557 -4.22 -0.84 12.02
CA MET A 557 -4.87 -1.59 10.97
C MET A 557 -4.02 -1.61 9.71
N LEU A 558 -4.05 -2.75 9.04
CA LEU A 558 -3.48 -2.88 7.71
C LEU A 558 -4.19 -1.95 6.75
N GLN A 559 -3.49 -1.56 5.70
CA GLN A 559 -4.07 -0.60 4.79
C GLN A 559 -4.66 -1.24 3.54
N LEU A 560 -4.67 -2.57 3.44
CA LEU A 560 -5.09 -3.22 2.21
C LEU A 560 -6.59 -3.13 2.02
N THR A 561 -7.32 -2.89 3.11
CA THR A 561 -8.73 -2.55 3.03
C THR A 561 -8.93 -1.16 2.44
N VAL A 562 -10.16 -0.91 1.99
CA VAL A 562 -10.50 0.32 1.27
C VAL A 562 -10.40 1.53 2.18
N TRP A 563 -10.60 1.31 3.48
CA TRP A 563 -10.13 2.12 4.58
C TRP A 563 -8.73 2.64 4.36
N GLY A 564 -7.77 1.72 4.32
CA GLY A 564 -6.38 2.12 4.39
C GLY A 564 -5.91 2.80 3.13
N ILE A 565 -6.61 2.55 2.02
CA ILE A 565 -6.49 3.48 0.91
C ILE A 565 -7.03 4.83 1.32
N LYS A 566 -8.30 4.89 1.73
CA LYS A 566 -8.97 6.18 1.87
C LYS A 566 -8.50 6.93 3.10
N GLN A 567 -8.03 6.21 4.12
CA GLN A 567 -7.71 6.85 5.39
C GLN A 567 -6.47 7.73 5.28
N LEU A 568 -5.35 7.13 4.90
CA LEU A 568 -4.12 7.89 4.83
C LEU A 568 -4.15 8.88 3.69
N GLN A 569 -4.95 8.59 2.67
CA GLN A 569 -5.17 9.47 1.53
C GLN A 569 -5.56 10.86 1.98
N ALA A 570 -6.51 10.92 2.90
CA ALA A 570 -6.86 12.20 3.48
C ALA A 570 -5.73 12.79 4.28
N ARG A 571 -5.04 11.97 5.06
CA ARG A 571 -3.99 12.46 5.94
C ARG A 571 -2.80 12.98 5.17
N VAL A 572 -2.42 12.30 4.09
CA VAL A 572 -1.32 12.80 3.28
C VAL A 572 -1.78 14.03 2.50
N LEU A 573 -3.06 14.11 2.18
CA LEU A 573 -3.61 15.31 1.56
C LEU A 573 -3.61 16.46 2.55
N ALA A 574 -3.97 16.18 3.79
CA ALA A 574 -4.15 17.24 4.78
C ALA A 574 -2.82 17.88 5.11
N VAL A 575 -1.77 17.08 5.16
CA VAL A 575 -0.49 17.63 5.55
C VAL A 575 0.10 18.45 4.42
N GLU A 576 -0.11 18.01 3.17
CA GLU A 576 0.69 18.57 2.08
C GLU A 576 0.21 19.96 1.72
N ARG A 577 -1.10 20.18 1.71
CA ARG A 577 -1.58 21.50 1.36
C ARG A 577 -1.45 22.44 2.55
N TYR A 578 -1.43 21.89 3.76
CA TYR A 578 -1.02 22.68 4.91
C TYR A 578 0.40 23.17 4.74
N LEU A 579 1.29 22.30 4.28
CA LEU A 579 2.63 22.76 3.96
C LEU A 579 2.63 23.55 2.67
N GLY A 580 1.70 23.21 1.77
CA GLY A 580 1.66 23.89 0.49
C GLY A 580 1.32 25.36 0.63
N ASP A 581 0.42 25.67 1.56
CA ASP A 581 0.21 27.06 1.91
C ASP A 581 1.45 27.61 2.59
N GLN A 582 2.08 26.77 3.41
CA GLN A 582 3.11 27.26 4.31
C GLN A 582 4.40 27.58 3.55
N GLN A 583 4.75 26.75 2.57
CA GLN A 583 5.88 27.08 1.71
C GLN A 583 5.59 28.35 0.93
N LEU A 584 4.43 28.38 0.27
CA LEU A 584 4.16 29.39 -0.73
C LEU A 584 3.97 30.76 -0.08
N LEU A 585 3.53 30.79 1.17
CA LEU A 585 3.56 32.06 1.88
C LEU A 585 4.99 32.39 2.26
N GLY A 586 5.74 31.39 2.75
CA GLY A 586 6.96 31.67 3.48
C GLY A 586 8.06 32.22 2.58
N ILE A 587 8.01 31.85 1.31
CA ILE A 587 8.97 32.39 0.36
C ILE A 587 8.53 33.77 -0.09
N TRP A 588 7.28 34.11 0.18
CA TRP A 588 6.70 35.29 -0.46
C TRP A 588 6.29 36.30 0.59
N GLY A 589 5.95 35.83 1.78
CA GLY A 589 5.79 36.68 2.95
C GLY A 589 5.31 35.87 4.13
N CYS A 590 5.95 36.00 5.27
CA CYS A 590 5.64 35.13 6.41
C CYS A 590 4.32 35.54 7.04
N SER A 591 3.64 34.56 7.63
CA SER A 591 2.32 34.76 8.20
C SER A 591 2.35 35.34 9.61
N GLY A 592 3.48 35.88 10.03
CA GLY A 592 3.52 36.58 11.30
C GLY A 592 2.61 37.78 11.33
N LYS A 593 2.51 38.48 10.20
CA LYS A 593 1.42 39.41 9.97
C LYS A 593 0.52 38.84 8.88
N LEU A 594 -0.79 39.01 9.06
CA LEU A 594 -1.75 38.41 8.14
C LEU A 594 -1.82 39.18 6.82
N ILE A 595 -1.52 40.46 6.87
CA ILE A 595 -1.49 41.30 5.68
C ILE A 595 -0.05 41.56 5.28
N CYS A 596 0.32 41.15 4.08
CA CYS A 596 1.72 41.19 3.65
C CYS A 596 1.96 42.45 2.85
N THR A 597 2.39 43.51 3.53
CA THR A 597 2.76 44.78 2.89
C THR A 597 4.07 45.26 3.50
N THR A 598 5.19 44.88 2.89
CA THR A 598 6.45 45.56 3.13
C THR A 598 6.69 46.56 2.02
N ALA A 599 5.66 47.38 1.75
CA ALA A 599 5.51 48.13 0.50
C ALA A 599 5.73 47.24 -0.72
N VAL A 600 5.05 46.11 -0.72
CA VAL A 600 4.99 45.24 -1.91
C VAL A 600 4.31 46.01 -3.04
N PRO A 601 4.78 45.91 -4.28
CA PRO A 601 4.63 47.03 -5.21
C PRO A 601 3.25 47.11 -5.84
N TRP A 602 3.01 48.27 -6.44
CA TRP A 602 1.77 48.59 -7.13
C TRP A 602 1.56 47.72 -8.38
N ASN A 603 0.36 47.76 -8.98
CA ASN A 603 0.12 46.83 -10.13
C ASN A 603 -0.60 47.48 -11.31
N ALA A 604 -0.91 48.79 -11.25
CA ALA A 604 -1.73 49.44 -12.29
C ALA A 604 -1.07 49.56 -13.68
N SER A 605 0.04 48.86 -13.97
CA SER A 605 0.59 48.92 -15.33
C SER A 605 -0.05 47.88 -16.22
N TRP A 606 -0.45 46.74 -15.65
CA TRP A 606 -1.12 45.69 -16.40
C TRP A 606 -2.32 45.09 -15.69
N SER A 607 -2.53 45.38 -14.40
CA SER A 607 -3.77 45.00 -13.76
C SER A 607 -4.95 45.73 -14.37
N ASN A 608 -4.97 47.06 -14.22
CA ASN A 608 -5.88 47.98 -14.90
C ASN A 608 -7.35 47.68 -14.62
N LYS A 609 -7.62 47.04 -13.49
CA LYS A 609 -8.98 46.65 -13.14
C LYS A 609 -9.68 47.89 -12.58
N SER A 610 -10.38 48.61 -13.46
CA SER A 610 -10.83 49.97 -13.18
C SER A 610 -11.87 50.02 -12.08
N LEU A 611 -11.44 50.46 -10.90
CA LEU A 611 -12.28 50.49 -9.72
C LEU A 611 -11.61 51.41 -8.71
N ASP A 612 -12.42 51.99 -7.83
CA ASP A 612 -11.90 52.74 -6.71
C ASP A 612 -12.33 52.03 -5.43
N ARG A 613 -11.90 52.57 -4.30
CA ARG A 613 -11.98 51.82 -3.06
C ARG A 613 -13.40 51.80 -2.51
N ILE A 614 -14.18 52.86 -2.75
CA ILE A 614 -15.50 52.91 -2.15
C ILE A 614 -16.46 51.97 -2.88
N TRP A 615 -16.17 51.66 -4.14
CA TRP A 615 -16.94 50.60 -4.80
C TRP A 615 -16.37 49.23 -4.47
N ASN A 616 -15.12 49.19 -4.03
CA ASN A 616 -14.67 47.99 -3.32
C ASN A 616 -15.23 47.99 -1.90
N ASN A 617 -15.64 49.15 -1.38
CA ASN A 617 -16.36 49.15 -0.13
C ASN A 617 -17.85 48.92 -0.31
N MET A 618 -18.32 48.69 -1.55
CA MET A 618 -19.65 48.16 -1.82
C MET A 618 -19.53 47.11 -2.93
N THR A 619 -19.21 45.87 -2.54
CA THR A 619 -19.03 44.79 -3.48
C THR A 619 -19.09 43.47 -2.73
N TRP A 620 -18.90 42.38 -3.47
CA TRP A 620 -18.50 41.09 -2.92
C TRP A 620 -17.12 40.78 -3.47
N MET A 621 -16.41 39.82 -2.86
CA MET A 621 -15.30 39.16 -3.52
C MET A 621 -15.80 38.23 -4.63
N GLU A 622 -16.47 38.77 -5.65
CA GLU A 622 -16.95 38.00 -6.79
C GLU A 622 -16.03 38.20 -7.97
N TRP A 623 -15.83 39.46 -8.36
CA TRP A 623 -14.78 39.73 -9.33
C TRP A 623 -13.42 39.48 -8.71
N GLU A 624 -13.33 39.63 -7.38
CA GLU A 624 -12.06 39.41 -6.70
C GLU A 624 -11.66 37.95 -6.72
N ARG A 625 -12.62 37.04 -6.91
CA ARG A 625 -12.22 35.66 -7.18
C ARG A 625 -12.15 35.35 -8.66
N GLU A 626 -12.19 36.36 -9.52
CA GLU A 626 -11.90 36.17 -10.92
C GLU A 626 -11.13 37.34 -11.53
N ILE A 627 -10.21 37.94 -10.76
CA ILE A 627 -9.21 38.81 -11.35
C ILE A 627 -8.08 37.99 -11.93
N ASP A 628 -7.33 37.29 -11.07
CA ASP A 628 -6.12 36.61 -11.49
C ASP A 628 -6.37 35.17 -11.89
N ASN A 629 -7.54 34.85 -12.39
CA ASN A 629 -7.64 33.77 -13.34
C ASN A 629 -7.39 34.25 -14.76
N TYR A 630 -7.83 35.46 -15.07
CA TYR A 630 -7.36 36.12 -16.28
C TYR A 630 -5.93 36.60 -16.10
N THR A 631 -5.58 37.04 -14.89
CA THR A 631 -4.31 37.72 -14.71
C THR A 631 -3.45 37.13 -13.60
N SER A 632 -3.33 35.80 -13.54
CA SER A 632 -2.43 35.13 -12.59
C SER A 632 -0.97 35.51 -12.76
N GLU A 633 -0.62 36.06 -13.93
CA GLU A 633 0.66 36.74 -14.15
C GLU A 633 0.97 37.78 -13.08
N ILE A 634 -0.06 38.48 -12.58
CA ILE A 634 0.13 39.45 -11.51
C ILE A 634 0.60 38.75 -10.25
N TYR A 635 -0.01 37.60 -9.94
CA TYR A 635 0.39 36.81 -8.79
C TYR A 635 1.84 36.33 -8.90
N THR A 636 2.24 35.94 -10.11
CA THR A 636 3.58 35.41 -10.30
C THR A 636 4.61 36.52 -10.26
N LEU A 637 4.25 37.72 -10.72
CA LEU A 637 5.26 38.76 -10.80
C LEU A 637 5.54 39.38 -9.44
N ILE A 638 4.65 39.18 -8.47
CA ILE A 638 4.98 39.65 -7.14
C ILE A 638 5.96 38.68 -6.49
N GLU A 639 5.95 37.42 -6.92
CA GLU A 639 6.91 36.46 -6.43
C GLU A 639 8.33 36.81 -6.85
N GLU A 640 8.52 37.14 -8.13
CA GLU A 640 9.86 37.52 -8.56
C GLU A 640 10.24 38.88 -7.99
N SER A 641 9.26 39.75 -7.75
CA SER A 641 9.58 41.01 -7.12
C SER A 641 9.91 40.82 -5.65
N GLN A 642 9.28 39.82 -5.02
CA GLN A 642 9.76 39.36 -3.72
C GLN A 642 11.18 38.82 -3.83
N ASN A 643 11.46 38.10 -4.91
CA ASN A 643 12.80 37.59 -5.14
C ASN A 643 13.76 38.72 -5.49
N GLN A 644 13.28 39.72 -6.23
CA GLN A 644 14.16 40.80 -6.65
C GLN A 644 14.44 41.77 -5.51
N GLN A 645 13.48 41.97 -4.62
CA GLN A 645 13.70 42.90 -3.52
C GLN A 645 14.60 42.30 -2.46
N GLU A 646 14.71 40.98 -2.42
CA GLU A 646 15.50 40.35 -1.37
C GLU A 646 16.92 40.05 -1.82
N LYS A 647 17.14 40.01 -3.14
CA LYS A 647 18.47 39.64 -3.64
C LYS A 647 19.45 40.79 -3.55
N ASN A 648 19.01 41.98 -3.15
CA ASN A 648 19.92 43.11 -3.07
C ASN A 648 20.23 43.48 -1.63
N GLU A 649 19.38 43.05 -0.68
CA GLU A 649 19.46 43.60 0.67
C GLU A 649 20.27 42.72 1.61
N GLN A 650 20.08 41.40 1.55
CA GLN A 650 20.72 40.50 2.50
C GLN A 650 22.21 40.32 2.20
N GLU A 651 22.56 40.23 0.91
CA GLU A 651 23.97 40.10 0.55
C GLU A 651 24.71 41.42 0.71
N LEU A 652 23.98 42.54 0.87
CA LEU A 652 24.62 43.82 1.16
C LEU A 652 25.23 43.82 2.55
N LEU A 653 24.57 43.19 3.53
CA LEU A 653 25.16 43.03 4.85
C LEU A 653 26.24 41.94 4.84
N GLU A 654 26.21 41.05 3.85
CA GLU A 654 27.24 40.03 3.72
C GLU A 654 28.55 40.65 3.26
N LEU A 655 28.53 41.33 2.11
CA LEU A 655 29.73 41.99 1.61
C LEU A 655 29.42 43.43 1.19
N THR B 31 8.36 37.76 43.64
CA THR B 31 8.49 36.37 43.20
C THR B 31 7.14 35.81 42.79
N GLU B 32 6.22 36.71 42.45
CA GLU B 32 4.85 36.28 42.18
C GLU B 32 4.33 36.76 40.83
N LYS B 33 5.18 36.84 39.79
CA LYS B 33 4.63 37.01 38.45
C LYS B 33 3.83 35.77 38.05
N LEU B 34 4.37 34.59 38.35
CA LEU B 34 3.69 33.30 38.26
C LEU B 34 3.10 33.05 36.89
N TRP B 35 3.80 33.47 35.85
CA TRP B 35 3.31 33.16 34.53
C TRP B 35 3.53 31.69 34.24
N VAL B 36 2.70 31.13 33.42
CA VAL B 36 2.97 29.79 32.95
C VAL B 36 4.03 29.89 31.87
N THR B 37 4.74 28.79 31.63
CA THR B 37 5.79 28.74 30.63
C THR B 37 5.61 27.48 29.83
N VAL B 38 5.58 27.62 28.51
CA VAL B 38 5.52 26.44 27.66
C VAL B 38 6.89 25.79 27.68
N TYR B 39 6.94 24.48 27.55
CA TYR B 39 8.19 23.75 27.46
C TYR B 39 8.10 22.75 26.32
N TYR B 40 9.13 22.71 25.50
CA TYR B 40 9.21 21.71 24.46
C TYR B 40 10.43 20.85 24.72
N GLY B 41 10.20 19.58 25.04
CA GLY B 41 11.28 18.64 25.24
C GLY B 41 11.57 18.25 26.67
N VAL B 42 10.63 18.44 27.59
CA VAL B 42 10.78 17.89 28.94
C VAL B 42 10.69 16.38 28.80
N PRO B 43 11.70 15.65 29.20
CA PRO B 43 11.78 14.23 28.86
C PRO B 43 10.81 13.35 29.64
N VAL B 44 9.51 13.43 29.31
CA VAL B 44 8.51 12.63 29.98
C VAL B 44 8.04 11.56 29.03
N TRP B 45 7.30 10.61 29.57
CA TRP B 45 6.79 9.53 28.74
C TRP B 45 5.52 9.00 29.36
N LYS B 46 4.67 8.44 28.50
CA LYS B 46 3.51 7.69 28.95
C LYS B 46 3.47 6.41 28.16
N GLU B 47 2.80 5.41 28.71
CA GLU B 47 2.72 4.13 28.02
C GLU B 47 1.66 4.21 26.95
N ALA B 48 1.97 3.65 25.79
CA ALA B 48 1.09 3.79 24.63
C ALA B 48 1.23 2.56 23.75
N THR B 49 0.58 2.60 22.60
CA THR B 49 0.66 1.57 21.59
C THR B 49 1.09 2.22 20.29
N THR B 50 1.93 1.54 19.53
CA THR B 50 2.58 2.13 18.37
C THR B 50 2.90 1.02 17.38
N THR B 51 2.81 1.35 16.10
CA THR B 51 3.35 0.46 15.08
C THR B 51 4.85 0.29 15.21
N LEU B 52 5.37 -0.80 14.67
CA LEU B 52 6.76 -1.17 14.83
C LEU B 52 7.52 -0.97 13.53
N PHE B 53 8.79 -1.34 13.53
CA PHE B 53 9.72 -0.93 12.48
C PHE B 53 10.97 -1.78 12.63
N CYS B 54 11.41 -2.42 11.55
CA CYS B 54 12.43 -3.44 11.73
C CYS B 54 13.82 -2.83 11.84
N ALA B 55 14.78 -3.67 12.22
CA ALA B 55 16.19 -3.39 12.14
C ALA B 55 16.93 -4.72 12.13
N SER B 56 17.78 -4.90 11.12
CA SER B 56 18.66 -6.06 11.07
C SER B 56 19.86 -5.65 10.21
N ASP B 57 20.97 -5.34 10.87
CA ASP B 57 22.16 -4.97 10.13
C ASP B 57 22.96 -6.18 9.68
N ALA B 58 22.45 -7.39 9.93
CA ALA B 58 23.11 -8.59 9.43
C ALA B 58 22.82 -8.78 7.94
N LYS B 59 21.84 -8.07 7.39
CA LYS B 59 21.62 -8.08 5.95
C LYS B 59 22.83 -7.50 5.23
N ALA B 60 23.44 -6.48 5.83
CA ALA B 60 24.71 -5.98 5.33
C ALA B 60 25.84 -6.95 5.62
N TYR B 61 25.69 -7.77 6.66
CA TYR B 61 26.76 -8.71 7.01
C TYR B 61 26.79 -9.88 6.04
N ASP B 62 25.71 -10.66 5.99
CA ASP B 62 25.60 -11.74 5.02
C ASP B 62 24.30 -11.60 4.24
N THR B 63 24.42 -11.67 2.91
CA THR B 63 23.28 -11.73 2.01
C THR B 63 23.54 -12.94 1.11
N GLU B 64 23.14 -14.11 1.61
CA GLU B 64 23.33 -15.35 0.87
C GLU B 64 22.30 -15.46 -0.26
N VAL B 65 21.02 -15.37 0.09
CA VAL B 65 19.96 -15.43 -0.90
C VAL B 65 18.83 -14.55 -0.37
N HIS B 66 17.93 -14.15 -1.27
CA HIS B 66 16.85 -13.24 -0.95
C HIS B 66 15.55 -13.98 -0.66
N ASN B 67 15.66 -15.13 0.00
CA ASN B 67 14.56 -16.06 0.24
C ASN B 67 14.16 -16.17 1.71
N VAL B 68 15.11 -16.42 2.60
CA VAL B 68 14.89 -16.06 4.00
C VAL B 68 14.61 -14.58 4.10
N TRP B 69 15.34 -13.77 3.32
CA TRP B 69 15.04 -12.35 3.17
C TRP B 69 13.66 -12.13 2.53
N ALA B 70 13.19 -13.06 1.71
CA ALA B 70 11.79 -12.95 1.28
C ALA B 70 10.85 -13.22 2.45
N THR B 71 11.17 -14.20 3.30
CA THR B 71 10.39 -14.35 4.51
C THR B 71 10.71 -13.27 5.53
N HIS B 72 11.92 -12.69 5.47
CA HIS B 72 12.29 -11.71 6.48
C HIS B 72 13.08 -10.59 5.80
N ALA B 73 12.36 -9.61 5.26
CA ALA B 73 12.95 -8.45 4.63
C ALA B 73 12.99 -7.29 5.60
N CYS B 74 14.12 -6.60 5.64
CA CYS B 74 14.31 -5.62 6.70
C CYS B 74 15.37 -4.61 6.31
N VAL B 75 15.31 -3.46 6.95
CA VAL B 75 16.17 -2.32 6.63
C VAL B 75 17.42 -2.41 7.48
N PRO B 76 18.57 -1.96 6.98
CA PRO B 76 19.76 -1.93 7.83
C PRO B 76 19.92 -0.59 8.50
N THR B 77 20.48 -0.60 9.70
CA THR B 77 20.54 0.57 10.56
C THR B 77 22.00 0.87 10.90
N ASP B 78 22.28 1.86 11.73
CA ASP B 78 23.62 2.17 12.20
C ASP B 78 24.07 1.11 13.17
N PRO B 79 25.18 0.43 12.91
CA PRO B 79 25.81 -0.35 13.99
C PRO B 79 26.41 0.58 15.02
N ASN B 80 26.59 0.06 16.24
CA ASN B 80 26.98 0.78 17.45
C ASN B 80 25.98 1.89 17.76
N PRO B 81 24.79 1.57 18.26
CA PRO B 81 23.88 2.61 18.73
C PRO B 81 24.31 3.15 20.08
N GLN B 82 23.52 4.07 20.61
CA GLN B 82 23.81 4.69 21.89
C GLN B 82 22.70 4.34 22.88
N GLU B 83 23.07 3.61 23.94
CA GLU B 83 22.13 3.17 24.94
C GLU B 83 22.55 3.77 26.27
N VAL B 84 21.69 4.60 26.84
CA VAL B 84 22.08 5.47 27.93
C VAL B 84 21.36 4.99 29.18
N VAL B 85 22.09 4.93 30.29
CA VAL B 85 21.57 4.27 31.48
C VAL B 85 21.06 5.32 32.46
N LEU B 86 19.82 5.15 32.92
CA LEU B 86 19.18 6.13 33.80
C LEU B 86 18.72 5.40 35.05
N GLU B 87 19.61 5.32 36.02
CA GLU B 87 19.40 4.48 37.19
C GLU B 87 18.81 5.25 38.36
N ASN B 88 17.81 6.08 38.08
CA ASN B 88 17.15 6.76 39.18
C ASN B 88 15.67 6.43 39.19
N VAL B 89 15.04 6.50 38.02
CA VAL B 89 13.61 6.21 37.92
C VAL B 89 13.43 4.70 37.85
N THR B 90 12.50 4.18 38.65
CA THR B 90 12.31 2.76 38.84
C THR B 90 10.83 2.34 38.83
N GLU B 91 10.07 2.81 37.85
CA GLU B 91 8.64 2.55 37.83
C GLU B 91 8.37 1.09 37.45
N HIS B 92 7.12 0.69 37.64
CA HIS B 92 6.74 -0.70 37.45
C HIS B 92 6.68 -1.08 35.99
N PHE B 93 7.11 -2.29 35.68
CA PHE B 93 7.11 -2.79 34.32
C PHE B 93 6.08 -3.90 34.20
N ASN B 94 5.06 -3.65 33.41
CA ASN B 94 3.93 -4.55 33.30
C ASN B 94 4.27 -5.75 32.42
N MET B 95 4.96 -6.70 33.02
CA MET B 95 5.02 -8.03 32.45
C MET B 95 3.63 -8.65 32.48
N TRP B 96 3.37 -9.51 31.49
CA TRP B 96 2.20 -10.36 31.25
C TRP B 96 1.01 -9.59 30.70
N LYS B 97 1.06 -8.28 30.76
CA LYS B 97 0.08 -7.46 30.06
C LYS B 97 0.78 -6.61 29.02
N ASN B 98 2.00 -6.99 28.68
CA ASN B 98 2.85 -6.16 27.86
C ASN B 98 2.33 -6.10 26.43
N ASN B 99 2.66 -4.99 25.78
CA ASN B 99 2.05 -4.66 24.51
C ASN B 99 2.61 -5.54 23.40
N MET B 100 3.94 -5.57 23.27
CA MET B 100 4.60 -6.02 22.05
C MET B 100 4.39 -7.49 21.79
N VAL B 101 4.09 -8.26 22.84
CA VAL B 101 3.82 -9.69 22.69
C VAL B 101 2.63 -9.90 21.78
N GLU B 102 1.64 -9.02 21.89
CA GLU B 102 0.49 -9.12 21.02
C GLU B 102 0.82 -8.75 19.59
N GLN B 103 1.46 -7.59 19.40
CA GLN B 103 1.48 -6.99 18.07
C GLN B 103 2.42 -7.73 17.14
N MET B 104 3.53 -8.22 17.67
CA MET B 104 4.41 -8.97 16.80
C MET B 104 3.84 -10.35 16.54
N GLN B 105 2.95 -10.82 17.40
CA GLN B 105 2.40 -12.16 17.22
C GLN B 105 1.54 -12.19 15.97
N GLU B 106 0.66 -11.21 15.81
CA GLU B 106 -0.12 -11.14 14.61
C GLU B 106 0.72 -10.72 13.40
N ASP B 107 1.89 -10.13 13.63
CA ASP B 107 2.79 -9.85 12.52
C ASP B 107 3.25 -11.13 11.86
N ILE B 108 3.85 -12.02 12.65
CA ILE B 108 4.63 -13.14 12.12
C ILE B 108 3.74 -14.10 11.36
N ILE B 109 2.47 -14.22 11.79
CA ILE B 109 1.51 -15.04 11.06
C ILE B 109 1.31 -14.49 9.66
N SER B 110 1.24 -13.16 9.54
CA SER B 110 1.08 -12.54 8.24
C SER B 110 2.34 -12.67 7.41
N LEU B 111 3.52 -12.64 8.06
CA LEU B 111 4.75 -12.92 7.33
C LEU B 111 4.75 -14.34 6.80
N TRP B 112 4.31 -15.29 7.63
CA TRP B 112 4.14 -16.65 7.15
C TRP B 112 3.04 -16.75 6.13
N ASP B 113 2.03 -15.90 6.24
CA ASP B 113 0.98 -15.91 5.24
C ASP B 113 1.47 -15.31 3.94
N GLN B 114 2.28 -14.24 4.04
CA GLN B 114 2.75 -13.54 2.85
C GLN B 114 3.64 -14.42 2.00
N SER B 115 4.52 -15.18 2.64
CA SER B 115 5.40 -16.06 1.88
C SER B 115 4.65 -17.25 1.33
N LEU B 116 3.48 -17.56 1.88
CA LEU B 116 2.84 -18.80 1.47
C LEU B 116 1.89 -18.59 0.31
N LYS B 117 1.26 -17.41 0.25
CA LYS B 117 0.24 -17.13 -0.75
C LYS B 117 0.68 -17.29 -2.21
N PRO B 118 1.86 -16.84 -2.67
CA PRO B 118 2.19 -17.11 -4.07
C PRO B 118 2.63 -18.53 -4.31
N CYS B 119 2.94 -19.30 -3.28
CA CYS B 119 3.32 -20.69 -3.49
C CYS B 119 2.10 -21.51 -3.86
N VAL B 120 2.35 -22.68 -4.48
CA VAL B 120 1.28 -23.50 -5.01
C VAL B 120 0.52 -24.18 -3.88
N LYS B 121 -0.59 -24.82 -4.25
CA LYS B 121 -1.48 -25.46 -3.29
C LYS B 121 -1.74 -26.89 -3.75
N LEU B 122 -1.20 -27.86 -3.02
CA LEU B 122 -1.20 -29.26 -3.44
C LEU B 122 -2.60 -29.85 -3.35
N THR B 123 -3.48 -29.39 -4.21
CA THR B 123 -4.90 -29.56 -3.94
C THR B 123 -5.41 -30.96 -4.25
N PRO B 124 -5.21 -31.55 -5.47
CA PRO B 124 -5.90 -32.82 -5.73
C PRO B 124 -5.23 -34.04 -5.11
N LEU B 125 -4.20 -33.87 -4.28
CA LEU B 125 -3.59 -35.04 -3.65
C LEU B 125 -4.25 -35.46 -2.35
N CYS B 126 -5.52 -35.14 -2.15
CA CYS B 126 -6.19 -35.68 -0.98
C CYS B 126 -6.69 -37.09 -1.20
N VAL B 127 -6.42 -37.64 -2.39
CA VAL B 127 -6.86 -38.97 -2.73
C VAL B 127 -6.15 -40.02 -1.87
N THR B 128 -6.79 -41.17 -1.72
CA THR B 128 -6.26 -42.26 -0.92
C THR B 128 -4.99 -42.82 -1.52
N LEU B 129 -4.14 -43.35 -0.66
CA LEU B 129 -2.78 -43.72 -1.02
C LEU B 129 -2.58 -45.18 -0.68
N ASN B 130 -2.40 -46.01 -1.69
CA ASN B 130 -2.08 -47.41 -1.45
C ASN B 130 -0.61 -47.49 -1.08
N CYS B 131 -0.32 -48.04 0.10
CA CYS B 131 1.02 -47.98 0.64
C CYS B 131 1.52 -49.37 0.98
N LYS B 132 2.81 -49.60 0.69
CA LYS B 132 3.51 -50.81 1.09
C LYS B 132 4.68 -50.43 1.97
N ASP B 133 5.22 -51.42 2.68
CA ASP B 133 6.24 -51.13 3.67
C ASP B 133 7.62 -51.31 3.08
N VAL B 134 8.44 -50.27 3.15
CA VAL B 134 9.83 -50.39 2.75
C VAL B 134 10.60 -51.16 3.81
N ASN B 135 11.35 -52.17 3.38
CA ASN B 135 11.97 -53.11 4.31
C ASN B 135 13.42 -53.32 3.92
N ALA B 136 14.27 -53.51 4.92
CA ALA B 136 15.69 -53.77 4.71
C ALA B 136 16.27 -54.59 5.86
N ARG B 149 9.38 -51.05 14.53
CA ARG B 149 9.64 -49.95 13.62
C ARG B 149 8.84 -50.09 12.33
N GLY B 150 9.31 -49.43 11.27
CA GLY B 150 8.52 -49.31 10.06
C GLY B 150 7.95 -47.91 9.96
N GLU B 151 8.77 -46.91 10.26
CA GLU B 151 8.33 -45.52 10.23
C GLU B 151 8.05 -45.06 8.82
N ILE B 152 9.08 -45.07 7.97
CA ILE B 152 8.91 -44.59 6.61
C ILE B 152 8.22 -45.68 5.79
N LYS B 153 7.40 -45.25 4.83
CA LYS B 153 6.63 -46.16 4.00
C LYS B 153 6.51 -45.60 2.60
N ASN B 154 6.69 -46.48 1.62
CA ASN B 154 6.45 -46.10 0.24
C ASN B 154 4.97 -46.22 -0.06
N CYS B 155 4.50 -45.42 -1.01
CA CYS B 155 3.08 -45.39 -1.33
C CYS B 155 2.90 -45.24 -2.83
N SER B 156 1.68 -45.49 -3.30
CA SER B 156 1.32 -45.35 -4.70
C SER B 156 -0.17 -45.06 -4.81
N PHE B 157 -0.55 -44.32 -5.86
CA PHE B 157 -1.96 -43.86 -5.96
C PHE B 157 -2.27 -43.40 -7.39
N ASN B 158 -3.48 -42.89 -7.60
CA ASN B 158 -3.86 -42.34 -8.93
C ASN B 158 -3.70 -40.82 -8.87
N ILE B 159 -3.11 -40.21 -9.90
CA ILE B 159 -3.02 -38.72 -9.91
C ILE B 159 -3.46 -38.18 -11.28
N THR B 160 -4.45 -37.28 -11.30
CA THR B 160 -4.80 -36.64 -12.56
C THR B 160 -3.94 -35.40 -12.72
N THR B 161 -3.22 -35.31 -13.83
CA THR B 161 -2.31 -34.22 -14.12
C THR B 161 -3.06 -32.99 -14.65
N SER B 162 -2.30 -32.08 -15.27
CA SER B 162 -2.78 -30.89 -15.96
C SER B 162 -3.96 -31.15 -16.90
N ILE B 163 -3.75 -31.97 -17.93
CA ILE B 163 -4.83 -32.20 -18.89
C ILE B 163 -5.19 -33.67 -19.00
N ARG B 164 -4.28 -34.50 -19.51
CA ARG B 164 -4.58 -35.92 -19.69
C ARG B 164 -3.32 -36.76 -19.72
N ASP B 165 -3.06 -37.40 -18.58
CA ASP B 165 -2.12 -38.49 -18.32
C ASP B 165 -2.50 -39.08 -16.96
N GLU B 166 -2.37 -40.39 -16.79
CA GLU B 166 -2.72 -41.00 -15.51
C GLU B 166 -1.64 -41.95 -15.05
N VAL B 167 -1.02 -41.68 -13.91
CA VAL B 167 0.13 -42.53 -13.48
C VAL B 167 -0.37 -43.65 -12.56
N GLN B 168 0.16 -44.86 -12.75
CA GLN B 168 -0.31 -46.04 -11.97
C GLN B 168 0.30 -46.04 -10.57
N LYS B 169 1.61 -46.26 -10.48
CA LYS B 169 2.24 -46.37 -9.14
C LYS B 169 3.26 -45.25 -8.93
N GLU B 170 2.80 -44.03 -8.62
CA GLU B 170 3.74 -42.97 -8.29
C GLU B 170 4.61 -43.43 -7.13
N TYR B 171 5.94 -43.29 -7.22
CA TYR B 171 6.77 -43.81 -6.10
C TYR B 171 6.84 -42.76 -4.97
N ALA B 172 5.73 -42.52 -4.26
CA ALA B 172 5.69 -41.47 -3.20
C ALA B 172 6.11 -42.08 -1.85
N LEU B 173 7.02 -41.44 -1.11
CA LEU B 173 7.57 -41.99 0.11
C LEU B 173 7.14 -41.15 1.29
N PHE B 174 6.66 -41.80 2.34
CA PHE B 174 6.06 -41.09 3.46
C PHE B 174 6.49 -41.68 4.79
N TYR B 175 6.42 -40.82 5.81
CA TYR B 175 6.68 -41.19 7.19
C TYR B 175 5.51 -41.93 7.80
N LYS B 176 5.70 -42.33 9.06
CA LYS B 176 4.58 -42.84 9.83
C LYS B 176 3.60 -41.73 10.18
N LEU B 177 4.11 -40.63 10.70
CA LEU B 177 3.23 -39.67 11.36
C LEU B 177 2.77 -38.57 10.42
N ASP B 178 2.29 -38.96 9.25
CA ASP B 178 1.59 -38.03 8.37
C ASP B 178 0.42 -38.70 7.66
N VAL B 179 0.13 -39.96 7.98
CA VAL B 179 -0.96 -40.68 7.34
C VAL B 179 -2.01 -41.07 8.37
N VAL B 180 -3.23 -41.28 7.92
CA VAL B 180 -4.32 -41.80 8.73
C VAL B 180 -4.84 -43.07 8.06
N PRO B 181 -4.97 -44.18 8.79
CA PRO B 181 -5.73 -45.33 8.26
C PRO B 181 -7.19 -44.99 8.11
N ILE B 182 -7.72 -45.19 6.90
CA ILE B 182 -9.16 -45.16 6.69
C ILE B 182 -9.80 -46.31 7.45
N ASP B 183 -9.19 -47.49 7.37
CA ASP B 183 -9.52 -48.60 8.23
C ASP B 183 -8.20 -49.21 8.73
N ASN B 184 -8.28 -49.96 9.83
CA ASN B 184 -7.06 -50.48 10.45
C ASN B 184 -6.45 -51.61 9.62
N ASN B 185 -7.29 -52.54 9.15
CA ASN B 185 -6.78 -53.63 8.31
C ASN B 185 -6.50 -53.16 6.90
N ASN B 186 -7.04 -52.01 6.52
CA ASN B 186 -6.78 -51.43 5.22
C ASN B 186 -5.31 -51.02 5.11
N THR B 187 -4.70 -51.33 3.97
CA THR B 187 -3.37 -50.83 3.66
C THR B 187 -3.41 -49.46 3.00
N SER B 188 -4.58 -48.85 2.88
CA SER B 188 -4.67 -47.52 2.30
C SER B 188 -4.70 -46.48 3.42
N TYR B 189 -4.08 -45.35 3.14
CA TYR B 189 -3.88 -44.32 4.14
C TYR B 189 -4.16 -42.97 3.50
N ARG B 190 -4.55 -42.00 4.32
CA ARG B 190 -4.92 -40.68 3.82
C ARG B 190 -4.10 -39.67 4.58
N LEU B 191 -3.91 -38.51 3.96
CA LEU B 191 -3.27 -37.37 4.62
C LEU B 191 -4.08 -36.96 5.83
N ILE B 192 -3.39 -36.62 6.92
CA ILE B 192 -4.04 -36.43 8.22
C ILE B 192 -4.96 -35.23 8.22
N SER B 193 -4.38 -34.05 8.00
CA SER B 193 -5.14 -32.81 8.13
C SER B 193 -5.78 -32.39 6.83
N CYS B 194 -6.15 -33.36 6.00
CA CYS B 194 -6.67 -33.07 4.67
C CYS B 194 -8.16 -32.79 4.69
N ASP B 195 -8.74 -32.61 5.87
CA ASP B 195 -10.08 -32.03 5.93
C ASP B 195 -10.06 -30.57 5.52
N THR B 196 -8.98 -29.86 5.82
CA THR B 196 -8.89 -28.44 5.52
C THR B 196 -7.65 -28.22 4.66
N SER B 197 -7.26 -26.96 4.50
CA SER B 197 -6.27 -26.58 3.48
C SER B 197 -4.84 -27.00 3.88
N VAL B 198 -4.61 -28.30 3.81
CA VAL B 198 -3.27 -28.87 4.00
C VAL B 198 -2.39 -28.54 2.80
N ILE B 199 -3.01 -28.16 1.69
CA ILE B 199 -2.45 -28.24 0.36
C ILE B 199 -1.31 -27.26 0.13
N THR B 200 -1.13 -26.28 1.00
CA THR B 200 -0.03 -25.35 0.84
C THR B 200 1.30 -26.01 1.14
N GLN B 201 2.25 -25.85 0.21
CA GLN B 201 3.63 -26.28 0.42
C GLN B 201 4.52 -25.09 0.17
N ALA B 202 5.66 -25.07 0.84
CA ALA B 202 6.53 -23.91 0.78
C ALA B 202 7.25 -23.84 -0.55
N CYS B 203 7.64 -22.64 -0.92
CA CYS B 203 8.42 -22.49 -2.14
C CYS B 203 9.84 -22.97 -1.89
N PRO B 204 10.29 -24.01 -2.60
CA PRO B 204 11.41 -24.82 -2.11
C PRO B 204 12.74 -24.13 -2.20
N LYS B 205 12.82 -23.03 -2.93
CA LYS B 205 14.04 -22.25 -2.97
C LYS B 205 14.21 -21.41 -1.70
N ILE B 206 13.19 -21.39 -0.84
CA ILE B 206 13.26 -20.56 0.35
C ILE B 206 13.69 -21.37 1.56
N SER B 207 14.62 -20.82 2.33
CA SER B 207 15.07 -21.46 3.56
C SER B 207 14.37 -20.80 4.75
N PHE B 208 14.64 -21.33 5.94
CA PHE B 208 13.86 -21.00 7.13
C PHE B 208 14.77 -20.72 8.31
N GLU B 209 15.76 -19.88 8.15
CA GLU B 209 16.75 -19.75 9.20
C GLU B 209 16.59 -18.41 9.90
N PRO B 210 16.74 -18.35 11.22
CA PRO B 210 16.46 -17.11 11.94
C PRO B 210 17.55 -16.09 11.72
N ILE B 211 17.11 -14.84 11.65
CA ILE B 211 18.03 -13.73 11.44
C ILE B 211 17.93 -12.88 12.70
N PRO B 212 19.02 -12.37 13.24
CA PRO B 212 18.91 -11.44 14.36
C PRO B 212 18.21 -10.16 13.95
N ILE B 213 17.02 -9.96 14.49
CA ILE B 213 16.15 -8.85 14.12
C ILE B 213 16.08 -7.92 15.32
N HIS B 214 15.77 -6.66 15.06
CA HIS B 214 15.64 -5.68 16.12
C HIS B 214 14.40 -4.85 15.85
N TYR B 215 13.51 -4.78 16.84
CA TYR B 215 12.34 -3.93 16.68
C TYR B 215 12.68 -2.50 17.02
N CYS B 216 12.05 -1.59 16.30
CA CYS B 216 12.23 -0.17 16.53
C CYS B 216 10.87 0.48 16.57
N ALA B 217 10.70 1.38 17.46
CA ALA B 217 9.57 2.27 17.26
C ALA B 217 10.06 3.51 16.52
N PRO B 218 9.17 4.22 15.84
CA PRO B 218 9.59 5.47 15.18
C PRO B 218 9.87 6.60 16.14
N ALA B 219 10.14 7.77 15.60
CA ALA B 219 10.48 8.92 16.40
C ALA B 219 9.28 9.38 17.22
N GLY B 220 9.56 10.03 18.34
CA GLY B 220 8.53 10.31 19.32
C GLY B 220 8.28 9.19 20.29
N PHE B 221 9.00 8.09 20.18
CA PHE B 221 8.79 6.92 21.01
C PHE B 221 10.14 6.48 21.54
N ALA B 222 10.12 5.49 22.42
CA ALA B 222 11.35 4.91 22.94
C ALA B 222 11.06 3.50 23.44
N ILE B 223 12.10 2.69 23.50
CA ILE B 223 12.02 1.34 24.04
C ILE B 223 12.78 1.31 25.34
N LEU B 224 12.28 0.57 26.32
CA LEU B 224 12.87 0.53 27.64
C LEU B 224 13.51 -0.82 27.89
N LYS B 225 14.38 -0.87 28.89
CA LYS B 225 15.14 -2.07 29.19
C LYS B 225 15.61 -2.02 30.63
N CYS B 226 15.54 -3.17 31.30
CA CYS B 226 15.78 -3.25 32.74
C CYS B 226 17.12 -3.92 33.02
N ASN B 227 18.03 -3.02 33.34
CA ASN B 227 19.39 -3.39 33.70
C ASN B 227 19.38 -3.86 35.17
N ASP B 228 18.19 -4.00 35.76
CA ASP B 228 18.18 -4.54 37.15
C ASP B 228 18.38 -6.04 37.00
N LYS B 229 19.11 -6.63 37.92
CA LYS B 229 19.46 -8.04 37.71
C LYS B 229 18.33 -8.94 38.19
N THR B 230 17.46 -9.28 37.24
CA THR B 230 16.52 -10.42 37.28
C THR B 230 15.57 -10.32 38.48
N PHE B 231 14.73 -9.29 38.42
CA PHE B 231 13.83 -8.98 39.53
C PHE B 231 12.81 -10.10 39.74
N ASN B 232 11.92 -10.32 38.77
CA ASN B 232 10.79 -11.24 38.83
C ASN B 232 10.10 -11.16 37.48
N GLY B 233 8.98 -11.85 37.31
CA GLY B 233 8.05 -11.46 36.27
C GLY B 233 7.61 -10.02 36.40
N LYS B 234 6.79 -9.72 37.39
CA LYS B 234 6.03 -8.48 37.39
C LYS B 234 6.42 -7.65 38.60
N GLY B 235 7.34 -6.72 38.40
CA GLY B 235 7.82 -5.90 39.49
C GLY B 235 8.50 -4.64 39.01
N PRO B 236 8.57 -3.63 39.87
CA PRO B 236 9.36 -2.44 39.53
C PRO B 236 10.83 -2.73 39.77
N CYS B 237 11.67 -2.42 38.77
CA CYS B 237 13.10 -2.72 38.86
C CYS B 237 13.91 -1.43 38.82
N LYS B 238 15.08 -1.45 39.45
CA LYS B 238 15.80 -0.21 39.73
C LYS B 238 16.67 0.21 38.55
N ASN B 239 17.67 -0.60 38.21
CA ASN B 239 18.63 -0.23 37.18
C ASN B 239 17.97 -0.40 35.82
N VAL B 240 17.72 0.70 35.12
CA VAL B 240 17.13 0.70 33.80
C VAL B 240 17.91 1.64 32.89
N SER B 241 17.51 1.67 31.64
CA SER B 241 18.25 2.40 30.61
C SER B 241 17.29 2.68 29.47
N THR B 242 17.76 3.44 28.50
CA THR B 242 17.03 3.66 27.26
C THR B 242 17.65 2.82 26.15
N VAL B 243 16.86 2.50 25.14
CA VAL B 243 17.31 1.76 23.97
C VAL B 243 16.43 2.13 22.79
N GLN B 244 17.06 2.41 21.65
CA GLN B 244 16.28 2.73 20.46
C GLN B 244 15.74 1.48 19.83
N CYS B 245 16.59 0.50 19.59
CA CYS B 245 16.17 -0.73 18.96
C CYS B 245 16.81 -1.87 19.72
N THR B 246 16.02 -2.90 19.97
CA THR B 246 16.41 -3.93 20.92
C THR B 246 17.56 -4.79 20.41
N HIS B 247 17.98 -5.71 21.27
CA HIS B 247 19.08 -6.60 20.94
C HIS B 247 18.59 -7.70 20.00
N GLY B 248 19.49 -8.61 19.69
CA GLY B 248 19.22 -9.62 18.68
C GLY B 248 18.14 -10.58 19.11
N ILE B 249 17.17 -10.75 18.23
CA ILE B 249 16.08 -11.67 18.45
C ILE B 249 16.13 -12.74 17.38
N ARG B 250 16.01 -13.98 17.79
CA ARG B 250 15.81 -15.09 16.88
C ARG B 250 14.33 -15.34 16.83
N PRO B 251 13.64 -14.93 15.79
CA PRO B 251 12.19 -15.19 15.72
C PRO B 251 11.94 -16.65 15.44
N VAL B 252 11.97 -17.44 16.50
CA VAL B 252 11.94 -18.89 16.39
C VAL B 252 10.71 -19.41 17.10
N VAL B 253 10.55 -20.72 17.05
CA VAL B 253 9.43 -21.41 17.67
C VAL B 253 9.96 -22.65 18.36
N SER B 254 9.43 -22.94 19.54
CA SER B 254 9.85 -24.13 20.28
C SER B 254 8.77 -24.57 21.24
N THR B 255 8.83 -25.85 21.61
CA THR B 255 7.88 -26.46 22.54
C THR B 255 8.62 -27.06 23.72
N GLN B 256 8.14 -26.74 24.93
CA GLN B 256 8.72 -27.04 26.25
C GLN B 256 10.23 -26.78 26.31
N LEU B 257 10.69 -25.78 25.58
CA LEU B 257 12.11 -25.62 25.34
C LEU B 257 12.30 -24.22 24.79
N LEU B 258 13.50 -23.66 24.89
CA LEU B 258 13.77 -22.31 24.32
C LEU B 258 15.18 -22.30 23.75
N LEU B 259 15.33 -21.82 22.52
CA LEU B 259 16.67 -21.93 21.88
C LEU B 259 17.25 -20.57 21.52
N ASN B 260 18.55 -20.40 21.73
CA ASN B 260 19.30 -19.21 21.34
C ASN B 260 18.81 -17.95 22.03
N GLY B 261 18.26 -18.08 23.23
CA GLY B 261 17.70 -16.93 23.92
C GLY B 261 18.76 -16.12 24.62
N SER B 262 18.47 -15.67 25.84
CA SER B 262 19.44 -14.95 26.64
C SER B 262 19.89 -15.85 27.79
N LEU B 263 20.71 -15.28 28.66
CA LEU B 263 21.26 -15.99 29.80
C LEU B 263 21.02 -15.19 31.06
N ALA B 264 21.29 -15.81 32.19
CA ALA B 264 21.22 -15.14 33.47
C ALA B 264 22.62 -14.95 34.03
N GLU B 265 23.00 -13.70 34.26
CA GLU B 265 24.27 -13.38 34.89
C GLU B 265 24.32 -13.87 36.33
N GLU B 266 23.18 -14.01 36.96
CA GLU B 266 23.00 -14.60 38.27
C GLU B 266 22.77 -16.09 38.11
N GLU B 267 22.20 -16.70 39.14
CA GLU B 267 21.69 -18.07 39.08
C GLU B 267 20.48 -18.17 38.14
N VAL B 268 19.95 -19.40 38.01
CA VAL B 268 18.73 -19.60 37.25
C VAL B 268 17.60 -18.83 37.89
N VAL B 269 16.82 -18.12 37.08
CA VAL B 269 15.69 -17.37 37.57
C VAL B 269 14.44 -17.86 36.84
N ILE B 270 13.29 -17.49 37.39
CA ILE B 270 12.01 -17.91 36.83
C ILE B 270 11.12 -16.69 36.65
N ARG B 271 10.04 -16.88 35.91
CA ARG B 271 9.06 -15.85 35.63
C ARG B 271 7.67 -16.47 35.77
N SER B 272 6.75 -15.76 36.41
CA SER B 272 5.47 -16.33 36.82
C SER B 272 4.47 -15.21 37.08
N ASP B 273 3.34 -15.57 37.71
CA ASP B 273 2.30 -14.60 38.07
C ASP B 273 1.45 -15.15 39.23
N ASN B 274 0.28 -14.56 39.49
CA ASN B 274 -0.57 -14.93 40.64
C ASN B 274 -1.19 -16.31 40.49
N PHE B 275 -2.11 -16.47 39.54
CA PHE B 275 -2.83 -17.74 39.48
C PHE B 275 -2.11 -18.77 38.66
N THR B 276 -0.86 -18.48 38.25
CA THR B 276 0.10 -19.54 38.00
C THR B 276 0.20 -20.45 39.20
N ASN B 277 0.23 -19.86 40.40
CA ASN B 277 0.24 -20.64 41.62
C ASN B 277 -1.07 -21.35 41.82
N ASN B 278 -2.15 -20.89 41.17
CA ASN B 278 -3.33 -21.73 41.05
C ASN B 278 -3.19 -22.73 39.89
N ALA B 279 -3.25 -22.23 38.65
CA ALA B 279 -2.93 -23.04 37.46
C ALA B 279 -2.71 -22.09 36.28
N LYS B 280 -1.46 -21.93 35.86
CA LYS B 280 -1.06 -21.27 34.62
C LYS B 280 0.43 -21.54 34.42
N THR B 281 0.85 -21.59 33.16
CA THR B 281 2.20 -22.00 32.77
C THR B 281 3.23 -20.99 33.26
N ILE B 282 4.31 -21.48 33.84
CA ILE B 282 5.47 -20.67 34.12
C ILE B 282 6.61 -21.13 33.22
N ILE B 283 7.70 -20.38 33.22
CA ILE B 283 8.80 -20.61 32.29
C ILE B 283 10.10 -20.77 33.06
N VAL B 284 11.14 -21.14 32.30
CA VAL B 284 12.47 -21.41 32.83
C VAL B 284 13.46 -20.58 32.04
N GLN B 285 14.39 -19.94 32.75
CA GLN B 285 15.51 -19.26 32.12
C GLN B 285 16.79 -19.73 32.80
N LEU B 286 17.52 -20.63 32.15
CA LEU B 286 18.71 -21.20 32.74
C LEU B 286 19.84 -20.19 32.77
N LYS B 287 20.71 -20.30 33.78
CA LYS B 287 21.72 -19.29 34.03
C LYS B 287 22.84 -19.35 32.99
N GLU B 288 23.07 -20.51 32.39
CA GLU B 288 24.14 -20.68 31.42
C GLU B 288 23.69 -21.67 30.37
N SER B 289 24.19 -21.50 29.15
CA SER B 289 23.70 -22.30 28.04
C SER B 289 24.27 -23.70 28.07
N VAL B 290 23.39 -24.68 27.95
CA VAL B 290 23.75 -26.04 27.59
C VAL B 290 23.33 -26.23 26.14
N GLU B 291 23.99 -27.12 25.44
CA GLU B 291 23.75 -27.25 24.01
C GLU B 291 23.73 -28.70 23.57
N ILE B 292 22.93 -28.99 22.56
CA ILE B 292 22.88 -30.30 21.94
C ILE B 292 23.37 -30.18 20.52
N ASN B 293 23.81 -31.30 19.97
CA ASN B 293 24.06 -31.43 18.54
C ASN B 293 23.26 -32.61 18.03
N CYS B 294 22.30 -32.32 17.16
CA CYS B 294 21.24 -33.29 16.87
C CYS B 294 21.32 -33.68 15.41
N THR B 295 21.12 -34.97 15.16
CA THR B 295 21.63 -35.59 13.96
C THR B 295 20.62 -35.58 12.82
N ARG B 296 21.04 -36.04 11.74
CA ARG B 296 20.31 -36.34 10.53
C ARG B 296 20.22 -37.84 10.34
N PRO B 297 19.30 -38.31 9.50
CA PRO B 297 19.40 -39.72 9.08
C PRO B 297 20.59 -40.02 8.18
N ASN B 298 20.59 -39.44 6.97
CA ASN B 298 21.39 -39.93 5.86
C ASN B 298 21.27 -39.05 4.61
N ASN B 299 21.81 -39.52 3.48
CA ASN B 299 21.59 -38.88 2.19
C ASN B 299 20.11 -38.91 1.81
N ASN B 300 19.66 -37.84 1.18
CA ASN B 300 18.30 -37.75 0.70
C ASN B 300 18.30 -37.29 -0.75
N THR B 301 17.18 -37.47 -1.43
CA THR B 301 17.11 -37.15 -2.85
C THR B 301 15.83 -36.39 -3.18
N ARG B 302 15.93 -35.32 -3.96
CA ARG B 302 14.82 -34.40 -4.15
C ARG B 302 14.19 -34.65 -5.51
N LYS B 303 13.19 -35.51 -5.54
CA LYS B 303 12.49 -35.82 -6.78
C LYS B 303 11.30 -34.88 -6.96
N SER B 304 11.13 -34.41 -8.20
CA SER B 304 9.98 -33.60 -8.56
C SER B 304 8.87 -34.48 -9.11
N ILE B 305 7.63 -34.05 -8.90
CA ILE B 305 6.45 -34.71 -9.47
C ILE B 305 5.65 -33.67 -10.22
N HIS B 306 5.40 -33.94 -11.49
CA HIS B 306 4.59 -33.05 -12.30
C HIS B 306 3.13 -33.10 -11.86
N ILE B 307 2.53 -31.94 -11.65
CA ILE B 307 1.18 -31.84 -11.15
C ILE B 307 0.24 -31.20 -12.16
N GLY B 308 0.62 -30.06 -12.71
CA GLY B 308 -0.25 -29.32 -13.59
C GLY B 308 0.49 -28.23 -14.34
N PRO B 309 -0.23 -27.16 -14.67
CA PRO B 309 0.37 -26.09 -15.50
C PRO B 309 1.51 -25.33 -14.86
N GLY B 310 1.29 -24.74 -13.69
CA GLY B 310 2.31 -23.94 -13.05
C GLY B 310 2.70 -24.50 -11.71
N ARG B 311 2.82 -25.83 -11.62
CA ARG B 311 2.94 -26.48 -10.33
C ARG B 311 3.69 -27.80 -10.49
N ALA B 312 4.48 -28.12 -9.48
CA ALA B 312 5.30 -29.33 -9.48
C ALA B 312 5.64 -29.69 -8.04
N PHE B 313 5.14 -30.80 -7.57
CA PHE B 313 5.33 -31.25 -6.20
C PHE B 313 6.67 -31.94 -6.04
N TYR B 314 7.29 -31.74 -4.87
CA TYR B 314 8.61 -32.30 -4.59
C TYR B 314 8.51 -33.27 -3.42
N THR B 315 8.97 -34.50 -3.65
CA THR B 315 9.01 -35.51 -2.61
C THR B 315 10.38 -36.19 -2.58
N THR B 316 10.59 -36.99 -1.54
CA THR B 316 11.85 -37.71 -1.35
C THR B 316 12.03 -38.78 -2.41
N GLY B 317 13.08 -38.64 -3.23
CA GLY B 317 13.26 -39.59 -4.31
C GLY B 317 13.84 -40.91 -3.85
N GLU B 318 14.96 -40.85 -3.14
CA GLU B 318 15.80 -42.03 -2.97
C GLU B 318 16.64 -41.84 -1.72
N ILE B 319 16.98 -42.96 -1.08
CA ILE B 319 17.76 -42.96 0.14
C ILE B 319 19.00 -43.81 -0.08
N ILE B 320 20.17 -43.21 0.09
CA ILE B 320 21.44 -43.91 -0.01
C ILE B 320 21.78 -44.56 1.33
N GLY B 321 21.98 -45.86 1.31
CA GLY B 321 22.38 -46.59 2.50
C GLY B 321 21.20 -46.98 3.37
N ASP B 322 21.50 -47.49 4.56
CA ASP B 322 20.49 -47.77 5.56
C ASP B 322 20.39 -46.60 6.52
N ILE B 323 19.22 -46.45 7.12
CA ILE B 323 18.85 -45.25 7.84
C ILE B 323 19.09 -45.44 9.33
N ARG B 324 19.68 -44.43 9.95
CA ARG B 324 19.67 -44.26 11.40
C ARG B 324 18.65 -43.16 11.68
N GLN B 325 17.97 -43.25 12.81
CA GLN B 325 17.02 -42.20 13.14
C GLN B 325 17.78 -40.95 13.56
N ALA B 326 17.11 -39.81 13.49
CA ALA B 326 17.71 -38.58 13.99
C ALA B 326 17.69 -38.62 15.51
N HIS B 327 18.80 -38.22 16.12
CA HIS B 327 18.94 -38.27 17.57
C HIS B 327 19.77 -37.08 18.01
N CYS B 328 19.53 -36.61 19.22
CA CYS B 328 20.28 -35.50 19.77
C CYS B 328 21.22 -36.01 20.87
N ASN B 329 22.39 -35.40 20.98
CA ASN B 329 23.34 -35.77 22.01
C ASN B 329 23.39 -34.69 23.08
N ILE B 330 23.39 -35.12 24.33
CA ILE B 330 23.50 -34.20 25.48
C ILE B 330 23.99 -34.99 26.69
N SER B 331 24.95 -34.40 27.41
CA SER B 331 25.52 -35.03 28.60
C SER B 331 24.63 -34.84 29.82
N ARG B 332 24.42 -35.92 30.56
CA ARG B 332 23.47 -35.88 31.67
C ARG B 332 24.04 -35.15 32.86
N ALA B 333 25.36 -35.03 32.94
CA ALA B 333 25.98 -34.33 34.06
C ALA B 333 25.67 -32.85 33.99
N LYS B 334 25.68 -32.28 32.78
CA LYS B 334 25.20 -30.91 32.60
C LYS B 334 23.74 -30.79 32.98
N TRP B 335 22.97 -31.82 32.63
CA TRP B 335 21.57 -31.85 33.01
C TRP B 335 21.42 -32.04 34.51
N ASN B 336 22.30 -32.84 35.12
CA ASN B 336 22.21 -33.12 36.55
C ASN B 336 22.51 -31.86 37.36
N ASP B 337 23.51 -31.10 36.93
CA ASP B 337 23.97 -29.97 37.73
C ASP B 337 22.96 -28.84 37.73
N THR B 338 22.30 -28.63 36.60
CA THR B 338 21.40 -27.50 36.49
C THR B 338 20.05 -27.82 37.12
N LEU B 339 19.67 -29.09 37.09
CA LEU B 339 18.32 -29.45 37.51
C LEU B 339 18.16 -29.35 39.02
N LYS B 340 19.25 -29.49 39.76
CA LYS B 340 19.16 -29.29 41.20
C LYS B 340 19.01 -27.80 41.52
N GLN B 341 19.54 -26.93 40.65
CA GLN B 341 19.34 -25.50 40.82
C GLN B 341 17.89 -25.14 40.61
N ILE B 342 17.21 -25.90 39.76
CA ILE B 342 15.77 -25.72 39.57
C ILE B 342 15.03 -26.08 40.84
N VAL B 343 15.54 -27.09 41.55
CA VAL B 343 14.98 -27.44 42.85
C VAL B 343 15.26 -26.34 43.85
N ILE B 344 16.46 -25.76 43.76
CA ILE B 344 16.85 -24.65 44.68
C ILE B 344 15.89 -23.49 44.42
N LYS B 345 15.47 -23.30 43.17
CA LYS B 345 14.56 -22.17 42.82
C LYS B 345 13.11 -22.53 43.19
N LEU B 346 12.74 -23.80 43.00
CA LEU B 346 11.38 -24.25 43.38
C LEU B 346 11.29 -24.22 44.90
N ARG B 347 12.45 -24.26 45.58
CA ARG B 347 12.48 -24.15 47.06
C ARG B 347 12.51 -22.66 47.43
N GLU B 348 13.36 -21.87 46.77
CA GLU B 348 13.41 -20.41 47.02
C GLU B 348 11.99 -19.86 46.83
N GLN B 349 11.09 -20.69 46.33
CA GLN B 349 9.67 -20.27 46.16
C GLN B 349 8.80 -21.03 47.15
N PHE B 350 8.64 -22.35 46.95
CA PHE B 350 7.84 -23.18 47.86
C PHE B 350 8.72 -23.72 48.99
N GLU B 351 9.08 -22.86 49.95
CA GLU B 351 9.87 -23.28 51.14
C GLU B 351 11.12 -24.07 50.76
N ASN B 352 11.20 -25.38 50.78
CA ASN B 352 12.21 -26.37 50.45
C ASN B 352 11.58 -27.72 50.13
N LYS B 353 10.31 -27.68 49.72
CA LYS B 353 9.56 -28.90 49.43
C LYS B 353 10.24 -29.68 48.31
N THR B 354 10.00 -31.01 48.29
CA THR B 354 10.60 -31.93 47.27
C THR B 354 9.85 -31.83 45.93
N ILE B 355 10.36 -32.49 44.88
CA ILE B 355 9.78 -32.28 43.50
C ILE B 355 9.69 -33.57 42.68
N VAL B 356 8.66 -33.71 41.83
CA VAL B 356 8.54 -34.88 40.90
C VAL B 356 8.26 -34.36 39.48
N PHE B 357 9.08 -34.72 38.49
CA PHE B 357 8.83 -34.36 37.10
C PHE B 357 8.28 -35.58 36.39
N ASN B 358 6.97 -35.76 36.47
CA ASN B 358 6.25 -36.70 35.63
C ASN B 358 6.23 -36.11 34.23
N HIS B 359 6.04 -36.96 33.22
CA HIS B 359 6.02 -36.46 31.86
C HIS B 359 4.72 -35.72 31.62
N SER B 360 4.77 -34.77 30.67
CA SER B 360 3.84 -33.63 30.53
C SER B 360 2.35 -33.92 30.55
N SER B 361 1.84 -34.74 29.64
CA SER B 361 0.41 -35.00 29.62
C SER B 361 0.07 -36.31 28.94
N GLY B 362 -1.22 -36.52 28.67
CA GLY B 362 -1.68 -37.65 27.91
C GLY B 362 -2.36 -37.24 26.62
N GLY B 363 -1.92 -36.12 26.05
CA GLY B 363 -2.45 -35.65 24.79
C GLY B 363 -1.52 -34.65 24.17
N ASP B 364 -2.06 -33.89 23.19
CA ASP B 364 -1.40 -32.77 22.53
C ASP B 364 -0.09 -33.15 21.85
N PRO B 365 -0.14 -33.81 20.68
CA PRO B 365 1.09 -34.25 19.99
C PRO B 365 2.05 -33.15 19.56
N GLU B 366 1.61 -31.90 19.67
CA GLU B 366 2.42 -30.75 19.32
C GLU B 366 3.21 -30.18 20.48
N ILE B 367 2.78 -30.40 21.72
CA ILE B 367 3.59 -29.97 22.87
C ILE B 367 3.84 -31.14 23.81
N VAL B 368 3.83 -32.35 23.27
CA VAL B 368 4.31 -33.51 24.00
C VAL B 368 5.78 -33.78 23.67
N MET B 369 6.25 -33.28 22.53
CA MET B 369 7.60 -33.51 22.08
C MET B 369 8.24 -32.17 21.73
N HIS B 370 9.38 -32.21 21.07
CA HIS B 370 9.99 -30.95 20.72
C HIS B 370 9.63 -30.52 19.32
N SER B 371 10.18 -29.39 18.91
CA SER B 371 9.76 -28.70 17.70
C SER B 371 10.87 -27.77 17.26
N PHE B 372 11.63 -28.17 16.28
CA PHE B 372 12.71 -27.33 15.79
C PHE B 372 12.46 -27.01 14.33
N ASN B 373 13.23 -26.07 13.81
CA ASN B 373 13.12 -25.73 12.40
C ASN B 373 14.43 -25.83 11.64
N CYS B 374 15.54 -26.12 12.32
CA CYS B 374 16.85 -26.06 11.70
C CYS B 374 17.02 -27.17 10.69
N GLY B 375 17.85 -26.90 9.69
CA GLY B 375 17.88 -27.74 8.51
C GLY B 375 16.67 -27.56 7.61
N GLY B 376 15.84 -26.56 7.88
CA GLY B 376 14.58 -26.42 7.18
C GLY B 376 13.68 -27.60 7.42
N GLU B 377 13.56 -28.03 8.66
CA GLU B 377 12.92 -29.30 8.94
C GLU B 377 12.36 -29.31 10.35
N PHE B 378 11.20 -29.91 10.52
CA PHE B 378 10.48 -29.84 11.77
C PHE B 378 10.60 -31.14 12.54
N PHE B 379 11.12 -31.04 13.75
CA PHE B 379 11.54 -32.17 14.55
C PHE B 379 10.54 -32.44 15.66
N TYR B 380 10.58 -33.67 16.19
CA TYR B 380 9.80 -34.06 17.36
C TYR B 380 10.63 -35.07 18.13
N CYS B 381 10.77 -34.86 19.44
CA CYS B 381 11.59 -35.76 20.24
C CYS B 381 10.86 -36.14 21.52
N ASN B 382 10.72 -37.44 21.75
CA ASN B 382 10.06 -37.94 22.93
C ASN B 382 10.92 -37.67 24.15
N SER B 383 10.35 -36.91 25.08
CA SER B 383 11.01 -36.58 26.33
C SER B 383 10.76 -37.63 27.40
N THR B 384 10.26 -38.81 27.02
CA THR B 384 10.02 -39.91 27.95
C THR B 384 11.32 -40.35 28.62
N GLN B 385 12.39 -40.46 27.82
CA GLN B 385 13.71 -40.89 28.35
C GLN B 385 14.33 -39.76 29.18
N LEU B 386 13.73 -38.57 29.14
CA LEU B 386 14.37 -37.42 29.85
C LEU B 386 13.83 -37.29 31.28
N PHE B 387 12.51 -37.26 31.48
CA PHE B 387 12.03 -37.03 32.83
C PHE B 387 11.70 -38.31 33.58
N ASN B 388 12.74 -39.07 33.88
CA ASN B 388 12.62 -40.26 34.75
C ASN B 388 13.20 -39.68 36.04
N SER B 389 12.76 -38.46 36.40
CA SER B 389 13.41 -37.73 37.53
C SER B 389 12.52 -37.41 38.74
N THR B 390 13.09 -37.32 39.95
CA THR B 390 12.45 -37.04 41.22
C THR B 390 13.55 -36.82 42.22
N TRP B 391 13.43 -35.77 43.03
CA TRP B 391 14.56 -35.29 43.80
C TRP B 391 14.57 -35.78 45.25
N ASN B 392 15.63 -35.40 45.95
CA ASN B 392 15.92 -35.92 47.27
C ASN B 392 14.93 -35.41 48.30
N ASN B 393 14.71 -36.22 49.33
CA ASN B 393 13.89 -35.85 50.48
C ASN B 393 14.76 -35.09 51.48
N ASN B 394 15.19 -33.90 51.07
CA ASN B 394 15.98 -33.04 51.94
C ASN B 394 15.13 -32.07 52.72
N THR B 395 13.84 -32.37 52.87
CA THR B 395 12.94 -31.57 53.69
C THR B 395 13.12 -31.91 55.17
N THR B 401 24.30 -44.68 37.25
CA THR B 401 25.24 -43.79 36.57
C THR B 401 25.90 -44.56 35.42
N GLU B 402 25.18 -44.68 34.31
CA GLU B 402 25.64 -45.43 33.15
C GLU B 402 25.35 -44.60 31.90
N GLY B 403 26.38 -44.36 31.08
CA GLY B 403 26.15 -43.55 29.90
C GLY B 403 25.92 -42.09 30.20
N ASN B 404 27.01 -41.37 30.51
CA ASN B 404 26.97 -39.97 30.95
C ASN B 404 26.27 -39.04 29.96
N THR B 405 26.24 -39.38 28.68
CA THR B 405 25.47 -38.65 27.69
C THR B 405 24.22 -39.44 27.32
N ILE B 406 23.17 -38.74 26.94
CA ILE B 406 21.89 -39.37 26.64
C ILE B 406 21.46 -39.03 25.23
N THR B 407 20.79 -40.00 24.58
CA THR B 407 20.21 -39.85 23.27
C THR B 407 18.70 -39.77 23.37
N LEU B 408 18.07 -39.34 22.28
CA LEU B 408 16.64 -39.11 22.23
C LEU B 408 16.07 -39.81 21.02
N PRO B 409 15.17 -40.79 21.18
CA PRO B 409 14.46 -41.31 20.02
C PRO B 409 13.51 -40.25 19.48
N CYS B 410 13.75 -39.85 18.23
CA CYS B 410 13.06 -38.70 17.67
C CYS B 410 12.42 -39.07 16.34
N ARG B 411 11.43 -38.27 15.95
CA ARG B 411 10.82 -38.37 14.64
C ARG B 411 10.59 -36.98 14.06
N ILE B 412 10.28 -36.95 12.78
CA ILE B 412 9.96 -35.71 12.08
C ILE B 412 8.71 -35.93 11.26
N LYS B 413 7.97 -34.85 11.05
CA LYS B 413 6.76 -34.86 10.24
C LYS B 413 6.96 -33.98 9.03
N GLN B 414 6.36 -34.37 7.91
CA GLN B 414 6.47 -33.56 6.71
C GLN B 414 5.42 -32.45 6.71
N ILE B 415 4.31 -32.66 7.41
CA ILE B 415 3.18 -31.73 7.39
C ILE B 415 2.98 -31.14 8.76
N ILE B 416 3.08 -29.82 8.85
CA ILE B 416 2.79 -29.14 10.10
C ILE B 416 1.44 -28.48 9.94
N ASN B 417 0.93 -27.95 11.04
CA ASN B 417 -0.35 -27.28 11.04
C ASN B 417 -0.41 -26.23 12.13
N MET B 418 -1.08 -25.13 11.82
CA MET B 418 -1.34 -24.11 12.82
C MET B 418 -2.35 -24.62 13.83
N TRP B 419 -2.47 -23.90 14.95
CA TRP B 419 -3.21 -24.41 16.09
C TRP B 419 -4.36 -23.53 16.53
N GLN B 420 -4.20 -22.21 16.45
CA GLN B 420 -5.17 -21.30 17.04
C GLN B 420 -6.44 -21.26 16.21
N GLU B 421 -6.35 -21.64 14.95
CA GLU B 421 -7.50 -21.82 14.08
C GLU B 421 -7.31 -23.11 13.30
N VAL B 422 -8.32 -23.98 13.35
CA VAL B 422 -8.32 -25.19 12.54
C VAL B 422 -8.55 -24.76 11.11
N GLY B 423 -7.68 -25.18 10.21
CA GLY B 423 -7.78 -24.71 8.85
C GLY B 423 -6.56 -25.03 8.01
N LYS B 424 -6.02 -23.98 7.41
CA LYS B 424 -4.88 -24.10 6.52
C LYS B 424 -3.66 -24.70 7.20
N ALA B 425 -2.87 -25.45 6.43
CA ALA B 425 -1.71 -26.15 6.95
C ALA B 425 -0.63 -26.23 5.88
N MET B 426 0.62 -26.28 6.33
CA MET B 426 1.77 -26.23 5.45
C MET B 426 2.38 -27.61 5.25
N TYR B 427 2.75 -27.90 4.01
CA TYR B 427 3.65 -29.00 3.70
C TYR B 427 5.07 -28.48 3.67
N ALA B 428 5.98 -29.30 4.16
CA ALA B 428 7.39 -28.92 4.15
C ALA B 428 8.13 -29.75 3.12
N PRO B 429 8.95 -29.12 2.28
CA PRO B 429 9.61 -29.86 1.22
C PRO B 429 10.73 -30.71 1.77
N PRO B 430 11.11 -31.78 1.06
CA PRO B 430 12.26 -32.57 1.49
C PRO B 430 13.54 -31.76 1.37
N ILE B 431 14.53 -32.09 2.21
CA ILE B 431 15.84 -31.49 2.15
C ILE B 431 16.85 -32.59 1.86
N ARG B 432 17.50 -32.50 0.71
CA ARG B 432 18.48 -33.50 0.31
C ARG B 432 19.84 -33.17 0.90
N GLY B 433 20.63 -34.20 1.11
CA GLY B 433 21.92 -34.02 1.74
C GLY B 433 21.91 -34.46 3.19
N GLN B 434 22.58 -33.71 4.07
CA GLN B 434 22.65 -34.03 5.50
C GLN B 434 22.07 -32.86 6.28
N ILE B 435 21.41 -33.19 7.37
CA ILE B 435 20.58 -32.28 8.15
C ILE B 435 21.11 -32.26 9.58
N ARG B 436 22.43 -32.28 9.74
CA ARG B 436 22.96 -32.19 11.10
C ARG B 436 22.70 -30.80 11.66
N CYS B 437 22.49 -30.73 12.97
CA CYS B 437 22.07 -29.47 13.57
C CYS B 437 22.52 -29.42 15.01
N SER B 438 22.77 -28.21 15.47
CA SER B 438 23.16 -28.00 16.85
C SER B 438 22.71 -26.61 17.25
N SER B 439 22.30 -26.48 18.51
CA SER B 439 21.96 -25.18 19.07
C SER B 439 22.08 -25.26 20.59
N ASN B 440 22.03 -24.09 21.21
CA ASN B 440 22.11 -23.97 22.66
C ASN B 440 20.70 -24.16 23.21
N ILE B 441 20.60 -24.67 24.43
CA ILE B 441 19.35 -24.66 25.18
C ILE B 441 19.47 -23.55 26.19
N THR B 442 18.46 -22.70 26.31
CA THR B 442 18.49 -21.66 27.33
C THR B 442 17.26 -21.63 28.23
N GLY B 443 16.18 -22.31 27.87
CA GLY B 443 14.99 -22.19 28.70
C GLY B 443 13.95 -23.25 28.42
N LEU B 444 13.04 -23.38 29.39
CA LEU B 444 11.94 -24.34 29.34
C LEU B 444 10.66 -23.67 29.82
N LEU B 445 9.57 -24.44 29.83
CA LEU B 445 8.25 -23.94 30.20
C LEU B 445 7.57 -25.00 31.07
N LEU B 446 6.87 -24.55 32.11
CA LEU B 446 6.38 -25.48 33.13
C LEU B 446 4.96 -25.14 33.58
N THR B 447 4.18 -26.19 33.85
CA THR B 447 2.83 -26.10 34.37
C THR B 447 2.81 -26.02 35.88
N ARG B 448 1.59 -26.03 36.44
CA ARG B 448 1.42 -26.02 37.89
C ARG B 448 1.06 -27.39 38.42
N ASP B 449 0.15 -28.08 37.74
CA ASP B 449 -0.49 -29.31 38.21
C ASP B 449 -1.11 -29.11 39.60
N GLY B 450 -2.10 -28.24 39.65
CA GLY B 450 -2.76 -27.98 40.92
C GLY B 450 -3.60 -29.15 41.38
N GLY B 451 -3.56 -29.42 42.67
CA GLY B 451 -4.27 -30.54 43.25
C GLY B 451 -3.50 -31.08 44.44
N ILE B 452 -4.16 -31.99 45.17
CA ILE B 452 -3.58 -32.60 46.36
C ILE B 452 -3.70 -34.10 46.23
N ASN B 453 -2.57 -34.80 46.19
CA ASN B 453 -2.59 -36.24 46.03
C ASN B 453 -1.96 -36.93 47.23
N GLU B 454 -0.71 -36.58 47.52
CA GLU B 454 0.02 -37.13 48.65
C GLU B 454 -0.03 -36.21 49.85
N ASN B 455 -0.53 -34.97 49.66
CA ASN B 455 -0.64 -33.94 50.69
C ASN B 455 0.75 -33.62 51.27
N GLY B 456 1.57 -33.00 50.43
CA GLY B 456 2.95 -32.75 50.77
C GLY B 456 3.89 -33.06 49.63
N THR B 457 3.34 -33.24 48.44
CA THR B 457 4.12 -33.32 47.21
C THR B 457 3.55 -32.37 46.18
N GLU B 458 4.25 -32.27 45.05
CA GLU B 458 3.77 -31.55 43.89
C GLU B 458 4.36 -32.17 42.63
N ILE B 459 3.60 -32.10 41.54
CA ILE B 459 4.03 -32.58 40.24
C ILE B 459 4.24 -31.37 39.36
N PHE B 460 5.32 -31.37 38.59
CA PHE B 460 5.60 -30.35 37.60
C PHE B 460 5.85 -30.97 36.24
N ARG B 461 4.87 -31.75 35.78
CA ARG B 461 4.77 -32.12 34.37
C ARG B 461 5.04 -30.91 33.48
N PRO B 462 5.98 -31.02 32.54
CA PRO B 462 6.51 -29.81 31.88
C PRO B 462 5.51 -29.18 30.93
N GLY B 463 5.55 -27.85 30.90
CA GLY B 463 4.58 -27.09 30.15
C GLY B 463 4.96 -26.91 28.70
N GLY B 464 3.97 -27.08 27.83
CA GLY B 464 4.08 -26.68 26.44
C GLY B 464 3.74 -25.22 26.29
N GLY B 465 2.81 -24.88 25.41
CA GLY B 465 2.34 -23.52 25.33
C GLY B 465 1.95 -23.16 23.91
N ASP B 466 1.43 -21.94 23.78
CA ASP B 466 1.09 -21.42 22.47
C ASP B 466 2.33 -20.81 21.86
N MET B 467 2.15 -20.15 20.72
CA MET B 467 3.28 -19.52 20.09
C MET B 467 3.66 -18.24 20.81
N ARG B 468 2.69 -17.67 21.54
CA ARG B 468 2.86 -16.34 22.12
C ARG B 468 3.94 -16.32 23.19
N ASP B 469 4.15 -17.46 23.84
CA ASP B 469 4.98 -17.49 25.03
C ASP B 469 6.45 -17.33 24.69
N ASN B 470 6.86 -17.83 23.52
CA ASN B 470 8.26 -17.84 23.11
C ASN B 470 8.83 -16.44 23.04
N TRP B 471 8.02 -15.49 22.58
CA TRP B 471 8.47 -14.12 22.63
C TRP B 471 8.18 -13.51 23.98
N ARG B 472 7.06 -13.93 24.59
CA ARG B 472 6.64 -13.38 25.87
C ARG B 472 7.62 -13.75 26.96
N SER B 473 8.35 -14.84 26.75
CA SER B 473 9.55 -15.12 27.50
C SER B 473 10.55 -13.98 27.40
N GLU B 474 11.11 -13.80 26.22
CA GLU B 474 12.33 -13.02 26.13
C GLU B 474 12.07 -11.57 25.77
N LEU B 475 10.83 -11.12 25.80
CA LEU B 475 10.62 -9.68 25.68
C LEU B 475 10.46 -8.99 27.02
N TYR B 476 10.84 -9.67 28.10
CA TYR B 476 10.37 -9.30 29.43
C TYR B 476 11.05 -8.03 29.92
N LYS B 477 12.26 -7.76 29.47
CA LYS B 477 12.92 -6.54 29.89
C LYS B 477 12.37 -5.31 29.20
N TYR B 478 11.56 -5.49 28.17
CA TYR B 478 11.29 -4.43 27.21
C TYR B 478 9.87 -3.92 27.33
N LYS B 479 9.71 -2.60 27.17
CA LYS B 479 8.40 -2.00 27.06
C LYS B 479 8.51 -0.71 26.27
N VAL B 480 7.37 -0.27 25.75
CA VAL B 480 7.31 0.82 24.79
C VAL B 480 6.61 2.01 25.43
N VAL B 481 7.13 3.21 25.18
CA VAL B 481 6.47 4.43 25.60
C VAL B 481 6.44 5.39 24.43
N LYS B 482 5.64 6.43 24.57
CA LYS B 482 5.69 7.58 23.68
C LYS B 482 6.32 8.75 24.41
N ILE B 483 6.45 9.85 23.72
CA ILE B 483 6.93 11.09 24.31
C ILE B 483 5.86 12.15 24.13
N GLU B 484 5.54 12.84 25.20
CA GLU B 484 4.75 14.05 25.11
C GLU B 484 5.69 15.21 25.33
N PRO B 485 6.41 15.65 24.29
CA PRO B 485 7.51 16.60 24.50
C PRO B 485 7.06 17.99 24.85
N LEU B 486 5.77 18.27 24.74
CA LEU B 486 5.22 19.50 25.23
C LEU B 486 5.21 19.47 26.75
N GLY B 487 5.60 20.58 27.38
CA GLY B 487 5.68 20.63 28.81
C GLY B 487 5.09 21.92 29.35
N VAL B 488 4.49 21.79 30.54
CA VAL B 488 3.89 22.91 31.25
C VAL B 488 4.37 22.89 32.69
N ALA B 489 4.94 24.00 33.13
CA ALA B 489 5.36 24.22 34.51
C ALA B 489 5.48 25.72 34.71
N PRO B 490 5.23 26.25 35.90
CA PRO B 490 5.21 27.71 36.08
C PRO B 490 6.60 28.32 35.99
N THR B 491 6.62 29.65 35.89
CA THR B 491 7.86 30.36 35.65
C THR B 491 8.75 30.35 36.87
N LYS B 492 9.99 30.75 36.66
CA LYS B 492 10.90 30.94 37.76
C LYS B 492 10.99 32.43 38.08
N ALA B 493 11.14 32.73 39.37
CA ALA B 493 11.06 34.11 39.84
C ALA B 493 12.25 34.95 39.36
N LYS B 494 13.40 34.32 39.16
CA LYS B 494 14.57 35.04 38.70
C LYS B 494 14.42 35.37 37.21
N ARG B 495 14.35 36.66 36.91
CA ARG B 495 14.27 37.08 35.52
C ARG B 495 15.63 37.60 35.08
N ALA B 509 28.45 20.00 31.40
CA ALA B 509 29.66 19.72 30.63
C ALA B 509 29.83 18.23 30.38
N VAL B 510 28.95 17.44 30.98
CA VAL B 510 29.00 15.99 30.87
C VAL B 510 27.95 15.55 29.87
N PHE B 511 28.14 14.36 29.30
CA PHE B 511 27.24 13.88 28.27
C PHE B 511 26.04 13.17 28.87
N LEU B 512 24.88 13.38 28.26
CA LEU B 512 23.70 12.57 28.51
C LEU B 512 23.06 12.25 27.16
N GLY B 513 22.20 11.24 27.14
CA GLY B 513 21.62 10.78 25.90
C GLY B 513 20.15 11.12 25.76
N PHE B 514 19.36 10.09 25.40
CA PHE B 514 17.91 10.21 25.23
C PHE B 514 17.20 10.77 26.44
N LEU B 515 17.23 10.04 27.53
CA LEU B 515 16.49 10.39 28.72
C LEU B 515 17.41 10.79 29.86
N GLY B 516 18.57 11.35 29.53
CA GLY B 516 19.67 11.43 30.48
C GLY B 516 19.39 12.35 31.65
N ALA B 517 18.47 13.29 31.47
CA ALA B 517 18.10 14.16 32.58
C ALA B 517 16.77 13.76 33.19
N ALA B 518 16.12 12.73 32.63
CA ALA B 518 14.81 12.35 33.13
C ALA B 518 14.91 11.48 34.37
N GLY B 519 16.09 10.97 34.69
CA GLY B 519 16.24 10.15 35.87
C GLY B 519 16.13 10.95 37.14
N SER B 520 16.85 12.07 37.20
CA SER B 520 16.92 12.85 38.42
C SER B 520 17.19 14.30 38.03
N THR B 521 17.38 15.16 39.04
CA THR B 521 17.81 16.55 38.90
C THR B 521 16.86 17.34 38.01
N MET B 522 15.62 17.44 38.47
CA MET B 522 14.55 17.79 37.56
C MET B 522 14.50 19.27 37.26
N GLY B 523 14.92 20.11 38.21
CA GLY B 523 15.14 21.50 37.89
C GLY B 523 16.33 21.68 36.98
N ALA B 524 17.37 20.88 37.20
CA ALA B 524 18.52 20.87 36.31
C ALA B 524 18.24 20.11 35.02
N ALA B 525 17.15 19.35 34.97
CA ALA B 525 16.75 18.70 33.72
C ALA B 525 16.23 19.71 32.71
N SER B 526 15.94 20.93 33.14
CA SER B 526 15.54 22.00 32.23
C SER B 526 16.65 22.33 31.25
N MET B 527 17.90 22.18 31.66
CA MET B 527 18.98 22.31 30.71
C MET B 527 18.99 21.13 29.76
N THR B 528 19.60 21.35 28.58
CA THR B 528 19.84 20.35 27.54
C THR B 528 18.56 19.69 27.05
N LEU B 529 17.64 20.48 26.49
CA LEU B 529 16.38 19.89 26.03
C LEU B 529 16.51 19.30 24.65
N THR B 530 17.41 19.82 23.85
CA THR B 530 17.43 19.52 22.44
C THR B 530 18.00 18.15 22.13
N VAL B 531 18.70 17.54 23.08
CA VAL B 531 19.10 16.16 22.89
C VAL B 531 17.86 15.26 22.93
N GLN B 532 16.83 15.67 23.67
CA GLN B 532 15.55 15.02 23.61
C GLN B 532 14.80 15.37 22.35
N ALA B 533 15.34 16.27 21.54
CA ALA B 533 14.70 16.56 20.23
C ALA B 533 15.54 16.01 19.08
N ARG B 534 16.65 16.67 18.73
CA ARG B 534 17.54 16.30 17.58
C ARG B 534 17.42 14.86 17.06
N LEU B 535 17.66 13.84 17.90
CA LEU B 535 17.65 12.47 17.41
C LEU B 535 16.42 11.71 17.84
N LEU B 536 15.77 12.16 18.90
CA LEU B 536 14.78 11.34 19.57
C LEU B 536 13.43 11.43 18.84
N LEU B 537 12.82 12.61 18.81
CA LEU B 537 11.64 12.73 17.95
C LEU B 537 11.90 13.54 16.70
N SER B 538 12.90 14.42 16.72
CA SER B 538 13.43 14.89 15.47
C SER B 538 14.36 13.83 14.90
N GLY B 539 14.82 14.06 13.68
CA GLY B 539 15.67 13.08 13.04
C GLY B 539 14.83 11.89 12.63
N ILE B 540 13.83 12.16 11.79
CA ILE B 540 12.88 11.17 11.31
C ILE B 540 13.63 10.19 10.42
N VAL B 541 14.67 10.68 9.75
CA VAL B 541 15.42 9.94 8.75
C VAL B 541 16.56 9.17 9.41
N GLN B 542 16.48 9.00 10.75
CA GLN B 542 17.56 8.36 11.51
C GLN B 542 17.80 6.93 11.06
N GLN B 543 16.74 6.13 10.98
CA GLN B 543 16.87 4.79 10.44
C GLN B 543 15.67 4.48 9.56
N GLN B 544 14.79 5.46 9.40
CA GLN B 544 13.63 5.32 8.53
C GLN B 544 13.91 5.71 7.10
N ASN B 545 15.00 6.45 6.85
CA ASN B 545 15.30 6.88 5.50
C ASN B 545 16.80 6.83 5.24
N ASN B 546 17.57 6.40 6.25
CA ASN B 546 19.01 6.62 6.18
C ASN B 546 19.70 5.59 5.30
N LEU B 547 19.66 4.33 5.71
CA LEU B 547 20.15 3.25 4.85
C LEU B 547 19.00 2.28 4.66
N LEU B 548 18.10 2.64 3.77
CA LEU B 548 17.14 1.69 3.22
C LEU B 548 16.73 2.02 1.80
N ARG B 549 17.31 3.07 1.22
CA ARG B 549 16.80 3.61 -0.03
C ARG B 549 17.11 2.71 -1.20
N ALA B 550 18.15 1.87 -1.07
CA ALA B 550 18.51 0.91 -2.10
C ALA B 550 17.95 -0.49 -1.85
N ILE B 551 18.35 -1.14 -0.76
CA ILE B 551 18.24 -2.60 -0.68
C ILE B 551 16.82 -3.05 -0.35
N GLU B 552 16.08 -2.28 0.46
CA GLU B 552 14.67 -2.61 0.67
C GLU B 552 13.81 -1.98 -0.41
N ALA B 553 14.41 -1.15 -1.26
CA ALA B 553 13.76 -0.84 -2.54
C ALA B 553 14.20 -1.79 -3.64
N GLN B 554 15.37 -2.42 -3.49
CA GLN B 554 15.88 -3.39 -4.47
C GLN B 554 15.07 -4.67 -4.34
N GLN B 555 14.10 -4.83 -5.24
CA GLN B 555 13.26 -6.02 -5.40
C GLN B 555 12.48 -6.31 -4.12
N ARG B 556 11.56 -5.40 -3.80
CA ARG B 556 10.45 -5.77 -2.91
C ARG B 556 9.32 -6.23 -3.83
N MET B 557 9.04 -7.53 -3.80
CA MET B 557 8.13 -8.10 -4.79
C MET B 557 6.70 -7.70 -4.47
N LEU B 558 6.01 -7.16 -5.48
CA LEU B 558 4.69 -6.52 -5.44
C LEU B 558 4.67 -5.24 -4.61
N GLN B 559 5.84 -4.78 -4.15
CA GLN B 559 6.14 -3.48 -3.54
C GLN B 559 5.50 -3.26 -2.18
N LEU B 560 4.62 -4.15 -1.70
CA LEU B 560 3.91 -3.94 -0.46
C LEU B 560 4.05 -5.20 0.38
N THR B 561 5.14 -5.27 1.13
CA THR B 561 5.27 -6.27 2.16
C THR B 561 4.68 -5.73 3.44
N VAL B 562 4.64 -6.61 4.44
CA VAL B 562 4.11 -6.23 5.74
C VAL B 562 5.00 -5.20 6.42
N TRP B 563 6.29 -5.20 6.11
CA TRP B 563 7.19 -4.27 6.74
C TRP B 563 7.08 -2.88 6.16
N GLY B 564 7.01 -2.80 4.83
CA GLY B 564 6.98 -1.50 4.19
C GLY B 564 5.70 -0.75 4.47
N ILE B 565 4.59 -1.47 4.55
CA ILE B 565 3.33 -0.80 4.83
C ILE B 565 3.31 -0.33 6.27
N LYS B 566 4.02 -1.03 7.15
CA LYS B 566 4.27 -0.49 8.47
C LYS B 566 5.20 0.69 8.38
N GLN B 567 6.20 0.59 7.50
CA GLN B 567 7.17 1.65 7.35
C GLN B 567 6.55 2.89 6.75
N LEU B 568 5.62 2.71 5.81
CA LEU B 568 4.80 3.81 5.32
C LEU B 568 3.99 4.41 6.45
N GLN B 569 3.39 3.53 7.26
CA GLN B 569 2.67 3.97 8.45
C GLN B 569 3.62 4.58 9.46
N ALA B 570 4.89 4.13 9.45
CA ALA B 570 5.84 4.60 10.44
C ALA B 570 6.21 6.06 10.20
N ARG B 571 6.50 6.40 8.95
CA ARG B 571 7.08 7.72 8.67
C ARG B 571 6.06 8.82 8.86
N VAL B 572 4.78 8.50 8.64
CA VAL B 572 3.78 9.54 8.74
C VAL B 572 3.41 9.80 10.18
N LEU B 573 3.40 8.77 11.02
CA LEU B 573 3.03 8.93 12.42
C LEU B 573 4.07 9.74 13.16
N ALA B 574 5.30 9.76 12.64
CA ALA B 574 6.26 10.74 13.08
C ALA B 574 5.80 12.15 12.75
N VAL B 575 5.52 12.40 11.47
CA VAL B 575 5.34 13.78 11.05
C VAL B 575 3.96 14.27 11.43
N GLU B 576 2.98 13.36 11.53
CA GLU B 576 1.67 13.74 12.03
C GLU B 576 1.76 14.21 13.47
N ARG B 577 2.59 13.54 14.24
CA ARG B 577 2.92 14.05 15.55
C ARG B 577 3.68 15.35 15.44
N TYR B 578 4.70 15.37 14.59
CA TYR B 578 5.62 16.49 14.59
C TYR B 578 4.99 17.75 14.05
N LEU B 579 4.20 17.61 12.98
CA LEU B 579 3.38 18.74 12.56
C LEU B 579 2.33 19.04 13.61
N GLY B 580 1.74 18.00 14.18
CA GLY B 580 0.63 18.19 15.09
C GLY B 580 1.07 18.86 16.37
N ASP B 581 2.29 18.59 16.80
CA ASP B 581 2.84 19.34 17.92
C ASP B 581 3.17 20.75 17.47
N GLN B 582 3.65 20.90 16.25
CA GLN B 582 3.91 22.23 15.73
C GLN B 582 2.60 22.96 15.46
N GLN B 583 1.53 22.20 15.18
CA GLN B 583 0.20 22.79 15.03
C GLN B 583 -0.22 23.52 16.30
N LEU B 584 -0.03 22.88 17.45
CA LEU B 584 -0.37 23.53 18.71
C LEU B 584 0.55 24.70 18.95
N LEU B 585 1.83 24.54 18.62
CA LEU B 585 2.77 25.64 18.71
C LEU B 585 2.41 26.73 17.72
N GLY B 586 1.78 26.37 16.61
CA GLY B 586 1.14 27.38 15.79
C GLY B 586 0.02 28.07 16.54
N ILE B 587 -0.84 27.29 17.19
CA ILE B 587 -1.96 27.87 17.90
C ILE B 587 -1.48 28.60 19.14
N TRP B 588 -0.52 28.02 19.87
CA TRP B 588 0.03 28.68 21.04
C TRP B 588 0.84 29.92 20.70
N GLY B 589 1.20 30.14 19.45
CA GLY B 589 1.86 31.37 19.07
C GLY B 589 3.34 31.37 19.33
N CYS B 590 3.75 30.92 20.52
CA CYS B 590 5.17 30.77 20.85
C CYS B 590 5.69 29.59 20.03
N SER B 591 6.07 29.89 18.80
CA SER B 591 6.69 28.95 17.90
C SER B 591 7.94 29.61 17.33
N GLY B 592 8.87 28.78 16.86
CA GLY B 592 10.16 29.28 16.48
C GLY B 592 11.13 29.45 17.64
N LYS B 593 10.72 29.07 18.85
CA LYS B 593 11.63 29.03 19.98
C LYS B 593 11.58 27.66 20.59
N LEU B 594 12.21 27.49 21.76
CA LEU B 594 12.12 26.23 22.48
C LEU B 594 11.26 26.32 23.72
N ILE B 595 11.39 27.39 24.49
CA ILE B 595 10.49 27.69 25.60
C ILE B 595 10.04 29.13 25.49
N CYS B 596 8.90 29.42 26.10
CA CYS B 596 8.27 30.73 25.97
C CYS B 596 7.30 30.92 27.14
N THR B 597 7.12 32.17 27.52
CA THR B 597 6.21 32.54 28.59
C THR B 597 5.02 33.31 28.05
N THR B 598 3.83 32.95 28.51
CA THR B 598 2.63 33.69 28.20
C THR B 598 2.32 34.63 29.37
N ALA B 599 1.13 35.24 29.35
CA ALA B 599 0.78 36.27 30.32
C ALA B 599 -0.42 35.90 31.19
N VAL B 600 -0.39 34.72 31.82
CA VAL B 600 -1.53 34.27 32.69
C VAL B 600 -1.00 33.89 34.08
N PRO B 601 -1.53 34.50 35.17
CA PRO B 601 -1.11 34.16 36.53
C PRO B 601 -1.48 32.73 36.96
N TRP B 602 -0.49 31.87 37.17
CA TRP B 602 -0.72 30.48 37.65
C TRP B 602 -1.38 30.58 39.03
N ASN B 603 -2.66 30.21 39.14
CA ASN B 603 -3.41 30.28 40.42
C ASN B 603 -2.89 29.17 41.35
N ALA B 604 -2.63 29.49 42.63
CA ALA B 604 -2.08 28.50 43.59
C ALA B 604 -3.06 27.32 43.72
N SER B 605 -4.32 27.53 43.34
CA SER B 605 -5.31 26.41 43.34
C SER B 605 -4.75 25.25 42.52
N TRP B 606 -3.90 25.49 41.50
CA TRP B 606 -3.32 24.32 40.75
C TRP B 606 -2.34 23.57 41.68
N SER B 607 -1.32 24.27 42.18
CA SER B 607 -0.33 23.66 43.11
C SER B 607 0.21 24.72 44.08
N ASN B 608 -0.10 24.60 45.37
CA ASN B 608 0.35 25.62 46.37
C ASN B 608 1.78 25.28 46.82
N LYS B 609 2.61 24.70 45.96
CA LYS B 609 3.90 24.20 46.43
C LYS B 609 4.95 25.30 46.49
N SER B 610 5.91 25.11 47.40
CA SER B 610 7.05 26.00 47.49
C SER B 610 7.99 25.73 46.32
N LEU B 611 8.55 26.80 45.76
CA LEU B 611 9.21 26.74 44.46
C LEU B 611 10.47 25.89 44.48
N ASP B 612 11.08 25.71 45.65
CA ASP B 612 12.30 24.93 45.75
C ASP B 612 12.06 23.45 45.50
N ARG B 613 10.86 22.97 45.87
CA ARG B 613 10.53 21.57 45.66
C ARG B 613 10.43 21.25 44.17
N ILE B 614 9.96 22.23 43.39
CA ILE B 614 9.81 22.02 41.96
C ILE B 614 11.15 21.96 41.28
N TRP B 615 11.92 23.04 41.36
CA TRP B 615 13.12 23.17 40.55
C TRP B 615 14.34 22.56 41.20
N ASN B 616 14.17 21.71 42.19
CA ASN B 616 15.29 20.88 42.62
C ASN B 616 14.98 19.40 42.56
N ASN B 617 13.91 18.94 43.20
CA ASN B 617 13.84 17.51 43.48
C ASN B 617 12.46 16.90 43.36
N MET B 618 11.61 17.36 42.45
CA MET B 618 10.35 16.67 42.24
C MET B 618 10.27 16.21 40.79
N THR B 619 9.87 14.96 40.61
CA THR B 619 10.02 14.29 39.32
C THR B 619 8.99 14.79 38.31
N TRP B 620 9.44 14.98 37.07
CA TRP B 620 8.52 15.38 36.01
C TRP B 620 7.47 14.32 35.72
N MET B 621 7.77 13.05 35.98
CA MET B 621 6.78 12.01 35.76
C MET B 621 5.66 12.10 36.78
N GLU B 622 5.96 12.52 38.00
CA GLU B 622 4.88 12.76 38.93
C GLU B 622 4.41 14.22 38.92
N TRP B 623 5.22 15.11 38.34
CA TRP B 623 4.75 16.47 38.12
C TRP B 623 3.55 16.47 37.20
N GLU B 624 3.61 15.67 36.14
CA GLU B 624 2.57 15.71 35.13
C GLU B 624 1.28 15.11 35.66
N ARG B 625 1.35 14.12 36.54
CA ARG B 625 0.13 13.53 37.07
C ARG B 625 -0.52 14.46 38.09
N GLU B 626 0.24 15.41 38.64
CA GLU B 626 -0.37 16.43 39.48
C GLU B 626 -1.06 17.48 38.64
N ILE B 627 -0.46 17.85 37.51
CA ILE B 627 -1.07 18.86 36.66
C ILE B 627 -2.16 18.22 35.80
N ASP B 628 -2.13 16.89 35.68
CA ASP B 628 -3.02 16.11 34.77
C ASP B 628 -4.50 16.51 34.80
N ASN B 629 -5.03 16.81 35.96
CA ASN B 629 -6.48 17.08 36.05
C ASN B 629 -6.82 18.39 35.35
N TYR B 630 -5.95 19.39 35.48
CA TYR B 630 -6.29 20.73 34.94
C TYR B 630 -5.60 20.95 33.59
N THR B 631 -5.20 19.88 32.91
CA THR B 631 -4.53 20.02 31.60
C THR B 631 -5.50 20.55 30.56
N SER B 632 -6.73 19.99 30.48
CA SER B 632 -7.62 20.45 29.42
C SER B 632 -8.11 21.86 29.69
N GLU B 633 -7.96 22.30 30.95
CA GLU B 633 -8.33 23.69 31.29
C GLU B 633 -7.21 24.60 30.77
N ILE B 634 -5.98 24.42 31.26
CA ILE B 634 -4.89 25.37 30.87
C ILE B 634 -4.76 25.45 29.34
N TYR B 635 -4.92 24.34 28.62
CA TYR B 635 -4.68 24.37 27.19
C TYR B 635 -5.69 25.26 26.51
N THR B 636 -6.93 25.24 26.98
CA THR B 636 -7.93 26.12 26.42
C THR B 636 -7.78 27.54 26.90
N LEU B 637 -7.66 27.74 28.21
CA LEU B 637 -7.89 29.06 28.76
C LEU B 637 -6.72 29.99 28.53
N ILE B 638 -5.56 29.45 28.15
CA ILE B 638 -4.42 30.33 27.95
C ILE B 638 -4.33 30.77 26.50
N GLU B 639 -4.64 29.88 25.57
CA GLU B 639 -4.62 30.28 24.16
C GLU B 639 -5.73 31.26 23.84
N GLU B 640 -6.84 31.20 24.58
CA GLU B 640 -7.85 32.22 24.37
C GLU B 640 -7.41 33.52 25.01
N SER B 641 -6.68 33.46 26.11
CA SER B 641 -6.09 34.67 26.66
C SER B 641 -4.98 35.17 25.76
N GLN B 642 -4.26 34.25 25.13
CA GLN B 642 -3.47 34.60 23.97
C GLN B 642 -4.34 35.21 22.89
N ASN B 643 -5.49 34.59 22.60
CA ASN B 643 -6.37 35.15 21.58
C ASN B 643 -6.99 36.47 22.06
N GLN B 644 -7.14 36.64 23.38
CA GLN B 644 -7.63 37.91 23.90
C GLN B 644 -6.64 39.03 23.66
N GLN B 645 -5.34 38.77 23.85
CA GLN B 645 -4.37 39.79 23.50
C GLN B 645 -4.15 39.82 21.99
N GLU B 646 -4.42 38.71 21.29
CA GLU B 646 -4.31 38.70 19.83
C GLU B 646 -5.44 39.49 19.18
N LYS B 647 -6.66 39.41 19.71
CA LYS B 647 -7.73 40.21 19.14
C LYS B 647 -7.57 41.68 19.49
N ASN B 648 -6.80 41.98 20.53
CA ASN B 648 -6.36 43.35 20.72
C ASN B 648 -5.07 43.64 19.96
N GLU B 649 -4.33 42.61 19.56
CA GLU B 649 -3.09 42.84 18.82
C GLU B 649 -3.39 43.32 17.40
N GLN B 650 -4.36 42.69 16.73
CA GLN B 650 -4.78 43.20 15.43
C GLN B 650 -5.51 44.53 15.60
N GLU B 651 -6.16 44.73 16.75
CA GLU B 651 -6.69 46.05 17.09
C GLU B 651 -5.56 47.04 17.34
N LEU B 652 -4.37 46.55 17.72
CA LEU B 652 -3.19 47.41 17.73
C LEU B 652 -2.51 47.46 16.37
N LEU B 653 -2.62 46.37 15.59
CA LEU B 653 -1.93 46.32 14.29
C LEU B 653 -2.77 46.97 13.18
N GLU B 654 -3.99 46.48 12.96
CA GLU B 654 -4.81 47.02 11.88
C GLU B 654 -5.37 48.40 12.22
N LEU B 655 -6.00 48.53 13.39
CA LEU B 655 -6.46 49.83 13.86
C LEU B 655 -5.48 50.41 14.88
N THR C 31 37.61 36.75 14.72
CA THR C 31 38.90 36.20 15.06
C THR C 31 39.22 35.14 14.01
N GLU C 32 40.51 34.90 13.77
CA GLU C 32 40.93 33.82 12.90
C GLU C 32 40.65 32.45 13.52
N LYS C 33 40.30 32.40 14.80
CA LYS C 33 39.66 31.23 15.37
C LYS C 33 38.38 30.93 14.62
N LEU C 34 38.09 29.63 14.53
CA LEU C 34 37.14 29.14 13.54
C LEU C 34 35.74 29.38 14.08
N TRP C 35 35.21 30.56 13.79
CA TRP C 35 33.82 30.82 14.11
C TRP C 35 32.95 30.02 13.17
N VAL C 36 32.28 28.99 13.69
CA VAL C 36 31.51 28.12 12.82
C VAL C 36 30.23 28.85 12.43
N THR C 37 29.77 28.61 11.19
CA THR C 37 28.53 29.16 10.69
C THR C 37 27.96 28.18 9.69
N VAL C 38 26.67 27.95 9.76
CA VAL C 38 25.97 27.11 8.79
C VAL C 38 25.91 27.89 7.48
N TYR C 39 25.71 27.19 6.37
CA TYR C 39 25.40 27.82 5.10
C TYR C 39 24.30 27.04 4.41
N TYR C 40 23.20 27.70 4.13
CA TYR C 40 22.09 27.07 3.43
C TYR C 40 22.15 27.49 1.97
N GLY C 41 22.46 26.52 1.11
CA GLY C 41 22.62 26.77 -0.31
C GLY C 41 24.05 26.56 -0.75
N VAL C 42 24.32 25.39 -1.29
CA VAL C 42 25.65 24.94 -1.71
C VAL C 42 25.49 23.69 -2.57
N PRO C 43 26.18 23.61 -3.71
CA PRO C 43 26.03 22.43 -4.56
C PRO C 43 26.64 21.15 -4.00
N VAL C 44 26.13 20.70 -2.87
CA VAL C 44 26.66 19.49 -2.24
C VAL C 44 26.07 18.27 -2.89
N TRP C 45 26.91 17.35 -3.31
CA TRP C 45 26.44 16.16 -3.96
C TRP C 45 26.64 14.97 -3.05
N LYS C 46 25.93 13.89 -3.38
CA LYS C 46 26.21 12.56 -2.88
C LYS C 46 25.42 11.63 -3.77
N GLU C 47 25.91 10.42 -3.98
CA GLU C 47 25.09 9.41 -4.61
C GLU C 47 23.90 9.09 -3.72
N ALA C 48 22.75 8.85 -4.34
CA ALA C 48 21.59 8.37 -3.61
C ALA C 48 20.82 7.43 -4.51
N THR C 49 19.93 6.64 -3.91
CA THR C 49 19.12 5.67 -4.66
C THR C 49 17.66 5.94 -4.33
N THR C 50 17.06 6.87 -5.05
CA THR C 50 15.68 7.23 -4.81
C THR C 50 14.80 6.68 -5.93
N THR C 51 13.50 6.92 -5.82
CA THR C 51 12.53 6.44 -6.79
C THR C 51 11.79 7.64 -7.34
N LEU C 52 11.28 7.55 -8.57
CA LEU C 52 10.94 8.74 -9.33
C LEU C 52 9.50 8.71 -9.82
N PHE C 53 9.10 9.84 -10.43
CA PHE C 53 7.72 9.93 -10.97
C PHE C 53 7.81 9.82 -12.49
N CYS C 54 6.66 9.75 -13.15
CA CYS C 54 6.63 9.80 -14.59
C CYS C 54 6.35 11.22 -15.04
N ALA C 55 6.42 11.47 -16.35
CA ALA C 55 6.11 12.78 -16.93
C ALA C 55 5.85 12.66 -18.43
N SER C 56 4.72 13.16 -18.89
CA SER C 56 4.37 13.04 -20.31
C SER C 56 3.39 14.15 -20.68
N ASP C 57 2.79 14.03 -21.86
CA ASP C 57 1.89 15.04 -22.37
C ASP C 57 0.57 14.38 -22.77
N ALA C 58 -0.48 15.20 -22.87
CA ALA C 58 -1.76 14.79 -23.42
C ALA C 58 -1.81 14.89 -24.94
N LYS C 59 -0.65 14.82 -25.59
CA LYS C 59 -0.58 14.76 -27.05
C LYS C 59 -1.29 13.52 -27.59
N ALA C 60 -0.78 12.34 -27.25
CA ALA C 60 -1.33 11.08 -27.72
C ALA C 60 -2.26 10.45 -26.69
N TYR C 61 -2.99 11.28 -25.94
CA TYR C 61 -3.86 10.80 -24.89
C TYR C 61 -5.03 9.98 -25.45
N ASP C 62 -5.92 10.62 -26.21
CA ASP C 62 -7.02 10.01 -26.96
C ASP C 62 -7.96 9.15 -26.10
N THR C 63 -8.06 9.47 -24.81
CA THR C 63 -8.84 8.73 -23.80
C THR C 63 -8.44 7.26 -23.71
N GLU C 64 -7.14 7.00 -23.55
CA GLU C 64 -6.64 5.68 -23.16
C GLU C 64 -5.55 5.87 -22.10
N VAL C 65 -5.94 5.82 -20.82
CA VAL C 65 -5.04 5.42 -19.75
C VAL C 65 -5.24 3.96 -19.41
N HIS C 66 -5.94 3.24 -20.22
CA HIS C 66 -6.11 1.82 -19.97
C HIS C 66 -5.89 0.98 -21.20
N ASN C 67 -6.28 1.46 -22.38
CA ASN C 67 -6.01 0.70 -23.59
C ASN C 67 -4.62 0.98 -24.10
N VAL C 68 -3.87 1.86 -23.46
CA VAL C 68 -2.56 2.19 -23.96
C VAL C 68 -1.61 1.00 -23.74
N TRP C 69 -1.28 0.70 -22.49
CA TRP C 69 -0.20 -0.20 -22.10
C TRP C 69 -0.21 -0.11 -20.59
N ALA C 70 0.75 -0.80 -19.98
CA ALA C 70 1.21 -0.60 -18.63
C ALA C 70 1.17 0.86 -18.14
N THR C 71 1.60 1.81 -18.97
CA THR C 71 1.81 3.21 -18.60
C THR C 71 0.66 3.88 -17.88
N HIS C 72 -0.58 3.51 -18.21
CA HIS C 72 -1.76 4.35 -18.03
C HIS C 72 -1.54 5.73 -18.59
N ALA C 73 -0.92 5.78 -19.77
CA ALA C 73 -0.58 6.97 -20.55
C ALA C 73 0.37 7.89 -19.79
N CYS C 74 1.08 7.34 -18.81
CA CYS C 74 1.93 8.10 -17.88
C CYS C 74 1.13 9.21 -17.22
N VAL C 75 0.31 8.79 -16.27
CA VAL C 75 -0.69 9.60 -15.56
C VAL C 75 -0.33 11.06 -15.26
N PRO C 76 0.84 11.43 -14.74
CA PRO C 76 1.10 12.87 -14.52
C PRO C 76 1.59 13.56 -15.80
N THR C 77 1.75 14.88 -15.70
CA THR C 77 1.90 15.73 -16.88
C THR C 77 3.28 16.37 -16.93
N ASP C 78 3.93 16.28 -18.07
CA ASP C 78 5.12 17.07 -18.31
C ASP C 78 4.74 18.29 -19.12
N PRO C 79 4.79 19.47 -18.56
CA PRO C 79 4.49 20.68 -19.34
C PRO C 79 5.55 21.06 -20.36
N ASN C 80 6.79 21.16 -19.91
CA ASN C 80 7.82 21.89 -20.65
C ASN C 80 9.16 21.53 -20.03
N PRO C 81 10.13 21.07 -20.83
CA PRO C 81 11.46 20.75 -20.30
C PRO C 81 12.33 21.98 -20.01
N GLN C 82 11.85 22.83 -19.11
CA GLN C 82 12.56 24.05 -18.74
C GLN C 82 13.73 23.67 -17.85
N GLU C 83 14.86 23.33 -18.45
CA GLU C 83 16.02 22.92 -17.68
C GLU C 83 17.18 23.83 -18.03
N VAL C 84 18.22 23.80 -17.20
CA VAL C 84 19.45 24.54 -17.43
C VAL C 84 20.62 23.62 -17.10
N VAL C 85 21.48 23.39 -18.09
CA VAL C 85 22.67 22.58 -17.91
C VAL C 85 23.80 23.42 -17.32
N LEU C 86 24.91 22.78 -16.99
CA LEU C 86 26.06 23.48 -16.47
C LEU C 86 27.32 23.06 -17.23
N GLU C 87 28.17 24.02 -17.56
CA GLU C 87 29.47 23.68 -18.21
C GLU C 87 30.61 24.36 -17.43
N ASN C 88 30.94 23.87 -16.23
CA ASN C 88 32.05 24.48 -15.51
C ASN C 88 33.28 23.58 -15.42
N VAL C 89 33.12 22.38 -14.89
CA VAL C 89 34.26 21.61 -14.44
C VAL C 89 34.20 20.22 -15.06
N THR C 90 35.38 19.62 -15.20
CA THR C 90 35.50 18.19 -15.47
C THR C 90 35.62 17.47 -14.13
N GLU C 91 35.16 16.22 -14.09
CA GLU C 91 35.02 15.53 -12.82
C GLU C 91 34.78 14.05 -13.09
N HIS C 92 35.27 13.21 -12.18
CA HIS C 92 35.10 11.77 -12.31
C HIS C 92 33.73 11.36 -11.83
N PHE C 93 33.09 10.47 -12.58
CA PHE C 93 31.81 9.97 -12.13
C PHE C 93 31.62 8.48 -12.27
N ASN C 94 32.31 7.84 -13.22
CA ASN C 94 32.33 6.39 -13.41
C ASN C 94 30.92 5.86 -13.62
N MET C 95 30.21 6.53 -14.52
CA MET C 95 28.77 6.51 -14.64
C MET C 95 28.19 5.17 -15.06
N TRP C 96 28.98 4.16 -15.35
CA TRP C 96 28.40 2.91 -15.83
C TRP C 96 27.83 2.09 -14.68
N LYS C 97 28.08 2.51 -13.45
CA LYS C 97 27.57 1.80 -12.28
C LYS C 97 26.52 2.68 -11.62
N ASN C 98 25.29 2.60 -12.10
CA ASN C 98 24.22 3.45 -11.59
C ASN C 98 23.08 2.63 -11.02
N ASN C 99 22.03 3.34 -10.66
CA ASN C 99 20.92 2.81 -9.90
C ASN C 99 19.58 2.91 -10.60
N MET C 100 19.47 3.74 -11.64
CA MET C 100 18.25 3.80 -12.43
C MET C 100 17.94 2.47 -13.09
N VAL C 101 18.99 1.79 -13.53
CA VAL C 101 18.86 0.65 -14.41
C VAL C 101 18.16 -0.50 -13.72
N GLU C 102 18.52 -0.79 -12.47
CA GLU C 102 17.88 -1.92 -11.82
C GLU C 102 16.50 -1.53 -11.29
N GLN C 103 16.27 -0.23 -11.09
CA GLN C 103 14.90 0.19 -10.79
C GLN C 103 14.01 -0.05 -11.98
N MET C 104 14.52 0.22 -13.18
CA MET C 104 13.70 0.05 -14.36
C MET C 104 13.47 -1.41 -14.65
N GLN C 105 14.40 -2.25 -14.23
CA GLN C 105 14.20 -3.68 -14.40
C GLN C 105 13.06 -4.16 -13.52
N GLU C 106 12.93 -3.60 -12.32
CA GLU C 106 11.82 -4.02 -11.48
C GLU C 106 10.52 -3.37 -11.90
N ASP C 107 10.59 -2.12 -12.36
CA ASP C 107 9.37 -1.36 -12.59
C ASP C 107 8.60 -1.91 -13.77
N ILE C 108 9.29 -2.20 -14.86
CA ILE C 108 8.59 -2.54 -16.10
C ILE C 108 7.97 -3.92 -15.99
N ILE C 109 8.68 -4.85 -15.38
CA ILE C 109 8.16 -6.20 -15.20
C ILE C 109 6.96 -6.18 -14.26
N SER C 110 7.03 -5.34 -13.24
CA SER C 110 5.86 -5.06 -12.42
C SER C 110 4.75 -4.44 -13.25
N LEU C 111 5.11 -3.50 -14.11
CA LEU C 111 4.10 -2.85 -14.94
C LEU C 111 3.58 -3.80 -16.00
N TRP C 112 4.39 -4.79 -16.39
CA TRP C 112 3.84 -5.87 -17.19
C TRP C 112 2.85 -6.69 -16.39
N ASP C 113 3.15 -6.94 -15.12
CA ASP C 113 2.26 -7.73 -14.27
C ASP C 113 0.96 -7.00 -14.02
N GLN C 114 1.01 -5.68 -14.06
CA GLN C 114 -0.14 -4.87 -13.73
C GLN C 114 -1.24 -5.04 -14.78
N SER C 115 -0.84 -5.23 -16.02
CA SER C 115 -1.81 -5.40 -17.08
C SER C 115 -2.50 -6.74 -16.98
N LEU C 116 -1.74 -7.81 -16.86
CA LEU C 116 -2.28 -9.14 -17.01
C LEU C 116 -3.04 -9.64 -15.78
N LYS C 117 -2.94 -8.93 -14.65
CA LYS C 117 -3.59 -9.41 -13.44
C LYS C 117 -5.12 -9.40 -13.53
N PRO C 118 -5.79 -8.42 -14.12
CA PRO C 118 -7.21 -8.64 -14.45
C PRO C 118 -7.42 -9.54 -15.65
N CYS C 119 -6.38 -9.89 -16.40
CA CYS C 119 -6.62 -10.66 -17.59
C CYS C 119 -6.84 -12.13 -17.23
N VAL C 120 -7.55 -12.82 -18.12
CA VAL C 120 -7.96 -14.20 -17.89
C VAL C 120 -6.78 -15.13 -18.13
N LYS C 121 -6.95 -16.39 -17.76
CA LYS C 121 -5.92 -17.41 -17.88
C LYS C 121 -6.39 -18.48 -18.85
N LEU C 122 -5.50 -18.90 -19.74
CA LEU C 122 -5.83 -20.04 -20.58
C LEU C 122 -5.84 -21.30 -19.73
N THR C 123 -7.01 -21.77 -19.41
CA THR C 123 -7.10 -22.92 -18.52
C THR C 123 -6.86 -24.25 -19.22
N PRO C 124 -7.34 -24.54 -20.44
CA PRO C 124 -6.86 -25.75 -21.10
C PRO C 124 -5.51 -25.52 -21.78
N LEU C 125 -4.48 -26.21 -21.32
CA LEU C 125 -3.13 -25.89 -21.87
C LEU C 125 -2.55 -27.06 -22.68
N CYS C 126 -2.32 -28.21 -22.04
CA CYS C 126 -1.67 -29.34 -22.71
C CYS C 126 -2.68 -30.24 -23.38
N VAL C 127 -3.47 -29.63 -24.23
CA VAL C 127 -4.54 -30.29 -24.95
C VAL C 127 -3.97 -30.93 -26.23
N THR C 128 -4.79 -31.77 -26.86
CA THR C 128 -4.30 -32.75 -27.84
C THR C 128 -3.84 -32.09 -29.14
N LEU C 129 -4.67 -31.22 -29.71
CA LEU C 129 -4.34 -30.37 -30.86
C LEU C 129 -3.98 -31.19 -32.11
N ASN C 130 -5.00 -31.78 -32.72
CA ASN C 130 -4.84 -32.46 -33.99
C ASN C 130 -4.56 -31.42 -35.07
N CYS C 131 -3.28 -31.19 -35.33
CA CYS C 131 -2.89 -30.08 -36.19
C CYS C 131 -2.59 -30.52 -37.61
N LYS C 132 -3.14 -29.79 -38.58
CA LYS C 132 -2.81 -29.93 -39.98
C LYS C 132 -3.23 -28.66 -40.71
N ASP C 133 -2.84 -28.58 -41.98
CA ASP C 133 -3.17 -27.46 -42.84
C ASP C 133 -3.20 -27.95 -44.29
N VAL C 134 -4.03 -27.31 -45.10
CA VAL C 134 -4.20 -27.73 -46.49
C VAL C 134 -3.16 -26.99 -47.33
N ASN C 135 -2.86 -27.54 -48.52
CA ASN C 135 -1.83 -27.06 -49.44
C ASN C 135 -0.46 -27.04 -48.75
N ALA C 136 -0.14 -28.17 -48.11
CA ALA C 136 1.15 -28.45 -47.46
C ALA C 136 1.55 -27.43 -46.40
N GLU C 148 4.66 -22.21 -49.70
CA GLU C 148 5.51 -22.18 -48.51
C GLU C 148 4.98 -23.18 -47.48
N ARG C 149 5.89 -23.92 -46.88
CA ARG C 149 5.53 -25.02 -46.00
C ARG C 149 5.90 -24.64 -44.57
N GLY C 150 5.32 -25.36 -43.61
CA GLY C 150 5.47 -24.98 -42.21
C GLY C 150 4.76 -23.69 -41.88
N GLU C 151 3.74 -23.34 -42.63
CA GLU C 151 3.03 -22.08 -42.47
C GLU C 151 1.94 -22.24 -41.43
N ILE C 152 0.99 -21.30 -41.43
CA ILE C 152 -0.03 -21.26 -40.38
C ILE C 152 -0.99 -22.44 -40.53
N LYS C 153 -1.19 -23.16 -39.42
CA LYS C 153 -1.93 -24.41 -39.41
C LYS C 153 -3.13 -24.34 -38.47
N ASN C 154 -4.18 -25.09 -38.78
CA ASN C 154 -5.28 -25.29 -37.85
C ASN C 154 -4.93 -26.45 -36.94
N CYS C 155 -5.59 -26.52 -35.76
CA CYS C 155 -5.22 -27.54 -34.78
C CYS C 155 -6.38 -28.25 -34.09
N SER C 156 -7.61 -27.74 -34.19
CA SER C 156 -8.83 -28.49 -33.88
C SER C 156 -8.90 -28.98 -32.43
N PHE C 157 -9.14 -28.01 -31.53
CA PHE C 157 -9.49 -28.29 -30.14
C PHE C 157 -10.56 -29.37 -30.01
N ASN C 158 -10.30 -30.36 -29.16
CA ASN C 158 -11.30 -31.35 -28.76
C ASN C 158 -11.42 -31.17 -27.25
N ILE C 159 -12.18 -30.16 -26.83
CA ILE C 159 -12.15 -29.74 -25.44
C ILE C 159 -13.55 -29.77 -24.85
N THR C 160 -13.59 -29.68 -23.53
CA THR C 160 -14.78 -29.52 -22.72
C THR C 160 -14.76 -28.13 -22.09
N THR C 161 -15.90 -27.47 -22.13
CA THR C 161 -16.05 -26.19 -21.45
C THR C 161 -15.95 -26.36 -19.94
N SER C 162 -15.70 -25.26 -19.25
CA SER C 162 -15.61 -25.31 -17.80
C SER C 162 -16.97 -25.33 -17.12
N ILE C 163 -18.00 -24.81 -17.78
CA ILE C 163 -19.29 -24.67 -17.13
C ILE C 163 -20.08 -25.97 -17.21
N ARG C 164 -20.40 -26.39 -18.43
CA ARG C 164 -21.21 -27.56 -18.67
C ARG C 164 -20.34 -28.81 -18.63
N ASP C 165 -20.86 -29.92 -19.15
CA ASP C 165 -20.11 -31.15 -19.28
C ASP C 165 -20.03 -31.61 -20.74
N GLU C 166 -20.19 -30.68 -21.68
CA GLU C 166 -20.24 -31.00 -23.09
C GLU C 166 -18.85 -30.98 -23.71
N VAL C 167 -18.63 -31.85 -24.70
CA VAL C 167 -17.39 -31.92 -25.45
C VAL C 167 -17.65 -31.33 -26.84
N GLN C 168 -16.76 -30.43 -27.29
CA GLN C 168 -16.96 -29.72 -28.54
C GLN C 168 -15.65 -29.53 -29.30
N LYS C 169 -15.80 -29.11 -30.56
CA LYS C 169 -14.73 -29.06 -31.56
C LYS C 169 -14.58 -27.63 -32.03
N GLU C 170 -13.34 -27.20 -32.28
CA GLU C 170 -13.07 -25.85 -32.73
C GLU C 170 -12.14 -25.82 -33.96
N TYR C 171 -11.88 -24.60 -34.44
CA TYR C 171 -10.84 -24.44 -35.48
C TYR C 171 -9.95 -23.39 -34.82
N ALA C 172 -8.63 -23.42 -35.03
CA ALA C 172 -7.80 -22.36 -34.43
C ALA C 172 -6.51 -22.27 -35.24
N LEU C 173 -6.14 -21.06 -35.68
CA LEU C 173 -4.99 -20.98 -36.56
C LEU C 173 -3.71 -20.88 -35.75
N PHE C 174 -2.65 -21.54 -36.23
CA PHE C 174 -1.40 -21.59 -35.47
C PHE C 174 -0.18 -21.60 -36.38
N TYR C 175 0.82 -20.80 -36.00
CA TYR C 175 2.14 -20.80 -36.59
C TYR C 175 2.91 -22.08 -36.30
N LYS C 176 4.05 -22.25 -36.96
CA LYS C 176 4.91 -23.37 -36.64
C LYS C 176 5.64 -23.15 -35.32
N LEU C 177 5.89 -21.89 -34.97
CA LEU C 177 6.72 -21.58 -33.82
C LEU C 177 6.01 -21.70 -32.49
N ASP C 178 4.84 -22.33 -32.43
CA ASP C 178 4.03 -22.27 -31.22
C ASP C 178 3.75 -23.63 -30.63
N VAL C 179 4.12 -24.72 -31.31
CA VAL C 179 3.72 -26.04 -30.91
C VAL C 179 4.94 -26.94 -30.79
N VAL C 180 4.79 -28.03 -30.05
CA VAL C 180 5.83 -29.04 -29.91
C VAL C 180 5.19 -30.41 -30.07
N PRO C 181 5.41 -31.11 -31.18
CA PRO C 181 4.86 -32.46 -31.32
C PRO C 181 5.78 -33.53 -30.78
N ILE C 182 5.38 -34.80 -30.97
CA ILE C 182 6.31 -35.91 -31.04
C ILE C 182 6.01 -36.68 -32.34
N ASP C 183 7.06 -37.26 -32.92
CA ASP C 183 7.04 -38.22 -34.04
C ASP C 183 6.51 -37.66 -35.37
N ASN C 184 6.16 -36.37 -35.44
CA ASN C 184 5.68 -35.63 -36.61
C ASN C 184 4.30 -36.05 -37.12
N ASN C 185 3.73 -37.13 -36.60
CA ASN C 185 2.46 -37.63 -37.10
C ASN C 185 1.50 -38.06 -36.01
N ASN C 186 1.88 -37.99 -34.74
CA ASN C 186 0.97 -38.30 -33.64
C ASN C 186 0.03 -37.16 -33.32
N THR C 187 0.20 -36.00 -33.97
CA THR C 187 -0.50 -34.74 -33.69
C THR C 187 -0.37 -34.36 -32.22
N SER C 188 0.82 -34.59 -31.67
CA SER C 188 1.13 -34.34 -30.26
C SER C 188 1.57 -32.93 -30.00
N TYR C 189 1.17 -32.00 -30.85
CA TYR C 189 1.47 -30.60 -30.70
C TYR C 189 0.80 -30.06 -29.44
N ARG C 190 1.56 -29.34 -28.63
CA ARG C 190 0.96 -28.67 -27.48
C ARG C 190 1.66 -27.36 -27.28
N LEU C 191 1.11 -26.56 -26.36
CA LEU C 191 1.60 -25.21 -26.18
C LEU C 191 2.90 -25.26 -25.40
N ILE C 192 3.91 -24.53 -25.89
CA ILE C 192 5.31 -24.71 -25.50
C ILE C 192 5.53 -24.47 -24.02
N SER C 193 4.88 -23.44 -23.48
CA SER C 193 5.12 -23.08 -22.10
C SER C 193 4.09 -23.66 -21.13
N CYS C 194 3.40 -24.73 -21.54
CA CYS C 194 2.45 -25.42 -20.67
C CYS C 194 3.15 -25.97 -19.43
N ASP C 195 4.21 -26.74 -19.64
CA ASP C 195 4.87 -27.41 -18.51
C ASP C 195 5.70 -26.41 -17.71
N THR C 196 6.01 -25.26 -18.29
CA THR C 196 6.71 -24.23 -17.53
C THR C 196 5.80 -23.65 -16.48
N SER C 197 4.71 -23.03 -16.92
CA SER C 197 3.86 -22.25 -16.03
C SER C 197 2.53 -22.04 -16.72
N VAL C 198 1.73 -21.17 -16.12
CA VAL C 198 0.46 -20.79 -16.72
C VAL C 198 0.67 -19.67 -17.73
N ILE C 199 -0.26 -19.54 -18.65
CA ILE C 199 -0.18 -18.56 -19.74
C ILE C 199 -1.49 -17.79 -19.77
N THR C 200 -1.41 -16.47 -19.88
CA THR C 200 -2.58 -15.62 -19.85
C THR C 200 -2.91 -15.10 -21.24
N GLN C 201 -4.06 -14.46 -21.38
CA GLN C 201 -4.38 -13.69 -22.57
C GLN C 201 -4.03 -12.25 -22.24
N ALA C 202 -4.32 -11.29 -23.10
CA ALA C 202 -3.70 -9.99 -22.92
C ALA C 202 -4.66 -8.84 -22.70
N CYS C 203 -5.96 -9.13 -22.47
CA CYS C 203 -7.05 -8.15 -22.40
C CYS C 203 -7.05 -7.31 -23.66
N PRO C 204 -7.54 -7.87 -24.77
CA PRO C 204 -7.13 -7.45 -26.13
C PRO C 204 -7.40 -6.01 -26.52
N LYS C 205 -8.15 -5.28 -25.72
CA LYS C 205 -8.41 -3.88 -26.03
C LYS C 205 -7.19 -3.00 -25.84
N ILE C 206 -6.12 -3.52 -25.23
CA ILE C 206 -4.98 -2.68 -24.89
C ILE C 206 -3.97 -2.71 -26.03
N SER C 207 -3.36 -1.56 -26.33
CA SER C 207 -2.39 -1.39 -27.40
C SER C 207 -0.99 -1.81 -26.92
N PHE C 208 0.04 -1.55 -27.75
CA PHE C 208 1.40 -1.78 -27.30
C PHE C 208 2.42 -0.76 -27.78
N GLU C 209 2.07 0.50 -27.98
CA GLU C 209 3.08 1.44 -28.42
C GLU C 209 3.84 1.97 -27.23
N PRO C 210 5.07 2.41 -27.41
CA PRO C 210 5.74 3.18 -26.37
C PRO C 210 5.28 4.62 -26.43
N ILE C 211 5.60 5.34 -25.37
CA ILE C 211 5.40 6.79 -25.30
C ILE C 211 6.68 7.35 -24.73
N PRO C 212 7.21 8.43 -25.30
CA PRO C 212 8.36 9.09 -24.68
C PRO C 212 7.97 9.63 -23.32
N ILE C 213 8.66 9.15 -22.29
CA ILE C 213 8.37 9.56 -20.92
C ILE C 213 9.53 10.37 -20.42
N HIS C 214 9.44 10.87 -19.19
CA HIS C 214 10.50 11.66 -18.58
C HIS C 214 10.59 11.29 -17.11
N TYR C 215 11.71 10.73 -16.71
CA TYR C 215 11.93 10.52 -15.28
C TYR C 215 12.26 11.83 -14.62
N CYS C 216 11.46 12.20 -13.65
CA CYS C 216 11.68 13.41 -12.89
C CYS C 216 11.93 12.99 -11.47
N ALA C 217 12.96 13.52 -10.88
CA ALA C 217 13.24 13.17 -9.51
C ALA C 217 12.30 13.92 -8.58
N PRO C 218 12.00 13.35 -7.41
CA PRO C 218 11.39 14.15 -6.36
C PRO C 218 12.35 15.25 -5.96
N ALA C 219 11.81 16.44 -5.76
CA ALA C 219 12.63 17.63 -5.70
C ALA C 219 13.46 17.66 -4.42
N GLY C 220 14.38 18.62 -4.36
CA GLY C 220 15.49 18.52 -3.45
C GLY C 220 16.61 17.67 -3.96
N PHE C 221 16.49 17.13 -5.17
CA PHE C 221 17.47 16.28 -5.82
C PHE C 221 17.93 16.95 -7.10
N ALA C 222 18.69 16.21 -7.89
CA ALA C 222 19.07 16.64 -9.22
C ALA C 222 19.40 15.40 -10.04
N ILE C 223 19.50 15.60 -11.35
CA ILE C 223 19.94 14.57 -12.29
C ILE C 223 21.07 15.14 -13.12
N LEU C 224 22.21 14.46 -13.13
CA LEU C 224 23.40 14.93 -13.81
C LEU C 224 23.57 14.20 -15.13
N LYS C 225 24.18 14.87 -16.12
CA LYS C 225 24.48 14.20 -17.37
C LYS C 225 25.74 14.72 -18.03
N CYS C 226 26.38 13.82 -18.77
CA CYS C 226 27.64 14.03 -19.47
C CYS C 226 27.33 14.32 -20.93
N ASN C 227 27.46 15.57 -21.40
CA ASN C 227 27.27 15.73 -22.87
C ASN C 227 28.50 16.34 -23.56
N ASP C 228 29.56 16.63 -22.81
CA ASP C 228 30.78 17.06 -23.52
C ASP C 228 31.03 15.90 -24.48
N LYS C 229 31.10 16.14 -25.79
CA LYS C 229 31.26 15.09 -26.78
C LYS C 229 32.47 14.20 -26.48
N THR C 230 32.64 13.17 -27.33
CA THR C 230 33.75 12.23 -27.32
C THR C 230 33.88 11.52 -25.98
N PHE C 231 32.91 10.66 -25.70
CA PHE C 231 32.71 10.15 -24.36
C PHE C 231 32.09 8.77 -24.42
N ASN C 232 32.44 7.94 -23.45
CA ASN C 232 32.10 6.52 -23.51
C ASN C 232 32.19 5.89 -22.14
N GLY C 233 31.07 5.39 -21.65
CA GLY C 233 31.00 4.58 -20.45
C GLY C 233 31.51 5.26 -19.21
N LYS C 234 32.31 4.50 -18.46
CA LYS C 234 32.81 4.91 -17.17
C LYS C 234 33.94 5.93 -17.31
N GLY C 235 34.56 6.24 -16.18
CA GLY C 235 35.62 7.21 -16.14
C GLY C 235 35.09 8.60 -15.92
N PRO C 236 35.95 9.60 -16.05
CA PRO C 236 35.49 10.98 -15.91
C PRO C 236 34.81 11.47 -17.17
N CYS C 237 34.05 12.55 -17.02
CA CYS C 237 33.62 13.34 -18.17
C CYS C 237 34.15 14.76 -18.03
N LYS C 238 33.77 15.62 -18.96
CA LYS C 238 34.11 17.03 -18.90
C LYS C 238 32.88 17.92 -18.89
N ASN C 239 31.71 17.35 -18.63
CA ASN C 239 30.50 18.13 -18.60
C ASN C 239 29.68 17.83 -17.36
N VAL C 240 29.24 18.90 -16.72
CA VAL C 240 28.48 18.84 -15.49
C VAL C 240 27.07 19.35 -15.78
N SER C 241 26.62 19.08 -17.01
CA SER C 241 25.28 19.42 -17.44
C SER C 241 24.23 18.70 -16.61
N THR C 242 23.27 19.46 -16.10
CA THR C 242 22.22 18.87 -15.28
C THR C 242 20.85 19.13 -15.88
N VAL C 243 19.90 18.28 -15.49
CA VAL C 243 18.50 18.39 -15.86
C VAL C 243 17.66 18.04 -14.65
N GLN C 244 16.42 18.51 -14.66
CA GLN C 244 15.44 18.05 -13.69
C GLN C 244 14.77 16.78 -14.16
N CYS C 245 14.45 16.70 -15.44
CA CYS C 245 13.81 15.55 -15.99
C CYS C 245 14.63 15.02 -17.14
N THR C 246 14.47 13.73 -17.40
CA THR C 246 15.20 13.11 -18.48
C THR C 246 14.58 13.48 -19.82
N HIS C 247 15.22 13.02 -20.90
CA HIS C 247 14.65 13.20 -22.22
C HIS C 247 13.63 12.11 -22.47
N GLY C 248 13.15 12.03 -23.69
CA GLY C 248 12.10 11.09 -24.03
C GLY C 248 12.61 9.68 -24.19
N ILE C 249 12.80 8.99 -23.08
CA ILE C 249 13.04 7.55 -23.15
C ILE C 249 11.83 6.89 -23.75
N ARG C 250 12.06 6.08 -24.78
CA ARG C 250 11.01 5.34 -25.43
C ARG C 250 11.24 3.85 -25.15
N PRO C 251 10.76 3.35 -24.05
CA PRO C 251 11.20 2.03 -23.60
C PRO C 251 10.54 0.87 -24.34
N VAL C 252 11.14 0.45 -25.44
CA VAL C 252 10.73 -0.77 -26.10
C VAL C 252 11.71 -1.86 -25.69
N VAL C 253 11.19 -3.04 -25.37
CA VAL C 253 12.08 -4.15 -25.04
C VAL C 253 12.66 -4.70 -26.32
N SER C 254 13.95 -4.45 -26.51
CA SER C 254 14.54 -4.71 -27.80
C SER C 254 15.51 -5.88 -27.78
N THR C 255 15.62 -6.55 -28.91
CA THR C 255 16.53 -7.63 -29.23
C THR C 255 17.84 -7.05 -29.73
N GLN C 256 18.62 -7.89 -30.42
CA GLN C 256 19.95 -7.70 -30.99
C GLN C 256 20.30 -6.31 -31.51
N LEU C 257 19.34 -5.64 -32.12
CA LEU C 257 19.57 -4.31 -32.66
C LEU C 257 18.84 -3.28 -31.81
N LEU C 258 19.34 -2.05 -31.84
CA LEU C 258 18.76 -0.98 -31.05
C LEU C 258 17.77 -0.21 -31.89
N LEU C 259 16.54 -0.09 -31.39
CA LEU C 259 15.39 0.22 -32.21
C LEU C 259 14.83 1.56 -31.74
N ASN C 260 14.86 2.55 -32.64
CA ASN C 260 14.47 3.96 -32.54
C ASN C 260 14.65 4.56 -31.15
N GLY C 261 15.82 4.32 -30.55
CA GLY C 261 16.12 4.86 -29.26
C GLY C 261 16.76 6.21 -29.45
N SER C 262 18.05 6.31 -29.25
CA SER C 262 18.77 7.52 -29.60
C SER C 262 19.95 7.17 -30.48
N LEU C 263 20.21 8.03 -31.46
CA LEU C 263 21.45 7.91 -32.21
C LEU C 263 22.62 8.46 -31.39
N ALA C 264 23.81 8.24 -31.91
CA ALA C 264 25.02 8.68 -31.23
C ALA C 264 25.27 10.15 -31.51
N GLU C 265 26.47 10.59 -31.19
CA GLU C 265 26.98 11.91 -31.55
C GLU C 265 27.41 11.88 -33.01
N GLU C 266 28.20 12.89 -33.40
CA GLU C 266 28.68 13.01 -34.77
C GLU C 266 29.69 11.94 -35.16
N GLU C 267 30.13 11.12 -34.21
CA GLU C 267 31.16 10.12 -34.43
C GLU C 267 30.65 8.82 -33.83
N VAL C 268 30.91 7.71 -34.50
CA VAL C 268 30.52 6.42 -33.94
C VAL C 268 31.40 6.11 -32.75
N VAL C 269 30.77 5.88 -31.60
CA VAL C 269 31.50 5.61 -30.37
C VAL C 269 30.90 4.36 -29.74
N ILE C 270 31.76 3.53 -29.18
CA ILE C 270 31.35 2.40 -28.37
C ILE C 270 31.70 2.71 -26.92
N ARG C 271 30.84 2.30 -25.99
CA ARG C 271 31.03 2.68 -24.60
C ARG C 271 32.05 1.79 -23.91
N SER C 272 32.63 2.32 -22.84
CA SER C 272 33.74 1.68 -22.17
C SER C 272 33.27 0.52 -21.28
N ASP C 273 33.87 -0.65 -21.48
CA ASP C 273 33.63 -1.84 -20.66
C ASP C 273 34.99 -2.46 -20.33
N ASN C 274 34.97 -3.66 -19.74
CA ASN C 274 36.20 -4.43 -19.56
C ASN C 274 36.50 -5.15 -20.88
N PHE C 275 37.54 -4.70 -21.56
CA PHE C 275 37.90 -5.29 -22.84
C PHE C 275 38.64 -6.60 -22.69
N THR C 276 38.86 -7.07 -21.48
CA THR C 276 39.27 -8.44 -21.29
C THR C 276 38.01 -9.28 -21.09
N ASN C 277 38.24 -10.54 -20.73
CA ASN C 277 37.31 -11.37 -19.96
C ASN C 277 36.12 -11.87 -20.77
N ASN C 278 35.94 -11.37 -22.00
CA ASN C 278 34.98 -11.86 -23.00
C ASN C 278 33.55 -11.97 -22.51
N ALA C 279 33.18 -11.28 -21.45
CA ALA C 279 31.85 -11.41 -20.88
C ALA C 279 31.31 -10.06 -20.44
N LYS C 280 31.51 -9.05 -21.27
CA LYS C 280 30.96 -7.74 -21.00
C LYS C 280 29.94 -7.28 -22.02
N THR C 281 29.84 -7.97 -23.16
CA THR C 281 28.83 -7.80 -24.20
C THR C 281 28.67 -6.35 -24.66
N ILE C 282 29.74 -5.83 -25.26
CA ILE C 282 29.83 -4.41 -25.57
C ILE C 282 28.80 -4.01 -26.61
N ILE C 283 28.32 -2.77 -26.53
CA ILE C 283 27.28 -2.28 -27.41
C ILE C 283 27.75 -0.96 -28.01
N VAL C 284 27.60 -0.81 -29.31
CA VAL C 284 28.01 0.41 -30.00
C VAL C 284 26.76 1.10 -30.54
N GLN C 285 26.75 2.43 -30.47
CA GLN C 285 25.70 3.26 -31.03
C GLN C 285 26.02 3.54 -32.49
N LEU C 286 25.12 4.25 -33.17
CA LEU C 286 25.33 4.63 -34.56
C LEU C 286 25.18 6.13 -34.74
N LYS C 287 26.01 6.69 -35.62
CA LYS C 287 25.86 8.10 -35.95
C LYS C 287 24.66 8.32 -36.85
N GLU C 288 24.64 7.68 -38.02
CA GLU C 288 23.47 7.77 -38.86
C GLU C 288 22.38 6.84 -38.36
N SER C 289 21.18 7.07 -38.84
CA SER C 289 20.08 6.15 -38.61
C SER C 289 19.96 5.19 -39.78
N VAL C 290 19.43 4.01 -39.51
CA VAL C 290 19.19 2.99 -40.53
C VAL C 290 17.70 2.65 -40.46
N GLU C 291 17.04 2.65 -41.62
CA GLU C 291 15.60 2.64 -41.68
C GLU C 291 15.11 1.36 -42.32
N ILE C 292 14.18 0.68 -41.65
CA ILE C 292 13.63 -0.57 -42.15
C ILE C 292 12.15 -0.62 -41.81
N ASN C 293 11.33 -0.98 -42.79
CA ASN C 293 9.91 -1.23 -42.60
C ASN C 293 9.61 -2.71 -42.79
N CYS C 294 8.65 -3.20 -42.01
CA CYS C 294 8.31 -4.61 -42.03
C CYS C 294 6.80 -4.77 -41.97
N THR C 295 6.32 -5.87 -42.53
CA THR C 295 4.91 -6.03 -42.87
C THR C 295 4.61 -7.50 -43.14
N ARG C 296 3.52 -7.98 -42.57
CA ARG C 296 2.97 -9.26 -43.01
C ARG C 296 2.13 -9.05 -44.27
N PRO C 297 2.34 -9.82 -45.33
CA PRO C 297 1.64 -9.54 -46.58
C PRO C 297 0.19 -9.93 -46.53
N ASN C 298 -0.13 -11.01 -45.84
CA ASN C 298 -1.49 -11.48 -45.73
C ASN C 298 -2.29 -10.67 -44.72
N ASN C 299 -3.61 -10.79 -44.88
CA ASN C 299 -4.60 -10.08 -44.04
C ASN C 299 -5.33 -11.19 -43.27
N ASN C 300 -5.84 -10.91 -42.07
CA ASN C 300 -6.41 -12.03 -41.27
C ASN C 300 -7.67 -11.54 -40.55
N THR C 301 -8.57 -12.45 -40.16
CA THR C 301 -9.73 -12.07 -39.38
C THR C 301 -9.60 -12.60 -37.95
N ARG C 302 -10.62 -12.37 -37.13
CA ARG C 302 -10.60 -12.73 -35.73
C ARG C 302 -11.87 -13.49 -35.34
N LYS C 303 -11.70 -14.57 -34.59
CA LYS C 303 -12.83 -15.30 -34.04
C LYS C 303 -12.92 -15.00 -32.54
N SER C 304 -13.84 -15.71 -31.90
CA SER C 304 -13.99 -15.66 -30.46
C SER C 304 -14.51 -17.02 -30.00
N ILE C 305 -13.76 -17.66 -29.11
CA ILE C 305 -14.16 -18.97 -28.62
C ILE C 305 -14.47 -18.89 -27.15
N HIS C 306 -15.69 -19.30 -26.80
CA HIS C 306 -16.18 -19.34 -25.43
C HIS C 306 -15.62 -20.55 -24.70
N ILE C 307 -15.18 -20.32 -23.46
CA ILE C 307 -14.60 -21.38 -22.65
C ILE C 307 -15.41 -21.55 -21.38
N GLY C 308 -15.59 -20.45 -20.65
CA GLY C 308 -16.24 -20.48 -19.37
C GLY C 308 -16.69 -19.10 -18.95
N PRO C 309 -16.82 -18.89 -17.64
CA PRO C 309 -17.35 -17.62 -17.14
C PRO C 309 -16.41 -16.45 -17.37
N GLY C 310 -16.83 -15.52 -18.22
CA GLY C 310 -15.94 -14.45 -18.63
C GLY C 310 -14.79 -14.89 -19.48
N ARG C 311 -14.89 -16.05 -20.11
CA ARG C 311 -13.82 -16.63 -20.91
C ARG C 311 -14.30 -16.75 -22.35
N ALA C 312 -14.22 -15.65 -23.07
CA ALA C 312 -14.32 -15.71 -24.52
C ALA C 312 -12.93 -15.44 -25.10
N PHE C 313 -12.38 -16.48 -25.73
CA PHE C 313 -10.97 -16.47 -26.09
C PHE C 313 -10.84 -16.03 -27.54
N TYR C 314 -9.85 -15.20 -27.82
CA TYR C 314 -9.70 -14.67 -29.16
C TYR C 314 -8.52 -15.32 -29.86
N THR C 315 -8.74 -15.75 -31.09
CA THR C 315 -7.71 -16.34 -31.93
C THR C 315 -7.82 -15.74 -33.32
N THR C 316 -7.00 -16.24 -34.23
CA THR C 316 -7.08 -15.82 -35.61
C THR C 316 -8.31 -16.41 -36.26
N GLY C 317 -9.14 -15.55 -36.87
CA GLY C 317 -10.35 -16.04 -37.47
C GLY C 317 -10.11 -16.82 -38.74
N GLU C 318 -9.74 -16.12 -39.81
CA GLU C 318 -9.49 -16.77 -41.09
C GLU C 318 -8.70 -15.81 -41.98
N ILE C 319 -8.05 -16.33 -43.01
CA ILE C 319 -7.14 -15.59 -43.86
C ILE C 319 -7.77 -15.45 -45.24
N ILE C 320 -7.49 -14.35 -45.93
CA ILE C 320 -8.10 -14.06 -47.22
C ILE C 320 -7.03 -14.22 -48.29
N GLY C 321 -7.07 -15.34 -49.01
CA GLY C 321 -6.26 -15.46 -50.22
C GLY C 321 -4.78 -15.70 -50.03
N ASP C 322 -3.97 -14.65 -50.25
CA ASP C 322 -2.51 -14.76 -50.27
C ASP C 322 -1.95 -15.16 -48.92
N ILE C 323 -0.91 -15.99 -48.94
CA ILE C 323 -0.36 -16.59 -47.73
C ILE C 323 1.15 -16.35 -47.62
N ARG C 324 1.64 -15.26 -48.17
CA ARG C 324 3.08 -15.04 -48.23
C ARG C 324 3.65 -14.65 -46.87
N GLN C 325 4.92 -14.99 -46.67
CA GLN C 325 5.58 -14.78 -45.39
C GLN C 325 5.94 -13.32 -45.18
N ALA C 326 6.05 -12.93 -43.91
CA ALA C 326 6.41 -11.57 -43.56
C ALA C 326 7.90 -11.35 -43.73
N HIS C 327 8.24 -10.34 -44.51
CA HIS C 327 9.64 -10.06 -44.78
C HIS C 327 10.01 -8.66 -44.31
N CYS C 328 11.30 -8.37 -44.41
CA CYS C 328 11.90 -7.11 -43.99
C CYS C 328 13.02 -6.75 -44.94
N ASN C 329 12.86 -5.66 -45.67
CA ASN C 329 13.83 -5.25 -46.67
C ASN C 329 14.69 -4.11 -46.13
N ILE C 330 15.94 -4.07 -46.61
CA ILE C 330 16.89 -3.06 -46.18
C ILE C 330 17.95 -2.83 -47.25
N SER C 331 18.21 -1.55 -47.56
CA SER C 331 19.18 -1.15 -48.56
C SER C 331 20.59 -1.55 -48.15
N ARG C 332 21.12 -2.58 -48.80
CA ARG C 332 22.43 -3.10 -48.40
C ARG C 332 23.56 -2.15 -48.74
N ALA C 333 23.34 -1.26 -49.71
CA ALA C 333 24.37 -0.28 -50.07
C ALA C 333 24.62 0.69 -48.93
N LYS C 334 23.57 1.06 -48.21
CA LYS C 334 23.76 1.80 -46.97
C LYS C 334 24.43 0.93 -45.93
N TRP C 335 24.07 -0.36 -45.91
CA TRP C 335 24.62 -1.27 -44.93
C TRP C 335 26.07 -1.61 -45.23
N ASN C 336 26.41 -1.71 -46.52
CA ASN C 336 27.80 -1.90 -46.92
C ASN C 336 28.64 -0.69 -46.52
N ASP C 337 28.04 0.50 -46.58
CA ASP C 337 28.77 1.71 -46.20
C ASP C 337 28.99 1.79 -44.71
N THR C 338 27.98 1.38 -43.94
CA THR C 338 27.95 1.71 -42.52
C THR C 338 28.97 0.90 -41.74
N LEU C 339 29.16 -0.36 -42.12
CA LEU C 339 30.07 -1.22 -41.38
C LEU C 339 31.51 -0.89 -41.69
N LYS C 340 31.76 -0.29 -42.86
CA LYS C 340 33.08 0.24 -43.16
C LYS C 340 33.48 1.29 -42.14
N GLN C 341 32.51 2.11 -41.74
CA GLN C 341 32.78 3.13 -40.72
C GLN C 341 33.07 2.51 -39.38
N ILE C 342 32.38 1.43 -39.04
CA ILE C 342 32.43 0.98 -37.66
C ILE C 342 33.67 0.14 -37.40
N VAL C 343 34.23 -0.50 -38.42
CA VAL C 343 35.42 -1.31 -38.20
C VAL C 343 36.64 -0.43 -38.07
N ILE C 344 36.54 0.81 -38.56
CA ILE C 344 37.56 1.81 -38.30
C ILE C 344 37.65 2.08 -36.81
N LYS C 345 36.50 2.22 -36.14
CA LYS C 345 36.53 2.49 -34.73
C LYS C 345 36.81 1.22 -33.94
N LEU C 346 36.65 0.05 -34.58
CA LEU C 346 36.99 -1.21 -33.93
C LEU C 346 38.50 -1.39 -33.81
N ARG C 347 39.20 -1.40 -34.94
CA ARG C 347 40.61 -1.80 -34.96
C ARG C 347 41.47 -0.78 -34.25
N GLU C 348 41.17 0.50 -34.44
CA GLU C 348 42.05 1.55 -33.98
C GLU C 348 41.95 1.71 -32.46
N GLN C 349 40.73 1.56 -31.94
CA GLN C 349 40.53 1.64 -30.47
C GLN C 349 40.92 0.30 -29.82
N PHE C 350 40.83 -0.80 -30.56
CA PHE C 350 41.07 -2.13 -29.94
C PHE C 350 41.62 -3.13 -30.96
N GLU C 351 42.91 -3.51 -30.87
CA GLU C 351 43.53 -4.56 -31.72
C GLU C 351 43.33 -4.33 -33.23
N ASN C 352 44.28 -3.65 -33.88
CA ASN C 352 44.17 -3.45 -35.34
C ASN C 352 44.83 -4.58 -36.13
N LYS C 353 44.05 -5.60 -36.47
CA LYS C 353 44.58 -6.68 -37.34
C LYS C 353 43.45 -7.09 -38.30
N THR C 354 42.67 -8.09 -37.91
CA THR C 354 41.55 -8.59 -38.77
C THR C 354 40.28 -8.76 -37.94
N ILE C 355 39.10 -8.74 -38.56
CA ILE C 355 37.82 -8.96 -37.89
C ILE C 355 36.95 -9.86 -38.74
N VAL C 356 36.39 -10.90 -38.13
CA VAL C 356 35.45 -11.81 -38.78
C VAL C 356 34.12 -11.70 -38.06
N PHE C 357 33.10 -11.23 -38.78
CA PHE C 357 31.74 -11.28 -38.29
C PHE C 357 31.13 -12.64 -38.61
N ASN C 358 31.39 -13.61 -37.75
CA ASN C 358 30.59 -14.81 -37.74
C ASN C 358 29.24 -14.45 -37.13
N HIS C 359 28.20 -15.11 -37.61
CA HIS C 359 26.92 -15.01 -36.93
C HIS C 359 26.99 -15.76 -35.62
N SER C 360 26.06 -15.46 -34.72
CA SER C 360 25.97 -16.22 -33.48
C SER C 360 25.45 -17.62 -33.77
N SER C 361 25.97 -18.59 -33.03
CA SER C 361 25.61 -19.98 -33.26
C SER C 361 24.34 -20.31 -32.47
N GLY C 362 24.02 -21.59 -32.37
CA GLY C 362 22.75 -22.02 -31.83
C GLY C 362 22.62 -21.83 -30.33
N GLY C 363 21.46 -22.23 -29.81
CA GLY C 363 21.14 -22.01 -28.42
C GLY C 363 19.73 -21.49 -28.20
N ASP C 364 19.62 -20.26 -27.70
CA ASP C 364 18.33 -19.67 -27.37
C ASP C 364 17.50 -19.41 -28.62
N PRO C 365 16.20 -19.70 -28.62
CA PRO C 365 15.36 -19.28 -29.73
C PRO C 365 15.21 -17.78 -29.86
N GLU C 366 15.50 -17.02 -28.80
CA GLU C 366 15.38 -15.58 -28.89
C GLU C 366 16.72 -14.91 -29.21
N ILE C 367 17.79 -15.34 -28.55
CA ILE C 367 19.09 -14.66 -28.71
C ILE C 367 19.64 -14.87 -30.12
N VAL C 368 19.35 -16.02 -30.74
CA VAL C 368 19.80 -16.25 -32.10
C VAL C 368 19.12 -15.31 -33.08
N MET C 369 17.79 -15.37 -33.17
CA MET C 369 17.09 -14.58 -34.15
C MET C 369 16.88 -13.16 -33.64
N HIS C 370 16.23 -12.34 -34.45
CA HIS C 370 16.02 -10.94 -34.11
C HIS C 370 14.52 -10.75 -33.87
N SER C 371 14.16 -10.65 -32.59
CA SER C 371 12.74 -10.60 -32.23
C SER C 371 12.22 -9.18 -32.16
N PHE C 372 11.67 -8.70 -33.27
CA PHE C 372 11.27 -7.31 -33.37
C PHE C 372 9.82 -7.16 -32.92
N ASN C 373 9.50 -6.02 -32.32
CA ASN C 373 8.13 -5.66 -31.98
C ASN C 373 7.77 -4.36 -32.69
N CYS C 374 6.62 -4.39 -33.37
CA CYS C 374 5.97 -3.19 -33.85
C CYS C 374 4.52 -3.50 -34.15
N GLY C 375 3.70 -2.45 -34.15
CA GLY C 375 2.28 -2.58 -34.37
C GLY C 375 1.57 -3.34 -33.27
N GLY C 376 2.19 -3.47 -32.11
CA GLY C 376 1.71 -4.40 -31.13
C GLY C 376 1.86 -5.83 -31.61
N GLU C 377 3.01 -6.16 -32.18
CA GLU C 377 3.14 -7.51 -32.70
C GLU C 377 4.59 -7.95 -32.70
N PHE C 378 4.80 -9.20 -32.27
CA PHE C 378 6.09 -9.83 -32.15
C PHE C 378 6.40 -10.67 -33.38
N PHE C 379 7.66 -10.65 -33.80
CA PHE C 379 8.13 -11.57 -34.83
C PHE C 379 9.65 -11.73 -34.75
N TYR C 380 10.11 -12.94 -35.07
CA TYR C 380 11.53 -13.28 -35.03
C TYR C 380 12.10 -13.23 -36.44
N CYS C 381 13.41 -12.99 -36.53
CA CYS C 381 14.07 -12.73 -37.81
C CYS C 381 15.40 -13.45 -37.89
N ASN C 382 15.54 -14.36 -38.86
CA ASN C 382 16.78 -15.09 -39.11
C ASN C 382 17.75 -14.15 -39.81
N SER C 383 18.62 -13.51 -39.03
CA SER C 383 19.53 -12.50 -39.54
C SER C 383 20.82 -13.08 -40.08
N THR C 384 20.84 -14.39 -40.36
CA THR C 384 22.10 -15.07 -40.78
C THR C 384 22.62 -14.38 -42.04
N GLN C 385 21.72 -13.77 -42.83
CA GLN C 385 22.12 -13.11 -44.10
C GLN C 385 22.60 -11.69 -43.80
N LEU C 386 23.58 -11.52 -42.90
CA LEU C 386 24.09 -10.19 -42.52
C LEU C 386 25.59 -10.30 -42.18
N PHE C 387 25.98 -11.34 -41.42
CA PHE C 387 27.37 -11.45 -40.97
C PHE C 387 28.01 -12.65 -41.64
N ASN C 388 28.50 -12.45 -42.86
CA ASN C 388 29.37 -13.40 -43.52
C ASN C 388 30.61 -12.68 -44.02
N SER C 389 31.08 -11.73 -43.24
CA SER C 389 32.10 -10.79 -43.68
C SER C 389 33.40 -11.02 -42.93
N THR C 390 34.49 -10.53 -43.52
CA THR C 390 35.83 -10.68 -42.99
C THR C 390 36.66 -9.50 -43.46
N TRP C 391 37.41 -8.89 -42.55
CA TRP C 391 37.96 -7.58 -42.80
C TRP C 391 39.46 -7.52 -42.52
N ASN C 392 40.12 -6.63 -43.25
CA ASN C 392 41.55 -6.35 -43.14
C ASN C 392 41.74 -4.89 -43.49
N ASN C 393 42.98 -4.48 -43.77
CA ASN C 393 43.28 -3.09 -44.11
C ASN C 393 43.49 -2.86 -45.59
N ASN C 394 44.32 -3.69 -46.23
CA ASN C 394 44.80 -3.36 -47.56
C ASN C 394 43.79 -3.73 -48.63
N THR C 395 43.19 -4.92 -48.51
CA THR C 395 42.43 -5.53 -49.59
C THR C 395 40.96 -5.12 -49.60
N GLU C 396 40.65 -3.98 -48.99
CA GLU C 396 39.24 -3.49 -48.90
C GLU C 396 39.18 -2.05 -49.40
N GLY C 397 37.96 -1.52 -49.57
CA GLY C 397 37.79 -0.13 -50.04
C GLY C 397 37.43 -0.08 -51.52
N ASN C 404 21.03 -2.54 -53.67
CA ASN C 404 20.46 -3.78 -54.18
C ASN C 404 19.35 -4.22 -53.24
N THR C 405 19.36 -3.63 -52.03
CA THR C 405 18.26 -3.68 -51.05
C THR C 405 17.93 -5.10 -50.60
N ILE C 406 18.79 -5.68 -49.75
CA ILE C 406 18.61 -7.05 -49.27
C ILE C 406 17.36 -7.15 -48.40
N THR C 407 16.68 -8.29 -48.49
CA THR C 407 15.45 -8.58 -47.79
C THR C 407 15.66 -9.78 -46.88
N LEU C 408 15.03 -9.77 -45.70
CA LEU C 408 15.22 -10.82 -44.73
C LEU C 408 13.93 -11.59 -44.51
N PRO C 409 13.99 -12.91 -44.42
CA PRO C 409 12.78 -13.68 -44.07
C PRO C 409 12.54 -13.75 -42.58
N CYS C 410 11.48 -13.13 -42.10
CA CYS C 410 11.14 -13.15 -40.68
C CYS C 410 9.95 -14.06 -40.46
N ARG C 411 9.70 -14.42 -39.19
CA ARG C 411 8.65 -15.37 -38.86
C ARG C 411 8.12 -15.07 -37.46
N ILE C 412 6.87 -15.47 -37.22
CA ILE C 412 6.07 -15.01 -36.10
C ILE C 412 5.78 -16.16 -35.14
N LYS C 413 5.94 -15.89 -33.84
CA LYS C 413 5.60 -16.80 -32.75
C LYS C 413 4.54 -16.13 -31.88
N GLN C 414 3.53 -16.90 -31.45
CA GLN C 414 2.43 -16.34 -30.68
C GLN C 414 2.67 -16.38 -29.18
N ILE C 415 3.73 -17.03 -28.71
CA ILE C 415 3.94 -17.27 -27.29
C ILE C 415 5.26 -16.63 -26.90
N ILE C 416 5.30 -15.96 -25.76
CA ILE C 416 6.56 -15.47 -25.24
C ILE C 416 6.78 -16.05 -23.86
N ASN C 417 7.93 -15.73 -23.27
CA ASN C 417 8.28 -16.16 -21.92
C ASN C 417 9.06 -15.07 -21.21
N MET C 418 9.00 -15.13 -19.88
CA MET C 418 9.89 -14.35 -19.04
C MET C 418 11.31 -14.82 -19.30
N TRP C 419 12.27 -13.91 -19.19
CA TRP C 419 13.62 -14.25 -19.58
C TRP C 419 14.48 -14.67 -18.39
N GLN C 420 14.29 -14.06 -17.23
CA GLN C 420 15.03 -14.51 -16.05
C GLN C 420 14.26 -15.58 -15.30
N GLU C 421 13.03 -15.87 -15.71
CA GLU C 421 12.21 -16.78 -14.93
C GLU C 421 11.42 -17.70 -15.85
N VAL C 422 11.04 -18.88 -15.37
CA VAL C 422 10.31 -19.85 -16.18
C VAL C 422 8.83 -19.70 -15.88
N GLY C 423 8.49 -18.81 -14.97
CA GLY C 423 7.14 -18.79 -14.44
C GLY C 423 6.11 -17.89 -15.10
N LYS C 424 6.47 -17.21 -16.17
CA LYS C 424 5.63 -16.11 -16.67
C LYS C 424 5.57 -16.18 -18.20
N ALA C 425 4.37 -16.30 -18.76
CA ALA C 425 4.19 -16.38 -20.20
C ALA C 425 2.88 -15.69 -20.61
N MET C 426 2.86 -15.16 -21.83
CA MET C 426 1.87 -14.18 -22.26
C MET C 426 1.37 -14.53 -23.67
N TYR C 427 0.16 -14.09 -23.99
CA TYR C 427 -0.28 -14.03 -25.38
C TYR C 427 -0.41 -12.61 -25.88
N ALA C 428 -0.71 -12.53 -27.17
CA ALA C 428 -1.13 -11.37 -27.90
C ALA C 428 -2.38 -11.73 -28.69
N PRO C 429 -3.29 -10.80 -28.88
CA PRO C 429 -4.41 -11.04 -29.76
C PRO C 429 -3.99 -10.91 -31.21
N PRO C 430 -4.52 -11.74 -32.09
CA PRO C 430 -4.25 -11.55 -33.52
C PRO C 430 -4.95 -10.30 -34.01
N ILE C 431 -4.20 -9.45 -34.69
CA ILE C 431 -4.69 -8.15 -35.14
C ILE C 431 -5.24 -8.33 -36.54
N ARG C 432 -6.49 -7.89 -36.74
CA ARG C 432 -7.16 -8.07 -38.06
C ARG C 432 -6.44 -7.30 -39.16
N GLY C 433 -6.50 -7.78 -40.40
CA GLY C 433 -5.93 -7.00 -41.50
C GLY C 433 -4.41 -7.04 -41.60
N GLN C 434 -3.78 -5.91 -41.97
CA GLN C 434 -2.36 -5.88 -42.24
C GLN C 434 -1.71 -4.72 -41.51
N ILE C 435 -0.41 -4.84 -41.28
CA ILE C 435 0.34 -3.89 -40.46
C ILE C 435 1.60 -3.49 -41.21
N ARG C 436 1.81 -2.18 -41.34
CA ARG C 436 2.95 -1.63 -42.04
C ARG C 436 3.57 -0.56 -41.15
N CYS C 437 4.76 -0.83 -40.64
CA CYS C 437 5.40 0.17 -39.80
C CYS C 437 6.91 0.06 -39.96
N SER C 438 7.57 1.20 -39.83
CA SER C 438 8.99 1.33 -40.07
C SER C 438 9.70 1.63 -38.77
N SER C 439 11.03 1.64 -38.82
CA SER C 439 11.83 1.82 -37.63
C SER C 439 13.20 2.37 -38.00
N ASN C 440 13.73 3.18 -37.10
CA ASN C 440 15.10 3.66 -37.19
C ASN C 440 15.98 2.74 -36.36
N ILE C 441 17.08 2.28 -36.94
CA ILE C 441 18.03 1.47 -36.18
C ILE C 441 19.05 2.40 -35.53
N THR C 442 19.34 2.19 -34.25
CA THR C 442 20.22 3.10 -33.54
C THR C 442 21.47 2.48 -32.95
N GLY C 443 21.66 1.17 -33.02
CA GLY C 443 22.85 0.59 -32.43
C GLY C 443 22.83 -0.92 -32.44
N LEU C 444 24.01 -1.49 -32.18
CA LEU C 444 24.24 -2.92 -32.34
C LEU C 444 24.92 -3.49 -31.10
N LEU C 445 24.55 -4.73 -30.76
CA LEU C 445 25.00 -5.41 -29.56
C LEU C 445 26.04 -6.46 -29.92
N LEU C 446 27.20 -6.40 -29.27
CA LEU C 446 28.36 -7.15 -29.74
C LEU C 446 28.93 -8.03 -28.64
N THR C 447 29.53 -9.15 -29.04
CA THR C 447 30.20 -10.08 -28.14
C THR C 447 31.52 -10.54 -28.75
N ARG C 448 32.61 -10.26 -28.07
CA ARG C 448 33.94 -10.73 -28.46
C ARG C 448 34.17 -12.14 -27.91
N ASP C 449 34.62 -13.03 -28.78
CA ASP C 449 34.76 -14.43 -28.42
C ASP C 449 36.21 -14.84 -28.70
N GLY C 450 36.45 -16.15 -28.67
CA GLY C 450 37.70 -16.68 -29.18
C GLY C 450 38.68 -17.06 -28.08
N GLY C 451 39.50 -18.06 -28.40
CA GLY C 451 40.62 -18.45 -27.56
C GLY C 451 41.91 -18.53 -28.34
N ILE C 452 41.80 -18.68 -29.65
CA ILE C 452 42.93 -18.67 -30.56
C ILE C 452 42.69 -17.60 -31.62
N ASN C 453 43.76 -16.91 -31.99
CA ASN C 453 43.61 -15.66 -32.74
C ASN C 453 44.58 -15.51 -33.90
N GLU C 454 45.60 -16.36 -33.98
CA GLU C 454 46.57 -16.26 -35.07
C GLU C 454 45.94 -16.67 -36.39
N ASN C 455 44.90 -17.50 -36.34
CA ASN C 455 44.13 -17.79 -37.54
C ASN C 455 43.23 -16.61 -37.90
N GLY C 456 42.44 -16.14 -36.96
CA GLY C 456 41.60 -14.96 -37.15
C GLY C 456 41.53 -14.21 -35.84
N THR C 457 41.89 -12.93 -35.86
CA THR C 457 42.13 -12.23 -34.61
C THR C 457 40.84 -11.86 -33.90
N GLU C 458 39.78 -11.50 -34.64
CA GLU C 458 38.59 -10.99 -33.99
C GLU C 458 37.35 -11.75 -34.43
N ILE C 459 36.64 -12.30 -33.45
CA ILE C 459 35.34 -12.92 -33.65
C ILE C 459 34.34 -12.09 -32.87
N PHE C 460 33.59 -11.25 -33.57
CA PHE C 460 32.54 -10.46 -32.95
C PHE C 460 31.22 -11.08 -33.39
N ARG C 461 30.64 -11.93 -32.54
CA ARG C 461 29.29 -12.47 -32.86
C ARG C 461 28.23 -11.44 -32.46
N PRO C 462 27.13 -11.27 -33.23
CA PRO C 462 26.05 -10.36 -32.84
C PRO C 462 25.46 -10.73 -31.46
N GLY C 463 25.71 -9.91 -30.45
CA GLY C 463 25.24 -10.22 -29.12
C GLY C 463 23.73 -10.06 -28.99
N GLY C 464 23.15 -10.91 -28.17
CA GLY C 464 21.74 -10.82 -27.82
C GLY C 464 21.59 -10.07 -26.52
N GLY C 465 20.35 -9.72 -26.18
CA GLY C 465 20.13 -8.88 -25.02
C GLY C 465 19.93 -9.66 -23.74
N ASP C 466 19.94 -8.92 -22.65
CA ASP C 466 19.59 -9.43 -21.34
C ASP C 466 18.30 -8.86 -20.82
N MET C 467 17.74 -7.87 -21.54
CA MET C 467 16.67 -6.94 -21.22
C MET C 467 17.12 -5.88 -20.22
N ARG C 468 18.26 -6.06 -19.56
CA ARG C 468 18.73 -5.02 -18.66
C ARG C 468 19.48 -3.93 -19.40
N ASP C 469 20.16 -4.26 -20.49
CA ASP C 469 21.06 -3.32 -21.13
C ASP C 469 20.35 -2.31 -22.02
N ASN C 470 19.09 -2.53 -22.33
CA ASN C 470 18.36 -1.60 -23.19
C ASN C 470 18.22 -0.25 -22.50
N TRP C 471 18.03 -0.27 -21.18
CA TRP C 471 18.09 0.97 -20.43
C TRP C 471 19.51 1.49 -20.36
N ARG C 472 20.49 0.58 -20.30
CA ARG C 472 21.89 1.01 -20.27
C ARG C 472 22.29 1.65 -21.58
N SER C 473 21.63 1.27 -22.67
CA SER C 473 21.79 1.97 -23.93
C SER C 473 21.29 3.40 -23.86
N GLU C 474 20.36 3.69 -22.96
CA GLU C 474 19.74 5.00 -22.91
C GLU C 474 19.99 5.73 -21.62
N LEU C 475 20.33 5.03 -20.54
CA LEU C 475 20.71 5.67 -19.29
C LEU C 475 22.20 5.75 -19.16
N TYR C 476 22.91 5.91 -20.28
CA TYR C 476 24.34 5.77 -20.27
C TYR C 476 25.04 7.01 -19.74
N LYS C 477 24.29 8.05 -19.38
CA LYS C 477 24.99 9.21 -18.88
C LYS C 477 24.27 9.89 -17.72
N TYR C 478 23.54 9.15 -16.90
CA TYR C 478 22.76 9.84 -15.87
C TYR C 478 23.15 9.36 -14.48
N LYS C 479 22.89 10.20 -13.48
CA LYS C 479 23.24 9.83 -12.11
C LYS C 479 22.35 10.59 -11.12
N VAL C 480 21.84 9.86 -10.13
CA VAL C 480 20.96 10.39 -9.10
C VAL C 480 21.80 11.00 -7.99
N VAL C 481 21.54 12.26 -7.64
CA VAL C 481 22.32 12.96 -6.64
C VAL C 481 21.42 13.63 -5.62
N LYS C 482 21.60 13.25 -4.36
CA LYS C 482 20.99 13.94 -3.22
C LYS C 482 21.76 15.21 -2.94
N ILE C 483 21.05 16.23 -2.48
CA ILE C 483 21.67 17.46 -2.03
C ILE C 483 21.37 17.65 -0.55
N GLU C 484 22.41 17.88 0.24
CA GLU C 484 22.28 18.48 1.55
C GLU C 484 22.61 19.95 1.37
N PRO C 485 21.59 20.81 1.33
CA PRO C 485 21.84 22.24 1.13
C PRO C 485 22.52 22.91 2.30
N LEU C 486 22.62 22.25 3.44
CA LEU C 486 23.28 22.83 4.59
C LEU C 486 24.76 22.48 4.58
N GLY C 487 25.58 23.39 5.06
CA GLY C 487 27.01 23.17 5.11
C GLY C 487 27.68 24.18 6.02
N VAL C 488 28.88 23.83 6.50
CA VAL C 488 29.54 24.57 7.57
C VAL C 488 31.00 24.82 7.23
N ALA C 489 31.50 26.00 7.60
CA ALA C 489 32.86 26.45 7.36
C ALA C 489 33.12 27.70 8.19
N PRO C 490 34.38 27.97 8.56
CA PRO C 490 34.68 29.14 9.41
C PRO C 490 34.38 30.47 8.74
N THR C 491 34.36 31.52 9.56
CA THR C 491 33.67 32.76 9.20
C THR C 491 34.51 34.02 9.36
N LYS C 492 35.33 34.06 10.41
CA LYS C 492 36.13 35.21 10.86
C LYS C 492 35.29 36.41 11.25
N ALA C 493 34.06 36.19 11.72
CA ALA C 493 33.24 37.25 12.31
C ALA C 493 32.21 36.59 13.20
N LYS C 494 32.32 36.80 14.51
CA LYS C 494 31.50 36.05 15.44
C LYS C 494 30.07 36.58 15.47
N ARG C 495 29.25 35.93 16.29
CA ARG C 495 27.86 36.30 16.58
C ARG C 495 26.97 36.33 15.34
N LEU C 512 24.82 30.30 -12.48
CA LEU C 512 23.59 31.06 -12.55
C LEU C 512 22.45 30.09 -12.87
N GLY C 513 22.81 28.88 -13.25
CA GLY C 513 21.85 27.85 -13.60
C GLY C 513 21.25 27.15 -12.40
N PHE C 514 20.99 25.85 -12.57
CA PHE C 514 20.33 25.09 -11.50
C PHE C 514 21.32 24.68 -10.42
N LEU C 515 22.55 24.38 -10.80
CA LEU C 515 23.60 24.17 -9.81
C LEU C 515 24.46 25.40 -9.60
N GLY C 516 24.69 26.19 -10.63
CA GLY C 516 25.59 27.32 -10.48
C GLY C 516 27.02 26.85 -10.38
N ALA C 517 27.86 27.71 -9.79
CA ALA C 517 29.31 27.54 -9.83
C ALA C 517 29.74 26.38 -8.95
N ALA C 518 30.22 25.32 -9.59
CA ALA C 518 30.88 24.25 -8.86
C ALA C 518 32.32 24.59 -8.52
N GLY C 519 32.85 25.68 -9.06
CA GLY C 519 34.22 26.07 -8.78
C GLY C 519 34.38 27.34 -7.97
N SER C 520 33.54 28.33 -8.24
CA SER C 520 33.81 29.65 -7.70
C SER C 520 33.28 29.78 -6.28
N THR C 521 33.33 31.01 -5.76
CA THR C 521 32.74 31.31 -4.47
C THR C 521 31.27 31.65 -4.65
N MET C 522 30.56 31.69 -3.52
CA MET C 522 29.13 31.96 -3.54
C MET C 522 28.89 33.38 -3.10
N GLY C 523 28.90 34.30 -4.07
CA GLY C 523 28.42 35.63 -3.79
C GLY C 523 26.94 35.63 -3.42
N ALA C 524 26.12 35.11 -4.32
CA ALA C 524 24.69 35.02 -4.02
C ALA C 524 24.02 33.78 -4.60
N ALA C 525 24.76 32.84 -5.19
CA ALA C 525 24.15 31.73 -5.93
C ALA C 525 23.44 30.73 -5.03
N SER C 526 23.67 30.81 -3.71
CA SER C 526 22.91 30.01 -2.77
C SER C 526 21.43 30.35 -2.82
N MET C 527 21.11 31.64 -3.00
CA MET C 527 19.73 32.11 -3.03
C MET C 527 18.97 31.49 -4.18
N THR C 528 19.66 31.28 -5.31
CA THR C 528 19.04 30.60 -6.43
C THR C 528 18.73 29.17 -6.10
N LEU C 529 19.50 28.58 -5.19
CA LEU C 529 19.24 27.19 -4.80
C LEU C 529 18.06 27.09 -3.87
N THR C 530 17.57 28.22 -3.37
CA THR C 530 16.45 28.19 -2.42
C THR C 530 15.12 28.03 -3.13
N VAL C 531 14.95 28.75 -4.24
CA VAL C 531 13.73 28.63 -5.03
C VAL C 531 13.62 27.21 -5.59
N GLN C 532 14.77 26.60 -5.86
CA GLN C 532 14.84 25.15 -6.05
C GLN C 532 14.33 24.42 -4.81
N ALA C 533 14.87 24.79 -3.65
CA ALA C 533 14.56 24.06 -2.44
C ALA C 533 13.18 24.40 -1.86
N ARG C 534 12.49 25.42 -2.40
CA ARG C 534 11.17 25.75 -1.89
C ARG C 534 10.05 25.59 -2.92
N LEU C 535 10.37 25.22 -4.16
CA LEU C 535 9.34 24.82 -5.11
C LEU C 535 8.68 23.50 -4.71
N LEU C 536 9.35 22.74 -3.85
CA LEU C 536 9.09 21.37 -3.41
C LEU C 536 7.62 21.00 -3.27
N LEU C 537 6.85 21.83 -2.60
CA LEU C 537 5.44 21.58 -2.47
C LEU C 537 4.67 22.88 -2.68
N SER C 538 4.92 23.52 -3.82
CA SER C 538 4.22 24.75 -4.17
C SER C 538 2.74 24.49 -4.35
N GLY C 539 2.42 23.45 -5.12
CA GLY C 539 1.04 23.09 -5.32
C GLY C 539 0.39 23.78 -6.50
N ILE C 540 0.84 24.97 -6.84
CA ILE C 540 0.21 25.76 -7.88
C ILE C 540 1.28 26.10 -8.93
N VAL C 541 2.52 26.25 -8.48
CA VAL C 541 3.58 26.70 -9.38
C VAL C 541 3.99 25.53 -10.26
N GLN C 542 4.05 25.79 -11.57
CA GLN C 542 3.87 24.75 -12.57
C GLN C 542 5.11 23.92 -12.85
N GLN C 543 6.27 24.31 -12.32
CA GLN C 543 7.49 23.60 -12.69
C GLN C 543 7.64 22.29 -11.93
N GLN C 544 7.17 22.25 -10.68
CA GLN C 544 7.39 21.10 -9.81
C GLN C 544 6.68 19.86 -10.33
N ASN C 545 5.39 19.82 -10.17
CA ASN C 545 4.55 18.92 -10.96
C ASN C 545 3.24 19.62 -11.27
N ASN C 546 3.12 20.90 -10.89
CA ASN C 546 2.03 21.86 -11.05
C ASN C 546 0.84 21.56 -10.13
N LEU C 547 0.74 20.33 -9.62
CA LEU C 547 -0.24 19.83 -8.63
C LEU C 547 -1.65 20.37 -8.79
N LEU C 548 -2.10 20.55 -10.03
CA LEU C 548 -3.43 21.08 -10.30
C LEU C 548 -4.27 20.07 -11.05
N ARG C 549 -3.82 19.64 -12.22
CA ARG C 549 -4.29 18.41 -12.79
C ARG C 549 -3.54 17.22 -12.22
N ALA C 550 -2.35 17.48 -11.66
CA ALA C 550 -1.53 16.40 -11.15
C ALA C 550 -2.12 15.81 -9.88
N ILE C 551 -2.78 16.64 -9.07
CA ILE C 551 -3.54 16.10 -7.96
C ILE C 551 -4.77 15.36 -8.48
N GLU C 552 -5.51 15.99 -9.39
CA GLU C 552 -6.84 15.52 -9.76
C GLU C 552 -6.83 14.24 -10.58
N ALA C 553 -5.75 13.99 -11.32
CA ALA C 553 -5.63 12.78 -12.12
C ALA C 553 -5.47 11.53 -11.25
N GLN C 554 -4.84 11.69 -10.09
CA GLN C 554 -4.58 10.55 -9.21
C GLN C 554 -5.53 10.46 -8.02
N GLN C 555 -6.13 11.56 -7.59
CA GLN C 555 -6.83 11.53 -6.30
C GLN C 555 -8.11 10.72 -6.38
N ARG C 556 -8.73 10.63 -7.54
CA ARG C 556 -9.81 9.69 -7.76
C ARG C 556 -9.31 8.26 -7.95
N MET C 557 -8.12 8.09 -8.52
CA MET C 557 -7.66 6.77 -8.94
C MET C 557 -6.25 6.51 -8.40
N LEU C 558 -6.07 6.72 -7.09
CA LEU C 558 -4.88 6.21 -6.43
C LEU C 558 -5.05 4.75 -6.06
N GLN C 559 -6.24 4.22 -6.30
CA GLN C 559 -6.59 2.88 -5.89
C GLN C 559 -5.97 1.82 -6.79
N LEU C 560 -5.45 2.22 -7.95
CA LEU C 560 -4.79 1.27 -8.84
C LEU C 560 -3.51 0.72 -8.22
N THR C 561 -2.77 1.57 -7.50
CA THR C 561 -1.62 1.22 -6.69
C THR C 561 -0.53 0.49 -7.49
N VAL C 562 -0.13 1.09 -8.63
CA VAL C 562 1.06 0.57 -9.30
C VAL C 562 2.00 1.72 -9.62
N TRP C 563 1.47 2.92 -9.74
CA TRP C 563 2.31 3.99 -10.22
C TRP C 563 2.17 5.16 -9.27
N GLY C 564 0.97 5.30 -8.71
CA GLY C 564 0.78 6.32 -7.71
C GLY C 564 1.44 5.97 -6.41
N ILE C 565 1.65 4.67 -6.16
CA ILE C 565 2.38 4.25 -4.97
C ILE C 565 3.82 4.69 -5.04
N LYS C 566 4.35 4.87 -6.24
CA LYS C 566 5.55 5.65 -6.38
C LYS C 566 5.29 7.08 -5.96
N GLN C 567 4.20 7.65 -6.49
CA GLN C 567 4.00 9.10 -6.47
C GLN C 567 3.74 9.59 -5.07
N LEU C 568 2.96 8.85 -4.30
CA LEU C 568 2.76 9.22 -2.91
C LEU C 568 4.02 8.99 -2.11
N GLN C 569 4.78 7.95 -2.46
CA GLN C 569 6.06 7.75 -1.81
C GLN C 569 7.04 8.78 -2.33
N ALA C 570 6.83 9.28 -3.55
CA ALA C 570 7.58 10.44 -3.99
C ALA C 570 7.15 11.67 -3.22
N ARG C 571 5.85 11.80 -2.96
CA ARG C 571 5.35 12.90 -2.13
C ARG C 571 5.92 12.82 -0.73
N VAL C 572 5.77 11.67 -0.10
CA VAL C 572 6.01 11.61 1.33
C VAL C 572 7.50 11.59 1.61
N LEU C 573 8.31 11.25 0.61
CA LEU C 573 9.74 11.42 0.78
C LEU C 573 10.11 12.88 0.66
N ALA C 574 9.39 13.61 -0.18
CA ALA C 574 9.73 15.01 -0.43
C ALA C 574 9.46 15.86 0.79
N VAL C 575 8.40 15.52 1.52
CA VAL C 575 8.06 16.33 2.68
C VAL C 575 8.99 16.01 3.85
N GLU C 576 9.42 14.76 3.98
CA GLU C 576 10.26 14.43 5.13
C GLU C 576 11.69 14.87 4.88
N ARG C 577 12.08 15.03 3.63
CA ARG C 577 13.34 15.70 3.37
C ARG C 577 13.18 17.20 3.51
N TYR C 578 11.96 17.70 3.37
CA TYR C 578 11.76 19.10 3.70
C TYR C 578 11.91 19.34 5.19
N LEU C 579 11.08 18.65 5.99
CA LEU C 579 11.14 18.83 7.45
C LEU C 579 12.45 18.34 8.01
N GLY C 580 13.02 17.30 7.40
CA GLY C 580 14.30 16.80 7.84
C GLY C 580 15.40 17.81 7.67
N ASP C 581 15.24 18.69 6.69
CA ASP C 581 16.14 19.84 6.60
C ASP C 581 15.63 20.97 7.49
N GLN C 582 14.34 20.99 7.79
CA GLN C 582 13.83 22.05 8.64
C GLN C 582 14.17 21.82 10.10
N GLN C 583 14.21 20.55 10.52
CA GLN C 583 14.38 20.22 11.93
C GLN C 583 15.72 20.71 12.46
N LEU C 584 16.77 20.55 11.66
CA LEU C 584 18.07 21.11 12.05
C LEU C 584 18.03 22.62 12.03
N LEU C 585 17.31 23.20 11.07
CA LEU C 585 17.14 24.64 11.05
C LEU C 585 16.28 25.11 12.20
N GLY C 586 15.26 24.32 12.54
CA GLY C 586 14.41 24.69 13.65
C GLY C 586 15.11 24.62 14.98
N ILE C 587 15.97 23.62 15.15
CA ILE C 587 16.69 23.48 16.41
C ILE C 587 17.78 24.53 16.51
N TRP C 588 18.48 24.79 15.41
CA TRP C 588 19.51 25.80 15.43
C TRP C 588 18.97 27.22 15.46
N GLY C 589 17.67 27.38 15.28
CA GLY C 589 17.03 28.68 15.41
C GLY C 589 17.38 29.60 14.26
N CYS C 590 17.88 29.02 13.18
CA CYS C 590 18.26 29.83 12.03
C CYS C 590 17.03 30.36 11.32
N SER C 591 16.18 29.45 10.85
CA SER C 591 14.82 29.72 10.37
C SER C 591 14.80 30.75 9.24
N GLY C 592 15.36 30.35 8.11
CA GLY C 592 15.62 31.30 7.06
C GLY C 592 16.92 32.02 7.33
N LYS C 593 17.06 33.21 6.73
CA LYS C 593 18.13 34.21 6.87
C LYS C 593 19.43 33.74 6.19
N LEU C 594 19.49 32.47 5.77
CA LEU C 594 20.42 31.88 4.81
C LEU C 594 21.88 31.83 5.23
N ILE C 595 22.24 32.49 6.33
CA ILE C 595 23.62 32.44 6.78
C ILE C 595 23.67 31.98 8.23
N CYS C 596 22.90 32.62 9.12
CA CYS C 596 22.72 32.24 10.52
C CYS C 596 24.07 32.20 11.25
N THR C 597 24.62 33.40 11.43
CA THR C 597 25.88 33.54 12.13
C THR C 597 25.72 33.20 13.60
N THR C 598 26.73 32.54 14.16
CA THR C 598 26.76 32.28 15.59
C THR C 598 28.12 32.71 16.11
N ALA C 599 28.39 32.35 17.36
CA ALA C 599 29.68 32.65 18.01
C ALA C 599 30.17 31.40 18.72
N VAL C 600 30.91 30.56 18.01
CA VAL C 600 31.62 29.44 18.63
C VAL C 600 33.08 29.49 18.21
N PRO C 601 34.01 29.68 19.13
CA PRO C 601 35.42 29.46 18.78
C PRO C 601 35.66 27.97 18.63
N TRP C 602 36.02 27.58 17.41
CA TRP C 602 36.17 26.13 17.14
C TRP C 602 37.64 25.83 16.95
N ASN C 603 38.07 24.70 17.51
CA ASN C 603 39.49 24.23 17.44
C ASN C 603 39.93 23.95 16.01
N ALA C 604 41.24 24.08 15.74
CA ALA C 604 41.77 23.73 14.41
C ALA C 604 42.12 22.23 14.37
N SER C 605 41.63 21.47 15.35
CA SER C 605 41.88 20.00 15.41
C SER C 605 41.55 19.39 14.04
N TRP C 606 40.58 19.96 13.34
CA TRP C 606 40.23 19.47 11.98
C TRP C 606 41.13 20.13 10.93
N SER C 607 40.88 21.39 10.59
CA SER C 607 41.66 22.01 9.48
C SER C 607 42.47 23.23 9.94
N ASN C 608 43.74 23.32 9.54
CA ASN C 608 44.55 24.49 9.82
C ASN C 608 45.10 25.09 8.53
N LYS C 609 44.32 25.96 7.91
CA LYS C 609 44.82 26.72 6.77
C LYS C 609 44.50 28.19 6.96
N SER C 610 45.19 29.03 6.19
CA SER C 610 45.03 30.47 6.26
C SER C 610 43.69 30.88 5.68
N LEU C 611 43.38 32.17 5.84
CA LEU C 611 42.09 32.68 5.41
C LEU C 611 41.98 32.78 3.90
N ASP C 612 43.08 32.67 3.18
CA ASP C 612 43.02 32.84 1.74
C ASP C 612 42.45 31.61 1.05
N ARG C 613 43.18 30.50 1.14
CA ARG C 613 42.89 29.33 0.32
C ARG C 613 41.61 28.64 0.70
N ILE C 614 41.12 28.88 1.91
CA ILE C 614 39.88 28.28 2.38
C ILE C 614 38.71 29.04 1.80
N TRP C 615 38.97 30.19 1.19
CA TRP C 615 37.91 31.14 0.94
C TRP C 615 37.78 31.54 -0.52
N ASN C 616 38.85 31.46 -1.32
CA ASN C 616 38.67 31.70 -2.73
C ASN C 616 39.32 30.62 -3.59
N ASN C 617 40.39 30.01 -3.10
CA ASN C 617 41.17 29.12 -3.94
C ASN C 617 40.58 27.72 -4.03
N MET C 618 39.65 27.36 -3.14
CA MET C 618 39.12 26.00 -3.19
C MET C 618 37.61 26.08 -3.23
N THR C 619 36.99 24.93 -3.52
CA THR C 619 35.55 24.92 -3.71
C THR C 619 34.86 24.31 -2.51
N TRP C 620 33.57 24.07 -2.67
CA TRP C 620 32.73 23.60 -1.57
C TRP C 620 32.19 22.19 -1.80
N MET C 621 32.35 21.62 -2.98
CA MET C 621 31.98 20.22 -3.12
C MET C 621 33.07 19.36 -2.51
N GLU C 622 34.31 19.77 -2.69
CA GLU C 622 35.44 19.04 -2.15
C GLU C 622 35.58 19.25 -0.65
N TRP C 623 34.87 20.24 -0.11
CA TRP C 623 35.14 20.75 1.23
C TRP C 623 34.80 19.73 2.30
N GLU C 624 33.67 19.04 2.13
CA GLU C 624 33.29 18.06 3.13
C GLU C 624 34.11 16.80 2.99
N ARG C 625 34.60 16.53 1.79
CA ARG C 625 35.43 15.35 1.58
C ARG C 625 36.79 15.50 2.22
N GLU C 626 37.37 16.70 2.21
CA GLU C 626 38.76 16.86 2.55
C GLU C 626 39.03 16.85 4.05
N ILE C 627 38.20 17.49 4.87
CA ILE C 627 38.44 17.40 6.30
C ILE C 627 37.15 17.22 7.09
N ASP C 628 35.97 17.39 6.46
CA ASP C 628 34.74 17.06 7.23
C ASP C 628 34.70 15.54 7.39
N ASN C 629 35.15 15.08 8.54
CA ASN C 629 35.35 13.63 8.67
C ASN C 629 34.51 12.98 9.75
N TYR C 630 35.16 12.36 10.74
CA TYR C 630 34.47 11.75 11.91
C TYR C 630 33.90 12.88 12.75
N THR C 631 33.07 13.72 12.15
CA THR C 631 32.52 14.90 12.86
C THR C 631 31.26 14.50 13.61
N SER C 632 30.08 14.83 13.08
CA SER C 632 28.77 14.62 13.69
C SER C 632 28.67 15.34 15.01
N GLU C 633 29.78 15.50 15.71
CA GLU C 633 29.75 16.16 17.00
C GLU C 633 29.79 17.67 16.84
N ILE C 634 30.22 18.14 15.67
CA ILE C 634 30.22 19.57 15.37
C ILE C 634 28.79 20.10 15.40
N TYR C 635 27.85 19.28 14.93
CA TYR C 635 26.43 19.58 15.07
C TYR C 635 26.03 19.75 16.52
N THR C 636 26.56 18.88 17.39
CA THR C 636 26.15 18.92 18.78
C THR C 636 26.77 20.11 19.49
N LEU C 637 27.91 20.59 18.99
CA LEU C 637 28.56 21.74 19.61
C LEU C 637 27.76 23.00 19.38
N ILE C 638 27.25 23.18 18.17
CA ILE C 638 26.39 24.33 17.93
C ILE C 638 25.01 24.07 18.52
N GLU C 639 24.67 22.81 18.78
CA GLU C 639 23.39 22.50 19.40
C GLU C 639 23.34 22.98 20.84
N GLU C 640 24.35 22.63 21.64
CA GLU C 640 24.33 22.96 23.05
C GLU C 640 24.54 24.44 23.29
N SER C 641 25.18 25.12 22.35
CA SER C 641 25.57 26.50 22.54
C SER C 641 24.35 27.40 22.61
N GLN C 642 23.33 27.09 21.85
CA GLN C 642 22.18 27.96 21.76
C GLN C 642 21.27 27.79 22.97
N ASN C 643 21.19 26.57 23.51
CA ASN C 643 20.35 26.32 24.67
C ASN C 643 20.94 26.99 25.89
N GLN C 644 22.25 26.83 26.09
CA GLN C 644 22.93 27.46 27.21
C GLN C 644 23.02 28.96 27.03
N GLN C 645 22.85 29.44 25.79
CA GLN C 645 22.59 30.85 25.58
C GLN C 645 21.23 31.24 26.14
N GLU C 646 20.16 30.60 25.65
CA GLU C 646 18.83 31.15 25.85
C GLU C 646 18.33 30.96 27.28
N LYS C 647 18.72 29.87 27.93
CA LYS C 647 18.39 29.69 29.34
C LYS C 647 19.03 30.76 30.18
N ASN C 648 20.30 31.05 29.90
CA ASN C 648 20.94 32.21 30.51
C ASN C 648 20.28 33.49 30.05
N GLU C 649 19.81 33.55 28.81
CA GLU C 649 19.15 34.75 28.33
C GLU C 649 17.79 34.94 28.99
N GLN C 650 17.09 33.87 29.32
CA GLN C 650 15.68 34.03 29.70
C GLN C 650 15.45 33.92 31.21
N GLU C 651 15.93 32.86 31.84
CA GLU C 651 15.62 32.67 33.26
C GLU C 651 16.71 33.20 34.19
N LEU C 652 17.68 33.94 33.67
CA LEU C 652 18.60 34.69 34.52
C LEU C 652 18.75 36.14 34.07
N LEU C 653 18.58 36.38 32.77
CA LEU C 653 18.78 37.70 32.19
C LEU C 653 17.52 38.22 31.52
#